data_4HY7
# 
_entry.id   4HY7 
# 
_audit_conform.dict_name       mmcif_pdbx.dic 
_audit_conform.dict_version    5.382 
_audit_conform.dict_location   http://mmcif.pdb.org/dictionaries/ascii/mmcif_pdbx.dic 
# 
loop_
_database_2.database_id 
_database_2.database_code 
_database_2.pdbx_database_accession 
_database_2.pdbx_DOI 
PDB   4HY7         pdb_00004hy7 10.2210/pdb4hy7/pdb 
RCSB  RCSB076068   ?            ?                   
WWPDB D_1000076068 ?            ?                   
# 
_pdbx_database_related.db_name        PDB 
_pdbx_database_related.db_id          4E1Q 
_pdbx_database_related.details        . 
_pdbx_database_related.content_type   unspecified 
# 
_pdbx_database_status.status_code                     REL 
_pdbx_database_status.entry_id                        4HY7 
_pdbx_database_status.recvd_initial_deposition_date   2012-11-13 
_pdbx_database_status.deposit_site                    RCSB 
_pdbx_database_status.process_site                    PDBJ 
_pdbx_database_status.methods_development_category    ? 
_pdbx_database_status.status_code_sf                  REL 
_pdbx_database_status.status_code_mr                  ? 
_pdbx_database_status.SG_entry                        ? 
_pdbx_database_status.status_code_cs                  ? 
_pdbx_database_status.pdb_format_compatible           Y 
_pdbx_database_status.status_code_nmr_data            ? 
# 
loop_
_audit_author.name 
_audit_author.pdbx_ordinal 
'Sekhon, S.S.' 1 
'Jeong, D.G.'  2 
'Woo, E.J.'    3 
'Singh, P.'    4 
'Pareek, A.'   5 
'Yoon, T.-S.'  6 
# 
_citation.id                        primary 
_citation.title                     'Structural and biochemical characterization of the cytosolic wheat cyclophilin TaCypA-1.' 
_citation.journal_abbrev            'Acta Crystallogr.,Sect.D' 
_citation.journal_volume            69 
_citation.page_first                555 
_citation.page_last                 563 
_citation.year                      2013 
_citation.journal_id_ASTM           ABCRE6 
_citation.country                   DK 
_citation.journal_id_ISSN           0907-4449 
_citation.journal_id_CSD            0766 
_citation.book_publisher            ? 
_citation.pdbx_database_id_PubMed   23519664 
_citation.pdbx_database_id_DOI      10.1107/S0907444912051529 
# 
loop_
_citation_author.citation_id 
_citation_author.name 
_citation_author.ordinal 
_citation_author.identifier_ORCID 
primary 'Sekhon, S.S.' 1  ? 
primary 'Kaur, H.'     2  ? 
primary 'Dutta, T.'    3  ? 
primary 'Singh, K.'    4  ? 
primary 'Kumari, S.'   5  ? 
primary 'Kang, S.'     6  ? 
primary 'Park, S.G.'   7  ? 
primary 'Park, B.C.'   8  ? 
primary 'Jeong, D.G.'  9  ? 
primary 'Pareek, A.'   10 ? 
primary 'Woo, E.J.'    11 ? 
primary 'Singh, P.'    12 ? 
primary 'Yoon, T.S.'   13 ? 
# 
_cell.entry_id           4HY7 
_cell.length_a           37.914 
_cell.length_b           49.847 
_cell.length_c           78.976 
_cell.angle_alpha        90.00 
_cell.angle_beta         90.00 
_cell.angle_gamma        90.00 
_cell.Z_PDB              4 
_cell.pdbx_unique_axis   ? 
_cell.length_a_esd       ? 
_cell.length_b_esd       ? 
_cell.length_c_esd       ? 
_cell.angle_alpha_esd    ? 
_cell.angle_beta_esd     ? 
_cell.angle_gamma_esd    ? 
# 
_symmetry.entry_id                         4HY7 
_symmetry.space_group_name_H-M             'P 21 21 21' 
_symmetry.pdbx_full_space_group_name_H-M   ? 
_symmetry.cell_setting                     ? 
_symmetry.Int_Tables_number                19 
_symmetry.space_group_name_Hall            ? 
# 
loop_
_entity.id 
_entity.type 
_entity.src_method 
_entity.pdbx_description 
_entity.formula_weight 
_entity.pdbx_number_of_molecules 
_entity.pdbx_ec 
_entity.pdbx_mutation 
_entity.pdbx_fragment 
_entity.details 
1 polymer man 'Peptidyl-prolyl cis-trans isomerase' 18416.098 1   5.2.1.8 ? ? ? 
2 polymer nat 'Cyclosporin A'                       1220.625  1   ?       ? ? ? 
3 water   nat water                                 18.015    158 ?       ? ? ? 
# 
loop_
_entity_poly.entity_id 
_entity_poly.type 
_entity_poly.nstd_linkage 
_entity_poly.nstd_monomer 
_entity_poly.pdbx_seq_one_letter_code 
_entity_poly.pdbx_seq_one_letter_code_can 
_entity_poly.pdbx_strand_id 
_entity_poly.pdbx_target_identifier 
1 'polypeptide(L)' no no  
;MANPRVFFDMTVGGAPAGRIVMELYKDAVPRTVENFRALCTGEKGVGKSGKPLHYKGSAFHRVIPDFMCQGGDFTRGNGT
GGESIYGEKFADEKFVHKHTKPGILSMANAGPNTNGSQFFICTVPCNWLDGKHVVFGEVVEGMDVVKNIEKVGSRSGTCS
KQVVIADCGQL
;
;MANPRVFFDMTVGGAPAGRIVMELYKDAVPRTVENFRALCTGEKGVGKSGKPLHYKGSAFHRVIPDFMCQGGDFTRGNGT
GGESIYGEKFADEKFVHKHTKPGILSMANAGPNTNGSQFFICTVPCNWLDGKHVVFGEVVEGMDVVKNIEKVGSRSGTCS
KQVVIADCGQL
;
A ? 
2 'polypeptide(L)' no yes '(DAL)(MLE)(MLE)(MVA)(BMT)(ABA)(SAR)(MLE)V(MLE)A' ALLVTAGLVLA B ? 
# 
loop_
_entity_poly_seq.entity_id 
_entity_poly_seq.num 
_entity_poly_seq.mon_id 
_entity_poly_seq.hetero 
1 1   MET n 
1 2   ALA n 
1 3   ASN n 
1 4   PRO n 
1 5   ARG n 
1 6   VAL n 
1 7   PHE n 
1 8   PHE n 
1 9   ASP n 
1 10  MET n 
1 11  THR n 
1 12  VAL n 
1 13  GLY n 
1 14  GLY n 
1 15  ALA n 
1 16  PRO n 
1 17  ALA n 
1 18  GLY n 
1 19  ARG n 
1 20  ILE n 
1 21  VAL n 
1 22  MET n 
1 23  GLU n 
1 24  LEU n 
1 25  TYR n 
1 26  LYS n 
1 27  ASP n 
1 28  ALA n 
1 29  VAL n 
1 30  PRO n 
1 31  ARG n 
1 32  THR n 
1 33  VAL n 
1 34  GLU n 
1 35  ASN n 
1 36  PHE n 
1 37  ARG n 
1 38  ALA n 
1 39  LEU n 
1 40  CYS n 
1 41  THR n 
1 42  GLY n 
1 43  GLU n 
1 44  LYS n 
1 45  GLY n 
1 46  VAL n 
1 47  GLY n 
1 48  LYS n 
1 49  SER n 
1 50  GLY n 
1 51  LYS n 
1 52  PRO n 
1 53  LEU n 
1 54  HIS n 
1 55  TYR n 
1 56  LYS n 
1 57  GLY n 
1 58  SER n 
1 59  ALA n 
1 60  PHE n 
1 61  HIS n 
1 62  ARG n 
1 63  VAL n 
1 64  ILE n 
1 65  PRO n 
1 66  ASP n 
1 67  PHE n 
1 68  MET n 
1 69  CYS n 
1 70  GLN n 
1 71  GLY n 
1 72  GLY n 
1 73  ASP n 
1 74  PHE n 
1 75  THR n 
1 76  ARG n 
1 77  GLY n 
1 78  ASN n 
1 79  GLY n 
1 80  THR n 
1 81  GLY n 
1 82  GLY n 
1 83  GLU n 
1 84  SER n 
1 85  ILE n 
1 86  TYR n 
1 87  GLY n 
1 88  GLU n 
1 89  LYS n 
1 90  PHE n 
1 91  ALA n 
1 92  ASP n 
1 93  GLU n 
1 94  LYS n 
1 95  PHE n 
1 96  VAL n 
1 97  HIS n 
1 98  LYS n 
1 99  HIS n 
1 100 THR n 
1 101 LYS n 
1 102 PRO n 
1 103 GLY n 
1 104 ILE n 
1 105 LEU n 
1 106 SER n 
1 107 MET n 
1 108 ALA n 
1 109 ASN n 
1 110 ALA n 
1 111 GLY n 
1 112 PRO n 
1 113 ASN n 
1 114 THR n 
1 115 ASN n 
1 116 GLY n 
1 117 SER n 
1 118 GLN n 
1 119 PHE n 
1 120 PHE n 
1 121 ILE n 
1 122 CYS n 
1 123 THR n 
1 124 VAL n 
1 125 PRO n 
1 126 CYS n 
1 127 ASN n 
1 128 TRP n 
1 129 LEU n 
1 130 ASP n 
1 131 GLY n 
1 132 LYS n 
1 133 HIS n 
1 134 VAL n 
1 135 VAL n 
1 136 PHE n 
1 137 GLY n 
1 138 GLU n 
1 139 VAL n 
1 140 VAL n 
1 141 GLU n 
1 142 GLY n 
1 143 MET n 
1 144 ASP n 
1 145 VAL n 
1 146 VAL n 
1 147 LYS n 
1 148 ASN n 
1 149 ILE n 
1 150 GLU n 
1 151 LYS n 
1 152 VAL n 
1 153 GLY n 
1 154 SER n 
1 155 ARG n 
1 156 SER n 
1 157 GLY n 
1 158 THR n 
1 159 CYS n 
1 160 SER n 
1 161 LYS n 
1 162 GLN n 
1 163 VAL n 
1 164 VAL n 
1 165 ILE n 
1 166 ALA n 
1 167 ASP n 
1 168 CYS n 
1 169 GLY n 
1 170 GLN n 
1 171 LEU n 
2 1   DAL n 
2 2   MLE n 
2 3   MLE n 
2 4   MVA n 
2 5   BMT n 
2 6   ABA n 
2 7   SAR n 
2 8   MLE n 
2 9   VAL n 
2 10  MLE n 
2 11  ALA n 
# 
_entity_src_gen.entity_id                          1 
_entity_src_gen.pdbx_src_id                        1 
_entity_src_gen.pdbx_alt_source_flag               sample 
_entity_src_gen.pdbx_seq_type                      ? 
_entity_src_gen.pdbx_beg_seq_num                   ? 
_entity_src_gen.pdbx_end_seq_num                   ? 
_entity_src_gen.gene_src_common_name               wheat 
_entity_src_gen.gene_src_genus                     ? 
_entity_src_gen.pdbx_gene_src_gene                 'CyP3, CyP1' 
_entity_src_gen.gene_src_species                   ? 
_entity_src_gen.gene_src_strain                    ? 
_entity_src_gen.gene_src_tissue                    ? 
_entity_src_gen.gene_src_tissue_fraction           ? 
_entity_src_gen.gene_src_details                   ? 
_entity_src_gen.pdbx_gene_src_fragment             ? 
_entity_src_gen.pdbx_gene_src_scientific_name      'Triticum aestivum' 
_entity_src_gen.pdbx_gene_src_ncbi_taxonomy_id     4565 
_entity_src_gen.pdbx_gene_src_variant              ? 
_entity_src_gen.pdbx_gene_src_cell_line            ? 
_entity_src_gen.pdbx_gene_src_atcc                 ? 
_entity_src_gen.pdbx_gene_src_organ                ? 
_entity_src_gen.pdbx_gene_src_organelle            ? 
_entity_src_gen.pdbx_gene_src_cell                 ? 
_entity_src_gen.pdbx_gene_src_cellular_location    ? 
_entity_src_gen.host_org_common_name               ? 
_entity_src_gen.pdbx_host_org_scientific_name      'Escherichia coli' 
_entity_src_gen.pdbx_host_org_ncbi_taxonomy_id     562 
_entity_src_gen.host_org_genus                     ? 
_entity_src_gen.pdbx_host_org_gene                 ? 
_entity_src_gen.pdbx_host_org_organ                ? 
_entity_src_gen.host_org_species                   ? 
_entity_src_gen.pdbx_host_org_tissue               ? 
_entity_src_gen.pdbx_host_org_tissue_fraction      ? 
_entity_src_gen.pdbx_host_org_strain               ? 
_entity_src_gen.pdbx_host_org_variant              ? 
_entity_src_gen.pdbx_host_org_cell_line            ? 
_entity_src_gen.pdbx_host_org_atcc                 ? 
_entity_src_gen.pdbx_host_org_culture_collection   ? 
_entity_src_gen.pdbx_host_org_cell                 ? 
_entity_src_gen.pdbx_host_org_organelle            ? 
_entity_src_gen.pdbx_host_org_cellular_location    ? 
_entity_src_gen.pdbx_host_org_vector_type          ? 
_entity_src_gen.pdbx_host_org_vector               ? 
_entity_src_gen.host_org_details                   ? 
_entity_src_gen.expression_system_id               ? 
_entity_src_gen.plasmid_name                       ? 
_entity_src_gen.plasmid_details                    ? 
_entity_src_gen.pdbx_description                   ? 
# 
_entity_src_nat.entity_id                  2 
_entity_src_nat.pdbx_src_id                1 
_entity_src_nat.pdbx_alt_source_flag       sample 
_entity_src_nat.pdbx_beg_seq_num           ? 
_entity_src_nat.pdbx_end_seq_num           ? 
_entity_src_nat.common_name                ? 
_entity_src_nat.pdbx_organism_scientific   'Tolypocladium inflatum' 
_entity_src_nat.pdbx_ncbi_taxonomy_id      29910 
_entity_src_nat.genus                      ? 
_entity_src_nat.species                    ? 
_entity_src_nat.strain                     ? 
_entity_src_nat.tissue                     ? 
_entity_src_nat.tissue_fraction            ? 
_entity_src_nat.pdbx_secretion             ? 
_entity_src_nat.pdbx_fragment              ? 
_entity_src_nat.pdbx_variant               ? 
_entity_src_nat.pdbx_cell_line             ? 
_entity_src_nat.pdbx_atcc                  ? 
_entity_src_nat.pdbx_cellular_location     ? 
_entity_src_nat.pdbx_organ                 ? 
_entity_src_nat.pdbx_organelle             ? 
_entity_src_nat.pdbx_cell                  ? 
_entity_src_nat.pdbx_plasmid_name          ? 
_entity_src_nat.pdbx_plasmid_details       ? 
_entity_src_nat.details                    ? 
# 
loop_
_struct_ref.id 
_struct_ref.db_name 
_struct_ref.db_code 
_struct_ref.pdbx_db_accession 
_struct_ref.entity_id 
_struct_ref.pdbx_seq_one_letter_code 
_struct_ref.pdbx_align_begin 
_struct_ref.pdbx_db_isoform 
1 UNP Q93W25_WHEAT Q93W25   1 
;MANPRVFFDMTVGGAPAGRIVMELYKDAVPRTVENFRALCTGEKGVGKSGKPLHYKGSAFHRVIPDFMCQGGDFTRGNGT
GGESIYGEKFADEKFVHKHTKPGILSMANAGPNTNGSQFFICTVPCNWLDGKHVVFGEVVEGMDVVKNIEKVGSRSGTCS
KQVVIADCGQL
;
1 ? 
2 NOR NOR00033     NOR00033 2 ? ? ? 
# 
loop_
_struct_ref_seq.align_id 
_struct_ref_seq.ref_id 
_struct_ref_seq.pdbx_PDB_id_code 
_struct_ref_seq.pdbx_strand_id 
_struct_ref_seq.seq_align_beg 
_struct_ref_seq.pdbx_seq_align_beg_ins_code 
_struct_ref_seq.seq_align_end 
_struct_ref_seq.pdbx_seq_align_end_ins_code 
_struct_ref_seq.pdbx_db_accession 
_struct_ref_seq.db_align_beg 
_struct_ref_seq.pdbx_db_align_beg_ins_code 
_struct_ref_seq.db_align_end 
_struct_ref_seq.pdbx_db_align_end_ins_code 
_struct_ref_seq.pdbx_auth_seq_align_beg 
_struct_ref_seq.pdbx_auth_seq_align_end 
1 1 4HY7 A 1 ? 171 ? Q93W25   1 ? 171 ? 1 171 
2 2 4HY7 B 1 ? 11  ? NOR00033 1 ? 11  ? 1 11  
# 
loop_
_chem_comp.id 
_chem_comp.type 
_chem_comp.mon_nstd_flag 
_chem_comp.name 
_chem_comp.pdbx_synonyms 
_chem_comp.formula 
_chem_comp.formula_weight 
ABA 'L-peptide linking' n 'ALPHA-AMINOBUTYRIC ACID'                         ? 'C4 H9 N O2'     103.120 
ALA 'L-peptide linking' y ALANINE                                           ? 'C3 H7 N O2'     89.093  
ARG 'L-peptide linking' y ARGININE                                          ? 'C6 H15 N4 O2 1' 175.209 
ASN 'L-peptide linking' y ASPARAGINE                                        ? 'C4 H8 N2 O3'    132.118 
ASP 'L-peptide linking' y 'ASPARTIC ACID'                                   ? 'C4 H7 N O4'     133.103 
BMT 'L-peptide linking' n '4-METHYL-4-[(E)-2-BUTENYL]-4,N-METHYL-THREONINE' ? 'C10 H19 N O3'   201.263 
CYS 'L-peptide linking' y CYSTEINE                                          ? 'C3 H7 N O2 S'   121.158 
DAL 'D-peptide linking' . D-ALANINE                                         ? 'C3 H7 N O2'     89.093  
GLN 'L-peptide linking' y GLUTAMINE                                         ? 'C5 H10 N2 O3'   146.144 
GLU 'L-peptide linking' y 'GLUTAMIC ACID'                                   ? 'C5 H9 N O4'     147.129 
GLY 'peptide linking'   y GLYCINE                                           ? 'C2 H5 N O2'     75.067  
HIS 'L-peptide linking' y HISTIDINE                                         ? 'C6 H10 N3 O2 1' 156.162 
HOH non-polymer         . WATER                                             ? 'H2 O'           18.015  
ILE 'L-peptide linking' y ISOLEUCINE                                        ? 'C6 H13 N O2'    131.173 
LEU 'L-peptide linking' y LEUCINE                                           ? 'C6 H13 N O2'    131.173 
LYS 'L-peptide linking' y LYSINE                                            ? 'C6 H15 N2 O2 1' 147.195 
MET 'L-peptide linking' y METHIONINE                                        ? 'C5 H11 N O2 S'  149.211 
MLE 'L-peptide linking' n N-METHYLLEUCINE                                   ? 'C7 H15 N O2'    145.199 
MVA 'L-peptide linking' n N-METHYLVALINE                                    ? 'C6 H13 N O2'    131.173 
PHE 'L-peptide linking' y PHENYLALANINE                                     ? 'C9 H11 N O2'    165.189 
PRO 'L-peptide linking' y PROLINE                                           ? 'C5 H9 N O2'     115.130 
SAR 'peptide linking'   n SARCOSINE                                         ? 'C3 H7 N O2'     89.093  
SER 'L-peptide linking' y SERINE                                            ? 'C3 H7 N O3'     105.093 
THR 'L-peptide linking' y THREONINE                                         ? 'C4 H9 N O3'     119.119 
TRP 'L-peptide linking' y TRYPTOPHAN                                        ? 'C11 H12 N2 O2'  204.225 
TYR 'L-peptide linking' y TYROSINE                                          ? 'C9 H11 N O3'    181.189 
VAL 'L-peptide linking' y VALINE                                            ? 'C5 H11 N O2'    117.146 
# 
_exptl.entry_id          4HY7 
_exptl.method            'X-RAY DIFFRACTION' 
_exptl.crystals_number   1 
# 
_exptl_crystal.id                    1 
_exptl_crystal.density_meas          ? 
_exptl_crystal.density_Matthews      1.90 
_exptl_crystal.density_percent_sol   35.27 
_exptl_crystal.description           ? 
# 
_exptl_crystal_grow.crystal_id      1 
_exptl_crystal_grow.method          'VAPOR DIFFUSION, SITTING DROP' 
_exptl_crystal_grow.temp            291 
_exptl_crystal_grow.temp_details    ? 
_exptl_crystal_grow.pH              7.5 
_exptl_crystal_grow.pdbx_details    '20% PEG 8000, 0.1M HEPES pH 7.5, VAPOR DIFFUSION, SITTING DROP, temperature 291K' 
_exptl_crystal_grow.pdbx_pH_range   . 
# 
_diffrn.id                     1 
_diffrn.ambient_temp           197 
_diffrn.ambient_temp_details   ? 
_diffrn.crystal_id             1 
# 
_diffrn_detector.diffrn_id              1 
_diffrn_detector.detector               CCD 
_diffrn_detector.type                   'ADSC QUANTUM 270' 
_diffrn_detector.pdbx_collection_date   2012-10-31 
_diffrn_detector.details                ? 
# 
_diffrn_radiation.diffrn_id                        1 
_diffrn_radiation.wavelength_id                    1 
_diffrn_radiation.pdbx_monochromatic_or_laue_m_l   M 
_diffrn_radiation.monochromator                    ? 
_diffrn_radiation.pdbx_diffrn_protocol             'SINGLE WAVELENGTH' 
_diffrn_radiation.pdbx_scattering_type             x-ray 
# 
_diffrn_radiation_wavelength.id           1 
_diffrn_radiation_wavelength.wavelength   0.9733 
_diffrn_radiation_wavelength.wt           1.0 
# 
_diffrn_source.diffrn_id                   1 
_diffrn_source.source                      SYNCHROTRON 
_diffrn_source.type                        ? 
_diffrn_source.pdbx_synchrotron_site       ? 
_diffrn_source.pdbx_synchrotron_beamline   ? 
_diffrn_source.pdbx_wavelength             ? 
_diffrn_source.pdbx_wavelength_list        0.9733 
# 
_reflns.entry_id                     4HY7 
_reflns.observed_criterion_sigma_I   -3 
_reflns.observed_criterion_sigma_F   0 
_reflns.d_resolution_low             50 
_reflns.d_resolution_high            1.20 
_reflns.number_obs                   47120 
_reflns.number_all                   47120 
_reflns.percent_possible_obs         99.0 
_reflns.pdbx_Rmerge_I_obs            ? 
_reflns.pdbx_Rsym_value              ? 
_reflns.pdbx_netI_over_sigmaI        ? 
_reflns.B_iso_Wilson_estimate        ? 
_reflns.pdbx_redundancy              ? 
_reflns.R_free_details               ? 
_reflns.limit_h_max                  ? 
_reflns.limit_h_min                  ? 
_reflns.limit_k_max                  ? 
_reflns.limit_k_min                  ? 
_reflns.limit_l_max                  ? 
_reflns.limit_l_min                  ? 
_reflns.observed_criterion_F_max     ? 
_reflns.observed_criterion_F_min     ? 
_reflns.pdbx_chi_squared             ? 
_reflns.pdbx_scaling_rejects         ? 
_reflns.pdbx_ordinal                 1 
_reflns.pdbx_diffrn_id               1 
# 
loop_
_reflns_shell.d_res_low 
_reflns_shell.d_res_high 
_reflns_shell.percent_possible_all 
_reflns_shell.Rmerge_I_obs 
_reflns_shell.pdbx_Rsym_value 
_reflns_shell.meanI_over_sigI_obs 
_reflns_shell.pdbx_redundancy 
_reflns_shell.percent_possible_obs 
_reflns_shell.number_unique_all 
_reflns_shell.number_measured_all 
_reflns_shell.number_measured_obs 
_reflns_shell.number_unique_obs 
_reflns_shell.pdbx_chi_squared 
_reflns_shell.pdbx_rejects 
_reflns_shell.pdbx_netI_over_sigmaI_obs 
_reflns_shell.number_possible 
_reflns_shell.Rmerge_F_all 
_reflns_shell.Rmerge_F_obs 
_reflns_shell.Rmerge_I_all 
_reflns_shell.meanI_over_sigI_all 
_reflns_shell.pdbx_Rrim_I_all 
_reflns_shell.pdbx_Rpim_I_all 
_reflns_shell.pdbx_ordinal 
_reflns_shell.pdbx_diffrn_id 
1.22 1.20 99.1 ? ? ? ? ? ? ? ? ? ? ? ? ? ? ? ? ? ? ? 1 1 
1.24 1.22 99.4 ? ? ? ? ? ? ? ? ? ? ? ? ? ? ? ? ? ? ? 2 1 
1.27 1.24 99.4 ? ? ? ? ? ? ? ? ? ? ? ? ? ? ? ? ? ? ? 3 1 
# 
_refine.entry_id                                 4HY7 
_refine.ls_number_reflns_obs                     44680 
_refine.ls_number_reflns_all                     ? 
_refine.pdbx_ls_sigma_I                          ? 
_refine.pdbx_ls_sigma_F                          ? 
_refine.pdbx_data_cutoff_high_absF               ? 
_refine.pdbx_data_cutoff_low_absF                ? 
_refine.pdbx_data_cutoff_high_rms_absF           ? 
_refine.ls_d_res_low                             27.35 
_refine.ls_d_res_high                            1.20 
_refine.ls_percent_reflns_obs                    97.96 
_refine.ls_R_factor_obs                          0.18732 
_refine.ls_R_factor_all                          ? 
_refine.ls_R_factor_R_work                       0.18655 
_refine.ls_R_factor_R_free                       0.20439 
_refine.ls_R_factor_R_free_error                 ? 
_refine.ls_R_factor_R_free_error_details         ? 
_refine.ls_percent_reflns_R_free                 4.2 
_refine.ls_number_reflns_R_free                  1982 
_refine.ls_number_parameters                     ? 
_refine.ls_number_restraints                     ? 
_refine.occupancy_min                            ? 
_refine.occupancy_max                            ? 
_refine.correlation_coeff_Fo_to_Fc               0.952 
_refine.correlation_coeff_Fo_to_Fc_free          0.942 
_refine.B_iso_mean                               11.143 
_refine.aniso_B[1][1]                            -0.31 
_refine.aniso_B[2][2]                            -0.40 
_refine.aniso_B[3][3]                            0.71 
_refine.aniso_B[1][2]                            0.00 
_refine.aniso_B[1][3]                            -0.00 
_refine.aniso_B[2][3]                            0.00 
_refine.solvent_model_details                    MASK 
_refine.solvent_model_param_ksol                 ? 
_refine.solvent_model_param_bsol                 ? 
_refine.pdbx_solvent_vdw_probe_radii             1.20 
_refine.pdbx_solvent_ion_probe_radii             0.80 
_refine.pdbx_solvent_shrinkage_radii             0.80 
_refine.pdbx_ls_cross_valid_method               THROUGHOUT 
_refine.details                                  'HYDROGENS HAVE BEEN USED IF PRESENT IN THE INPUT' 
_refine.pdbx_starting_model                      4E1Q 
_refine.pdbx_method_to_determine_struct          'MOLECULAR REPLACEMENT' 
_refine.pdbx_isotropic_thermal_model             ? 
_refine.pdbx_stereochemistry_target_values       'MAXIMUM LIKELIHOOD' 
_refine.pdbx_stereochem_target_val_spec_case     ? 
_refine.pdbx_R_Free_selection_details            RANDOM 
_refine.pdbx_overall_ESU_R                       0.045 
_refine.pdbx_overall_ESU_R_Free                  0.046 
_refine.overall_SU_ML                            0.027 
_refine.pdbx_overall_phase_error                 ? 
_refine.overall_SU_B                             0.565 
_refine.overall_SU_R_Cruickshank_DPI             ? 
_refine.ls_redundancy_reflns_obs                 ? 
_refine.B_iso_min                                ? 
_refine.B_iso_max                                ? 
_refine.overall_SU_R_free                        ? 
_refine.ls_wR_factor_R_free                      ? 
_refine.ls_wR_factor_R_work                      ? 
_refine.overall_FOM_free_R_set                   ? 
_refine.overall_FOM_work_R_set                   ? 
_refine.pdbx_diffrn_id                           1 
_refine.pdbx_refine_id                           'X-RAY DIFFRACTION' 
_refine.pdbx_TLS_residual_ADP_flag               ? 
_refine.pdbx_overall_SU_R_free_Cruickshank_DPI   ? 
_refine.pdbx_overall_SU_R_Blow_DPI               ? 
_refine.pdbx_overall_SU_R_free_Blow_DPI          ? 
# 
_refine_hist.pdbx_refine_id                   'X-RAY DIFFRACTION' 
_refine_hist.cycle_id                         LAST 
_refine_hist.pdbx_number_atoms_protein        1365 
_refine_hist.pdbx_number_atoms_nucleic_acid   0 
_refine_hist.pdbx_number_atoms_ligand         0 
_refine_hist.number_atoms_solvent             158 
_refine_hist.number_atoms_total               1523 
_refine_hist.d_res_high                       1.20 
_refine_hist.d_res_low                        27.35 
# 
loop_
_refine_ls_restr.type 
_refine_ls_restr.dev_ideal 
_refine_ls_restr.dev_ideal_target 
_refine_ls_restr.weight 
_refine_ls_restr.number 
_refine_ls_restr.pdbx_restraint_function 
_refine_ls_restr.pdbx_refine_id 
r_bond_refined_d       0.027  0.019  ? 1382 ? 'X-RAY DIFFRACTION' 
r_angle_refined_deg    2.305  1.986  ? 1842 ? 'X-RAY DIFFRACTION' 
r_dihedral_angle_1_deg 6.835  5.000  ? 169  ? 'X-RAY DIFFRACTION' 
r_dihedral_angle_2_deg 34.476 23.929 ? 56   ? 'X-RAY DIFFRACTION' 
r_dihedral_angle_3_deg 11.965 15.000 ? 218  ? 'X-RAY DIFFRACTION' 
r_dihedral_angle_4_deg 20.836 15.000 ? 7    ? 'X-RAY DIFFRACTION' 
r_chiral_restr         0.368  0.200  ? 204  ? 'X-RAY DIFFRACTION' 
r_gen_planes_refined   0.015  0.021  ? 1008 ? 'X-RAY DIFFRACTION' 
# 
_refine_ls_shell.pdbx_refine_id                   'X-RAY DIFFRACTION' 
_refine_ls_shell.pdbx_total_number_of_bins_used   20 
_refine_ls_shell.d_res_high                       1.200 
_refine_ls_shell.d_res_low                        1.231 
_refine_ls_shell.number_reflns_R_work             2908 
_refine_ls_shell.R_factor_R_work                  0.230 
_refine_ls_shell.percent_reflns_obs               92.86 
_refine_ls_shell.R_factor_R_free                  0.237 
_refine_ls_shell.R_factor_R_free_error            ? 
_refine_ls_shell.percent_reflns_R_free            ? 
_refine_ls_shell.number_reflns_R_free             136 
_refine_ls_shell.number_reflns_all                ? 
_refine_ls_shell.R_factor_all                     ? 
_refine_ls_shell.number_reflns_obs                ? 
_refine_ls_shell.redundancy_reflns_obs            ? 
# 
_struct.entry_id                  4HY7 
_struct.title                     'Structural and biochemical characterization of a cytosolic wheat cyclophilin TaCypA-1' 
_struct.pdbx_model_details        ? 
_struct.pdbx_CASP_flag            ? 
_struct.pdbx_model_type_details   ? 
# 
_struct_keywords.entry_id        4HY7 
_struct_keywords.pdbx_keywords   ISOMERASE/INHIBITOR 
_struct_keywords.text            'ISOMERASE, ISOMERASE-INHIBITOR complex' 
# 
loop_
_struct_asym.id 
_struct_asym.pdbx_blank_PDB_chainid_flag 
_struct_asym.pdbx_modified 
_struct_asym.entity_id 
_struct_asym.details 
A N N 1 ? 
B N N 2 ? 
C N N 3 ? 
D N N 3 ? 
# 
_struct_biol.id        1 
_struct_biol.details   ? 
# 
loop_
_struct_conf.conf_type_id 
_struct_conf.id 
_struct_conf.pdbx_PDB_helix_id 
_struct_conf.beg_label_comp_id 
_struct_conf.beg_label_asym_id 
_struct_conf.beg_label_seq_id 
_struct_conf.pdbx_beg_PDB_ins_code 
_struct_conf.end_label_comp_id 
_struct_conf.end_label_asym_id 
_struct_conf.end_label_seq_id 
_struct_conf.pdbx_end_PDB_ins_code 
_struct_conf.beg_auth_comp_id 
_struct_conf.beg_auth_asym_id 
_struct_conf.beg_auth_seq_id 
_struct_conf.end_auth_comp_id 
_struct_conf.end_auth_asym_id 
_struct_conf.end_auth_seq_id 
_struct_conf.pdbx_PDB_helix_class 
_struct_conf.details 
_struct_conf.pdbx_PDB_helix_length 
HELX_P HELX_P1 1 VAL A 29  ? GLY A 42  ? VAL A 29  GLY A 42  1 ? 14 
HELX_P HELX_P2 2 CYS A 126 ? ASP A 130 ? CYS A 126 ASP A 130 5 ? 5  
HELX_P HELX_P3 3 GLY A 142 ? LYS A 151 ? GLY A 142 LYS A 151 1 ? 10 
# 
_struct_conf_type.id          HELX_P 
_struct_conf_type.criteria    ? 
_struct_conf_type.reference   ? 
# 
loop_
_struct_conn.id 
_struct_conn.conn_type_id 
_struct_conn.pdbx_leaving_atom_flag 
_struct_conn.pdbx_PDB_id 
_struct_conn.ptnr1_label_asym_id 
_struct_conn.ptnr1_label_comp_id 
_struct_conn.ptnr1_label_seq_id 
_struct_conn.ptnr1_label_atom_id 
_struct_conn.pdbx_ptnr1_label_alt_id 
_struct_conn.pdbx_ptnr1_PDB_ins_code 
_struct_conn.pdbx_ptnr1_standard_comp_id 
_struct_conn.ptnr1_symmetry 
_struct_conn.ptnr2_label_asym_id 
_struct_conn.ptnr2_label_comp_id 
_struct_conn.ptnr2_label_seq_id 
_struct_conn.ptnr2_label_atom_id 
_struct_conn.pdbx_ptnr2_label_alt_id 
_struct_conn.pdbx_ptnr2_PDB_ins_code 
_struct_conn.ptnr1_auth_asym_id 
_struct_conn.ptnr1_auth_comp_id 
_struct_conn.ptnr1_auth_seq_id 
_struct_conn.ptnr2_auth_asym_id 
_struct_conn.ptnr2_auth_comp_id 
_struct_conn.ptnr2_auth_seq_id 
_struct_conn.ptnr2_symmetry 
_struct_conn.pdbx_ptnr3_label_atom_id 
_struct_conn.pdbx_ptnr3_label_seq_id 
_struct_conn.pdbx_ptnr3_label_comp_id 
_struct_conn.pdbx_ptnr3_label_asym_id 
_struct_conn.pdbx_ptnr3_label_alt_id 
_struct_conn.pdbx_ptnr3_PDB_ins_code 
_struct_conn.details 
_struct_conn.pdbx_dist_value 
_struct_conn.pdbx_value_order 
_struct_conn.pdbx_role 
covale1  covale both ? B DAL 1  C ? ? ? 1_555 B MLE 2  N ? ? B DAL 1  B MLE 2  1_555 ? ? ? ? ? ? ? 1.373 sing ? 
covale2  covale both ? B DAL 1  N ? ? ? 1_555 B ALA 11 C ? ? B DAL 1  B ALA 11 1_555 ? ? ? ? ? ? ? 1.377 sing ? 
covale3  covale both ? B MLE 2  C ? ? ? 1_555 B MLE 3  N ? ? B MLE 2  B MLE 3  1_555 ? ? ? ? ? ? ? 1.382 sing ? 
covale4  covale both ? B MLE 3  C ? ? ? 1_555 B MVA 4  N ? ? B MLE 3  B MVA 4  1_555 ? ? ? ? ? ? ? 1.381 sing ? 
covale5  covale both ? B MVA 4  C ? ? ? 1_555 B BMT 5  N ? ? B MVA 4  B BMT 5  1_555 ? ? ? ? ? ? ? 1.452 sing ? 
covale6  covale both ? B BMT 5  C ? ? ? 1_555 B ABA 6  N ? ? B BMT 5  B ABA 6  1_555 ? ? ? ? ? ? ? 1.318 sing ? 
covale7  covale both ? B ABA 6  C ? ? ? 1_555 B SAR 7  N ? ? B ABA 6  B SAR 7  1_555 ? ? ? ? ? ? ? 1.369 sing ? 
covale8  covale both ? B SAR 7  C ? ? ? 1_555 B MLE 8  N ? ? B SAR 7  B MLE 8  1_555 ? ? ? ? ? ? ? 1.321 sing ? 
covale9  covale both ? B MLE 8  C ? ? ? 1_555 B VAL 9  N ? ? B MLE 8  B VAL 9  1_555 ? ? ? ? ? ? ? 1.366 sing ? 
covale10 covale both ? B VAL 9  C ? ? ? 1_555 B MLE 10 N ? ? B VAL 9  B MLE 10 1_555 ? ? ? ? ? ? ? 1.333 sing ? 
covale11 covale both ? B MLE 10 C ? ? ? 1_555 B ALA 11 N ? ? B MLE 10 B ALA 11 1_555 ? ? ? ? ? ? ? 1.394 sing ? 
# 
_struct_conn_type.id          covale 
_struct_conn_type.criteria    ? 
_struct_conn_type.reference   ? 
# 
_struct_sheet.id               A 
_struct_sheet.type             ? 
_struct_sheet.number_strands   8 
_struct_sheet.details          ? 
# 
loop_
_struct_sheet_order.sheet_id 
_struct_sheet_order.range_id_1 
_struct_sheet_order.range_id_2 
_struct_sheet_order.offset 
_struct_sheet_order.sense 
A 1 2 ? anti-parallel 
A 2 3 ? anti-parallel 
A 3 4 ? anti-parallel 
A 4 5 ? anti-parallel 
A 5 6 ? anti-parallel 
A 6 7 ? anti-parallel 
A 7 8 ? anti-parallel 
# 
loop_
_struct_sheet_range.sheet_id 
_struct_sheet_range.id 
_struct_sheet_range.beg_label_comp_id 
_struct_sheet_range.beg_label_asym_id 
_struct_sheet_range.beg_label_seq_id 
_struct_sheet_range.pdbx_beg_PDB_ins_code 
_struct_sheet_range.end_label_comp_id 
_struct_sheet_range.end_label_asym_id 
_struct_sheet_range.end_label_seq_id 
_struct_sheet_range.pdbx_end_PDB_ins_code 
_struct_sheet_range.beg_auth_comp_id 
_struct_sheet_range.beg_auth_asym_id 
_struct_sheet_range.beg_auth_seq_id 
_struct_sheet_range.end_auth_comp_id 
_struct_sheet_range.end_auth_asym_id 
_struct_sheet_range.end_auth_seq_id 
A 1 ARG A 62  ? ILE A 64  ? ARG A 62  ILE A 64  
A 2 MET A 68  ? GLY A 71  ? MET A 68  GLY A 71  
A 3 PHE A 119 ? CYS A 122 ? PHE A 119 CYS A 122 
A 4 ILE A 104 ? MET A 107 ? ILE A 104 MET A 107 
A 5 VAL A 135 ? GLU A 141 ? VAL A 135 GLU A 141 
A 6 ALA A 15  ? LEU A 24  ? ALA A 15  LEU A 24  
A 7 ARG A 5   ? VAL A 12  ? ARG A 5   VAL A 12  
A 8 VAL A 163 ? GLN A 170 ? VAL A 163 GLN A 170 
# 
loop_
_pdbx_struct_sheet_hbond.sheet_id 
_pdbx_struct_sheet_hbond.range_id_1 
_pdbx_struct_sheet_hbond.range_id_2 
_pdbx_struct_sheet_hbond.range_1_label_atom_id 
_pdbx_struct_sheet_hbond.range_1_label_comp_id 
_pdbx_struct_sheet_hbond.range_1_label_asym_id 
_pdbx_struct_sheet_hbond.range_1_label_seq_id 
_pdbx_struct_sheet_hbond.range_1_PDB_ins_code 
_pdbx_struct_sheet_hbond.range_1_auth_atom_id 
_pdbx_struct_sheet_hbond.range_1_auth_comp_id 
_pdbx_struct_sheet_hbond.range_1_auth_asym_id 
_pdbx_struct_sheet_hbond.range_1_auth_seq_id 
_pdbx_struct_sheet_hbond.range_2_label_atom_id 
_pdbx_struct_sheet_hbond.range_2_label_comp_id 
_pdbx_struct_sheet_hbond.range_2_label_asym_id 
_pdbx_struct_sheet_hbond.range_2_label_seq_id 
_pdbx_struct_sheet_hbond.range_2_PDB_ins_code 
_pdbx_struct_sheet_hbond.range_2_auth_atom_id 
_pdbx_struct_sheet_hbond.range_2_auth_comp_id 
_pdbx_struct_sheet_hbond.range_2_auth_asym_id 
_pdbx_struct_sheet_hbond.range_2_auth_seq_id 
A 1 2 N ARG A 62  ? N ARG A 62  O GLN A 70  ? O GLN A 70  
A 2 3 N CYS A 69  ? N CYS A 69  O ILE A 121 ? O ILE A 121 
A 3 4 O CYS A 122 ? O CYS A 122 N ILE A 104 ? N ILE A 104 
A 4 5 N LEU A 105 ? N LEU A 105 O GLY A 137 ? O GLY A 137 
A 5 6 O GLU A 141 ? O GLU A 141 N VAL A 21  ? N VAL A 21  
A 6 7 O ALA A 17  ? O ALA A 17  N MET A 10  ? N MET A 10  
A 7 8 N ASP A 9   ? N ASP A 9   O ASP A 167 ? O ASP A 167 
# 
_struct_site.id                   AC1 
_struct_site.pdbx_evidence_code   Software 
_struct_site.pdbx_auth_asym_id    ? 
_struct_site.pdbx_auth_comp_id    ? 
_struct_site.pdbx_auth_seq_id     ? 
_struct_site.pdbx_auth_ins_code   ? 
_struct_site.pdbx_num_residues    20 
_struct_site.details              'BINDING SITE FOR CHAIN B OF CYCLOSPORIN A' 
# 
loop_
_struct_site_gen.id 
_struct_site_gen.site_id 
_struct_site_gen.pdbx_num_res 
_struct_site_gen.label_comp_id 
_struct_site_gen.label_asym_id 
_struct_site_gen.label_seq_id 
_struct_site_gen.pdbx_auth_ins_code 
_struct_site_gen.auth_comp_id 
_struct_site_gen.auth_asym_id 
_struct_site_gen.auth_seq_id 
_struct_site_gen.label_atom_id 
_struct_site_gen.label_alt_id 
_struct_site_gen.symmetry 
_struct_site_gen.details 
1  AC1 20 ARG A 62  ? ARG A 62  . ? 1_555 ? 
2  AC1 20 PHE A 67  ? PHE A 67  . ? 1_555 ? 
3  AC1 20 GLN A 70  ? GLN A 70  . ? 1_555 ? 
4  AC1 20 GLY A 79  ? GLY A 79  . ? 1_555 ? 
5  AC1 20 ALA A 108 ? ALA A 108 . ? 1_555 ? 
6  AC1 20 ASN A 109 ? ASN A 109 . ? 1_555 ? 
7  AC1 20 ALA A 110 ? ALA A 110 . ? 1_555 ? 
8  AC1 20 GLN A 118 ? GLN A 118 . ? 1_555 ? 
9  AC1 20 PHE A 120 ? PHE A 120 . ? 1_555 ? 
10 AC1 20 TRP A 128 ? TRP A 128 . ? 1_555 ? 
11 AC1 20 HIS A 133 ? HIS A 133 . ? 1_555 ? 
12 AC1 20 HOH C .   ? HOH A 272 . ? 4_555 ? 
13 AC1 20 HOH C .   ? HOH A 293 . ? 4_555 ? 
14 AC1 20 HOH C .   ? HOH A 318 . ? 4_555 ? 
15 AC1 20 HOH C .   ? HOH A 325 . ? 4_555 ? 
16 AC1 20 HOH D .   ? HOH B 101 . ? 1_555 ? 
17 AC1 20 HOH D .   ? HOH B 102 . ? 1_555 ? 
18 AC1 20 HOH D .   ? HOH B 103 . ? 1_555 ? 
19 AC1 20 HOH D .   ? HOH B 104 . ? 1_555 ? 
20 AC1 20 HOH D .   ? HOH B 105 . ? 1_555 ? 
# 
_atom_sites.entry_id                    4HY7 
_atom_sites.fract_transf_matrix[1][1]   -0.00222809 
_atom_sites.fract_transf_matrix[1][2]   -0.02459651 
_atom_sites.fract_transf_matrix[1][3]   -0.00925678 
_atom_sites.fract_transf_matrix[2][1]   -0.01631460 
_atom_sites.fract_transf_matrix[2][2]   0.00537738 
_atom_sites.fract_transf_matrix[2][3]   -0.01036153 
_atom_sites.fract_transf_matrix[3][1]   0.00729015 
_atom_sites.fract_transf_matrix[3][2]   0.00306157 
_atom_sites.fract_transf_matrix[3][3]   -0.00988973 
_atom_sites.fract_transf_vector[1]      -0.184243 
_atom_sites.fract_transf_vector[2]      -0.019976 
_atom_sites.fract_transf_vector[3]      0.127376 
# 
loop_
_atom_type.symbol 
C 
N 
O 
S 
# 
loop_
_atom_site.group_PDB 
_atom_site.id 
_atom_site.type_symbol 
_atom_site.label_atom_id 
_atom_site.label_alt_id 
_atom_site.label_comp_id 
_atom_site.label_asym_id 
_atom_site.label_entity_id 
_atom_site.label_seq_id 
_atom_site.pdbx_PDB_ins_code 
_atom_site.Cartn_x 
_atom_site.Cartn_y 
_atom_site.Cartn_z 
_atom_site.occupancy 
_atom_site.B_iso_or_equiv 
_atom_site.pdbx_formal_charge 
_atom_site.auth_seq_id 
_atom_site.auth_comp_id 
_atom_site.auth_asym_id 
_atom_site.auth_atom_id 
_atom_site.pdbx_PDB_model_num 
ATOM   1    N N   . ALA A 1 2   ? 15.663  -2.227  15.340  1.00 16.86 ? 2   ALA A N   1 
ATOM   2    C CA  . ALA A 1 2   ? 15.088  -0.997  14.755  1.00 12.38 ? 2   ALA A CA  1 
ATOM   3    C C   . ALA A 1 2   ? 13.843  -1.357  13.909  1.00 12.57 ? 2   ALA A C   1 
ATOM   4    O O   . ALA A 1 2   ? 13.739  -2.493  13.309  1.00 14.03 ? 2   ALA A O   1 
ATOM   5    C CB  . ALA A 1 2   ? 16.106  -0.339  13.843  1.00 15.75 ? 2   ALA A CB  1 
ATOM   6    N N   . ASN A 1 3   ? 12.945  -0.376  13.814  1.00 10.24 ? 3   ASN A N   1 
ATOM   7    C CA  . ASN A 1 3   ? 11.928  -0.534  12.819  1.00 9.38  ? 3   ASN A CA  1 
ATOM   8    C C   . ASN A 1 3   ? 12.488  -0.284  11.415  1.00 8.91  ? 3   ASN A C   1 
ATOM   9    O O   . ASN A 1 3   ? 13.177  0.719   11.188  1.00 9.69  ? 3   ASN A O   1 
ATOM   10   C CB  . ASN A 1 3   ? 10.792  0.425   13.090  1.00 8.36  ? 3   ASN A CB  1 
ATOM   11   C CG  . ASN A 1 3   ? 9.834   -0.040  14.139  1.00 8.13  ? 3   ASN A CG  1 
ATOM   12   O OD1 . ASN A 1 3   ? 9.834   -1.232  14.516  1.00 8.47  ? 3   ASN A OD1 1 
ATOM   13   N ND2 . ASN A 1 3   ? 8.963   0.825   14.608  1.00 8.61  ? 3   ASN A ND2 1 
ATOM   14   N N   . PRO A 1 4   ? 12.262  -1.173  10.482  1.00 7.45  ? 4   PRO A N   1 
ATOM   15   C CA  . PRO A 1 4   ? 12.693  -0.945  9.094   1.00 7.79  ? 4   PRO A CA  1 
ATOM   16   C C   . PRO A 1 4   ? 12.177  0.329   8.524   1.00 6.61  ? 4   PRO A C   1 
ATOM   17   O O   . PRO A 1 4   ? 11.072  0.774   8.840   1.00 7.25  ? 4   PRO A O   1 
ATOM   18   C CB  . PRO A 1 4   ? 12.115  -2.152  8.379   1.00 9.87  ? 4   PRO A CB  1 
ATOM   19   C CG  . PRO A 1 4   ? 11.937  -3.175  9.414   1.00 9.78  ? 4   PRO A CG  1 
ATOM   20   C CD  . PRO A 1 4   ? 11.542  -2.454  10.653  1.00 9.38  ? 4   PRO A CD  1 
ATOM   21   N N   . ARG A 1 5   ? 12.993  0.898   7.638   1.00 7.61  ? 5   ARG A N   1 
ATOM   22   C CA  . ARG A 1 5   ? 12.552  1.981   6.777   1.00 7.70  ? 5   ARG A CA  1 
ATOM   23   C C   . ARG A 1 5   ? 12.689  1.478   5.308   1.00 6.89  ? 5   ARG A C   1 
ATOM   24   O O   . ARG A 1 5   ? 13.708  0.938   4.920   1.00 7.58  ? 5   ARG A O   1 
ATOM   25   C CB  . ARG A 1 5   ? 13.313  3.310   6.978   1.00 9.11  ? 5   ARG A CB  1 
ATOM   26   C CG  . ARG A 1 5   ? 12.790  4.062   8.141   1.00 13.52 ? 5   ARG A CG  1 
ATOM   27   C CD  . ARG A 1 5   ? 13.006  3.740   9.439   1.00 19.57 ? 5   ARG A CD  1 
ATOM   28   N NE  . ARG A 1 5   ? 12.722  4.981   10.231  1.00 19.63 ? 5   ARG A NE  1 
ATOM   29   C CZ  . ARG A 1 5   ? 12.683  4.826   11.547  1.00 18.67 ? 5   ARG A CZ  1 
ATOM   30   N NH1 . ARG A 1 5   ? 12.864  3.548   12.011  1.00 16.43 ? 5   ARG A NH1 1 
ATOM   31   N NH2 . ARG A 1 5   ? 12.473  5.831   12.402  1.00 21.25 ? 5   ARG A NH2 1 
ATOM   32   N N   . VAL A 1 6   ? 11.619  1.752   4.534   1.00 6.43  ? 6   VAL A N   1 
ATOM   33   C CA  . VAL A 1 6   ? 11.576  1.413   3.118   1.00 6.21  ? 6   VAL A CA  1 
ATOM   34   C C   . VAL A 1 6   ? 11.212  2.642   2.304   1.00 6.24  ? 6   VAL A C   1 
ATOM   35   O O   . VAL A 1 6   ? 10.692  3.602   2.872   1.00 6.89  ? 6   VAL A O   1 
ATOM   36   C CB  . VAL A 1 6   ? 10.647  0.201   2.843   1.00 6.25  ? 6   VAL A CB  1 
ATOM   37   C CG1 . VAL A 1 6   ? 11.181  -1.026  3.546   1.00 7.38  ? 6   VAL A CG1 1 
ATOM   38   C CG2 . VAL A 1 6   ? 9.233   0.495   3.292   1.00 6.92  ? 6   VAL A CG2 1 
ATOM   39   N N   . PHE A 1 7   ? 11.480  2.603   1.007   1.00 6.47  ? 7   PHE A N   1 
ATOM   40   C CA  . PHE A 1 7   ? 11.165  3.766   0.172   1.00 7.37  ? 7   PHE A CA  1 
ATOM   41   C C   . PHE A 1 7   ? 10.532  3.368   -1.159  1.00 6.40  ? 7   PHE A C   1 
ATOM   42   O O   . PHE A 1 7   ? 10.779  2.266   -1.651  1.00 6.80  ? 7   PHE A O   1 
ATOM   43   C CB  . PHE A 1 7   ? 12.454  4.578   -0.094  1.00 8.75  ? 7   PHE A CB  1 
ATOM   44   C CG  . PHE A 1 7   ? 13.450  3.856   -0.949  1.00 8.47  ? 7   PHE A CG  1 
ATOM   45   C CD1 . PHE A 1 7   ? 14.425  2.998   -0.391  1.00 10.08 ? 7   PHE A CD1 1 
ATOM   46   C CD2 . PHE A 1 7   ? 13.462  4.003   -2.329  1.00 9.53  ? 7   PHE A CD2 1 
ATOM   47   C CE1 . PHE A 1 7   ? 15.344  2.283   -1.219  1.00 11.52 ? 7   PHE A CE1 1 
ATOM   48   C CE2 . PHE A 1 7   ? 14.363  3.241   -3.096  1.00 11.79 ? 7   PHE A CE2 1 
ATOM   49   C CZ  . PHE A 1 7   ? 15.320  2.436   -2.550  1.00 12.95 ? 7   PHE A CZ  1 
ATOM   50   N N   . PHE A 1 8   ? 9.761   4.311   -1.681  1.00 6.03  ? 8   PHE A N   1 
ATOM   51   C CA  . PHE A 1 8   ? 9.320   4.292   -3.048  1.00 5.78  ? 8   PHE A CA  1 
ATOM   52   C C   . PHE A 1 8   ? 9.809   5.540   -3.738  1.00 6.10  ? 8   PHE A C   1 
ATOM   53   O O   . PHE A 1 8   ? 9.534   6.646   -3.261  1.00 7.51  ? 8   PHE A O   1 
ATOM   54   C CB  . PHE A 1 8   ? 7.805   4.331   -3.133  1.00 6.65  ? 8   PHE A CB  1 
ATOM   55   C CG  . PHE A 1 8   ? 7.018   3.197   -2.509  1.00 5.76  ? 8   PHE A CG  1 
ATOM   56   C CD1 . PHE A 1 8   ? 7.552   1.947   -2.323  1.00 6.08  ? 8   PHE A CD1 1 
ATOM   57   C CD2 . PHE A 1 8   ? 5.708   3.399   -2.133  1.00 6.11  ? 8   PHE A CD2 1 
ATOM   58   C CE1 . PHE A 1 8   ? 6.744   0.894   -1.807  1.00 7.25  ? 8   PHE A CE1 1 
ATOM   59   C CE2 . PHE A 1 8   ? 4.919   2.379   -1.631  1.00 7.95  ? 8   PHE A CE2 1 
ATOM   60   C CZ  . PHE A 1 8   ? 5.450   1.151   -1.470  1.00 7.03  ? 8   PHE A CZ  1 
ATOM   61   N N   . ASP A 1 9   ? 10.461  5.394   -4.906  1.00 6.53  ? 9   ASP A N   1 
ATOM   62   C CA  . ASP A 1 9   ? 10.724  6.573   -5.835  1.00 6.78  ? 9   ASP A CA  1 
ATOM   63   C C   . ASP A 1 9   ? 9.599   6.604   -6.830  1.00 6.77  ? 9   ASP A C   1 
ATOM   64   O O   . ASP A 1 9   ? 9.466   5.582   -7.597  1.00 7.33  ? 9   ASP A O   1 
ATOM   65   C CB  . ASP A 1 9   ? 12.102  6.379   -6.485  1.00 8.91  ? 9   ASP A CB  1 
ATOM   66   C CG  . ASP A 1 9   ? 13.229  6.558   -5.480  1.00 9.42  ? 9   ASP A CG  1 
ATOM   67   O OD1 . ASP A 1 9   ? 13.120  7.564   -4.687  1.00 11.02 ? 9   ASP A OD1 1 
ATOM   68   O OD2 . ASP A 1 9   ? 14.135  5.707   -5.413  1.00 11.79 ? 9   ASP A OD2 1 
ATOM   69   N N   . MET A 1 10  ? 8.822   7.643   -6.825  1.00 6.46  ? 10  MET A N   1 
ATOM   70   C CA  . MET A 1 10  ? 7.558   7.636   -7.555  1.00 7.01  ? 10  MET A CA  1 
ATOM   71   C C   . MET A 1 10  ? 7.678   8.435   -8.854  1.00 7.09  ? 10  MET A C   1 
ATOM   72   O O   . MET A 1 10  ? 8.450   9.434   -8.964  1.00 7.65  ? 10  MET A O   1 
ATOM   73   C CB  . MET A 1 10  ? 6.512   8.404   -6.709  1.00 6.78  ? 10  MET A CB  1 
ATOM   74   C CG  . MET A 1 10  ? 6.198   7.672   -5.407  1.00 6.67  ? 10  MET A CG  1 
ATOM   75   S SD  . MET A 1 10  ? 5.726   5.969   -5.538  1.00 6.88  ? 10  MET A SD  1 
ATOM   76   C CE  . MET A 1 10  ? 4.265   6.086   -6.629  1.00 6.87  ? 10  MET A CE  1 
ATOM   77   N N   . THR A 1 11  ? 6.914   8.076   -9.853  1.00 7.20  ? 11  THR A N   1 
ATOM   78   C CA  . THR A 1 11  ? 6.714   8.930   -11.034 1.00 7.40  ? 11  THR A CA  1 
ATOM   79   C C   . THR A 1 11  ? 5.246   9.120   -11.256 1.00 6.77  ? 11  THR A C   1 
ATOM   80   O O   . THR A 1 11  ? 4.388   8.241   -10.833 1.00 8.25  ? 11  THR A O   1 
ATOM   81   C CB  . THR A 1 11  ? 7.333   8.299   -12.328 1.00 7.76  ? 11  THR A CB  1 
ATOM   82   O OG1 . THR A 1 11  ? 6.739   6.990   -12.593 1.00 8.34  ? 11  THR A OG1 1 
ATOM   83   C CG2 . THR A 1 11  ? 8.826   8.172   -12.222 1.00 9.60  ? 11  THR A CG2 1 
ATOM   84   N N   . VAL A 1 12  ? 4.856   10.234  -11.864 1.00 7.69  ? 12  VAL A N   1 
ATOM   85   C CA  . VAL A 1 12  ? 3.443   10.543  -12.192 1.00 9.23  ? 12  VAL A CA  1 
ATOM   86   C C   . VAL A 1 12  ? 3.446   10.877  -13.662 1.00 8.64  ? 12  VAL A C   1 
ATOM   87   O O   . VAL A 1 12  ? 4.244   11.845  -14.104 1.00 9.83  ? 12  VAL A O   1 
ATOM   88   C CB  . VAL A 1 12  ? 2.898   11.705  -11.349 1.00 9.53  ? 12  VAL A CB  1 
ATOM   89   C CG1 . VAL A 1 12  ? 1.506   12.093  -11.853 1.00 11.89 ? 12  VAL A CG1 1 
ATOM   90   C CG2 . VAL A 1 12  ? 2.919   11.327  -9.874  1.00 11.11 ? 12  VAL A CG2 1 
ATOM   91   N N   . GLY A 1 13  ? 2.801   10.101  -14.507 1.00 8.57  ? 13  GLY A N   1 
ATOM   92   C CA  . GLY A 1 13  ? 2.907   10.319  -15.980 1.00 9.73  ? 13  GLY A CA  1 
ATOM   93   C C   . GLY A 1 13  ? 4.290   10.154  -16.446 1.00 9.38  ? 13  GLY A C   1 
ATOM   94   O O   . GLY A 1 13  ? 4.654   10.736  -17.513 1.00 11.54 ? 13  GLY A O   1 
ATOM   95   N N   . GLY A 1 14  ? 5.146   9.367   -15.826 1.00 9.68  ? 14  GLY A N   1 
ATOM   96   C CA  . GLY A 1 14  ? 6.512   9.133   -16.206 1.00 9.73  ? 14  GLY A CA  1 
ATOM   97   C C   . GLY A 1 14  ? 7.495   10.166  -15.612 1.00 7.90  ? 14  GLY A C   1 
ATOM   98   O O   . GLY A 1 14  ? 8.634   9.923   -15.678 1.00 10.08 ? 14  GLY A O   1 
ATOM   99   N N   . ALA A 1 15  ? 6.955   11.242  -15.010 1.00 8.53  ? 15  ALA A N   1 
ATOM   100  C CA  . ALA A 1 15  ? 7.853   12.293  -14.495 1.00 8.72  ? 15  ALA A CA  1 
ATOM   101  C C   . ALA A 1 15  ? 8.157   12.020  -13.042 1.00 9.32  ? 15  ALA A C   1 
ATOM   102  O O   . ALA A 1 15  ? 7.265   11.746  -12.249 1.00 8.40  ? 15  ALA A O   1 
ATOM   103  C CB  . ALA A 1 15  ? 7.226   13.631  -14.627 1.00 10.93 ? 15  ALA A CB  1 
ATOM   104  N N   . PRO A 1 16  ? 9.445   12.079  -12.671 1.00 9.99  ? 16  PRO A N   1 
ATOM   105  C CA  . PRO A 1 16  ? 9.784   11.932  -11.206 1.00 10.23 ? 16  PRO A CA  1 
ATOM   106  C C   . PRO A 1 16  ? 8.982   12.852  -10.314 1.00 10.46 ? 16  PRO A C   1 
ATOM   107  O O   . PRO A 1 16  ? 8.869   14.052  -10.562 1.00 13.59 ? 16  PRO A O   1 
ATOM   108  C CB  . PRO A 1 16  ? 11.319  12.142  -11.209 1.00 12.70 ? 16  PRO A CB  1 
ATOM   109  C CG  . PRO A 1 16  ? 11.764  11.574  -12.533 1.00 12.87 ? 16  PRO A CG  1 
ATOM   110  C CD  . PRO A 1 16  ? 10.710  12.141  -13.463 1.00 11.96 ? 16  PRO A CD  1 
ATOM   111  N N   . ALA A 1 17  ? 8.484   12.249  -9.203  1.00 9.21  ? 17  ALA A N   1 
ATOM   112  C CA  . ALA A 1 17  ? 7.653   12.912  -8.243  1.00 9.34  ? 17  ALA A CA  1 
ATOM   113  C C   . ALA A 1 17  ? 8.262   12.943  -6.833  1.00 9.80  ? 17  ALA A C   1 
ATOM   114  O O   . ALA A 1 17  ? 7.658   13.560  -5.959  1.00 13.42 ? 17  ALA A O   1 
ATOM   115  C CB  . ALA A 1 17  ? 6.242   12.280  -8.181  1.00 12.57 ? 17  ALA A CB  1 
ATOM   116  N N   . GLY A 1 18  ? 9.366   12.331  -6.651  1.00 8.03  ? 18  GLY A N   1 
ATOM   117  C CA  . GLY A 1 18  ? 9.959   12.304  -5.322  1.00 10.05 ? 18  GLY A CA  1 
ATOM   118  C C   . GLY A 1 18  ? 9.858   10.972  -4.606  1.00 8.42  ? 18  GLY A C   1 
ATOM   119  O O   . GLY A 1 18  ? 9.330   9.971   -5.163  1.00 9.27  ? 18  GLY A O   1 
ATOM   120  N N   . ARG A 1 19  ? 10.453  10.914  -3.430  1.00 8.58  ? 19  ARG A N   1 
ATOM   121  C CA  . ARG A 1 19  ? 10.586  9.701   -2.634  1.00 8.00  ? 19  ARG A CA  1 
ATOM   122  C C   . ARG A 1 19  ? 9.674   9.716   -1.456  1.00 7.80  ? 19  ARG A C   1 
ATOM   123  O O   . ARG A 1 19  ? 9.632   10.657  -0.655  1.00 8.94  ? 19  ARG A O   1 
ATOM   124  C CB  . ARG A 1 19  ? 12.014  9.541   -2.171  1.00 8.91  ? 19  ARG A CB  1 
ATOM   125  C CG  . ARG A 1 19  ? 12.231  8.315   -1.311  1.00 9.46  ? 19  ARG A CG  1 
ATOM   126  C CD  . ARG A 1 19  ? 13.694  8.029   -1.013  1.00 11.00 ? 19  ARG A CD  1 
ATOM   127  N NE  . ARG A 1 19  ? 14.346  7.456   -2.162  1.00 10.44 ? 19  ARG A NE  1 
ATOM   128  C CZ  . ARG A 1 19  ? 15.489  6.762   -2.108  1.00 12.47 ? 19  ARG A CZ  1 
ATOM   129  N NH1 . ARG A 1 19  ? 16.157  6.620   -0.940  1.00 13.02 ? 19  ARG A NH1 1 
ATOM   130  N NH2 . ARG A 1 19  ? 15.996  6.192   -3.146  1.00 12.29 ? 19  ARG A NH2 1 
ATOM   131  N N   . ILE A 1 20  ? 8.940   8.597   -1.242  1.00 7.04  ? 20  ILE A N   1 
ATOM   132  C CA  . ILE A 1 20  ? 8.169   8.354   -0.018  1.00 7.67  ? 20  ILE A CA  1 
ATOM   133  C C   . ILE A 1 20  ? 9.044   7.407   0.831   1.00 7.22  ? 20  ILE A C   1 
ATOM   134  O O   . ILE A 1 20  ? 9.437   6.345   0.365   1.00 7.18  ? 20  ILE A O   1 
ATOM   135  C CB  . ILE A 1 20  ? 6.815   7.670   -0.354  1.00 7.34  ? 20  ILE A CB  1 
ATOM   136  C CG1 . ILE A 1 20  ? 6.005   8.546   -1.314  1.00 7.61  ? 20  ILE A CG1 1 
ATOM   137  C CG2 . ILE A 1 20  ? 6.052   7.361   0.969   1.00 8.31  ? 20  ILE A CG2 1 
ATOM   138  C CD1 . ILE A 1 20  ? 4.774   7.860   -1.878  1.00 8.41  ? 20  ILE A CD1 1 
ATOM   139  N N   . VAL A 1 21  ? 9.281   7.799   2.086   1.00 6.77  ? 21  VAL A N   1 
ATOM   140  C CA  . VAL A 1 21  ? 9.955   6.880   3.047   1.00 7.20  ? 21  VAL A CA  1 
ATOM   141  C C   . VAL A 1 21  ? 8.951   6.502   4.102   1.00 6.12  ? 21  VAL A C   1 
ATOM   142  O O   . VAL A 1 21  ? 8.248   7.359   4.687   1.00 7.04  ? 21  VAL A O   1 
ATOM   143  C CB  . VAL A 1 21  ? 11.153  7.585   3.698   1.00 7.88  ? 21  VAL A CB  1 
ATOM   144  C CG1 . VAL A 1 21  ? 11.826  6.662   4.726   1.00 9.14  ? 21  VAL A CG1 1 
ATOM   145  C CG2 . VAL A 1 21  ? 12.134  8.075   2.620   1.00 9.16  ? 21  VAL A CG2 1 
ATOM   146  N N   . MET A 1 22  ? 8.846   5.180   4.411   1.00 7.05  ? 22  MET A N   1 
ATOM   147  C CA  . MET A 1 22  ? 7.910   4.627   5.359   1.00 6.67  ? 22  MET A CA  1 
ATOM   148  C C   . MET A 1 22  ? 8.658   3.886   6.458   1.00 6.69  ? 22  MET A C   1 
ATOM   149  O O   . MET A 1 22  ? 9.556   3.112   6.180   1.00 7.40  ? 22  MET A O   1 
ATOM   150  C CB  . MET A 1 22  ? 6.975   3.624   4.684   1.00 7.06  ? 22  MET A CB  1 
ATOM   151  C CG  . MET A 1 22  ? 6.042   4.301   3.664   1.00 7.02  ? 22  MET A CG  1 
ATOM   152  S SD  . MET A 1 22  ? 5.622   3.337   2.210   1.00 7.49  ? 22  MET A SD  1 
ATOM   153  C CE  . MET A 1 22  ? 7.176   3.448   1.267   1.00 7.41  ? 22  MET A CE  1 
ATOM   154  N N   . GLU A 1 23  ? 8.292   4.199   7.716   1.00 6.25  ? 23  GLU A N   1 
ATOM   155  C CA  . GLU A 1 23  ? 8.729   3.413   8.839   1.00 6.08  ? 23  GLU A CA  1 
ATOM   156  C C   . GLU A 1 23  ? 7.730   2.247   9.057   1.00 6.68  ? 23  GLU A C   1 
ATOM   157  O O   . GLU A 1 23  ? 6.532   2.533   9.086   1.00 7.04  ? 23  GLU A O   1 
ATOM   158  C CB  . GLU A 1 23  ? 8.786   4.271   10.117  1.00 7.32  ? 23  GLU A CB  1 
ATOM   159  C CG  . GLU A 1 23  ? 9.207   3.445   11.342  1.00 8.89  ? 23  GLU A CG  1 
ATOM   160  C CD  . GLU A 1 23  ? 9.067   4.218   12.644  1.00 10.88 ? 23  GLU A CD  1 
ATOM   161  O OE1 . GLU A 1 23  ? 8.531   5.402   12.644  1.00 17.79 ? 23  GLU A OE1 1 
ATOM   162  O OE2 . GLU A 1 23  ? 9.294   3.590   13.725  1.00 10.37 ? 23  GLU A OE2 1 
ATOM   163  N N   . LEU A 1 24  ? 8.230   1.050   9.239   1.00 5.82  ? 24  LEU A N   1 
ATOM   164  C CA  . LEU A 1 24  ? 7.382   -0.134  9.388   1.00 5.79  ? 24  LEU A CA  1 
ATOM   165  C C   . LEU A 1 24  ? 7.409   -0.572  10.838  1.00 6.04  ? 24  LEU A C   1 
ATOM   166  O O   . LEU A 1 24  ? 8.504   -0.760  11.417  1.00 6.74  ? 24  LEU A O   1 
ATOM   167  C CB  . LEU A 1 24  ? 7.844   -1.238  8.463   1.00 6.55  ? 24  LEU A CB  1 
ATOM   168  C CG  . LEU A 1 24  ? 7.999   -0.836  6.985   1.00 5.79  ? 24  LEU A CG  1 
ATOM   169  C CD1 . LEU A 1 24  ? 8.414   -2.114  6.166   1.00 7.15  ? 24  LEU A CD1 1 
ATOM   170  C CD2 . LEU A 1 24  ? 6.707   -0.204  6.393   1.00 6.83  ? 24  LEU A CD2 1 
ATOM   171  N N   . TYR A 1 25  ? 6.224   -0.825  11.422  1.00 6.08  ? 25  TYR A N   1 
ATOM   172  C CA  . TYR A 1 25  ? 6.117   -1.160  12.886  1.00 5.89  ? 25  TYR A CA  1 
ATOM   173  C C   . TYR A 1 25  ? 6.424   -2.598  13.193  1.00 6.41  ? 25  TYR A C   1 
ATOM   174  O O   . TYR A 1 25  ? 5.567   -3.385  13.593  1.00 6.29  ? 25  TYR A O   1 
ATOM   175  C CB  . TYR A 1 25  ? 4.728   -0.801  13.344  1.00 6.68  ? 25  TYR A CB  1 
ATOM   176  C CG  . TYR A 1 25  ? 4.253   0.607   13.125  1.00 7.15  ? 25  TYR A CG  1 
ATOM   177  C CD1 . TYR A 1 25  ? 5.082   1.735   13.245  1.00 8.34  ? 25  TYR A CD1 1 
ATOM   178  C CD2 . TYR A 1 25  ? 2.881   0.838   12.963  1.00 7.36  ? 25  TYR A CD2 1 
ATOM   179  C CE1 . TYR A 1 25  ? 4.589   3.028   13.095  1.00 7.78  ? 25  TYR A CE1 1 
ATOM   180  C CE2 . TYR A 1 25  ? 2.357   2.158   12.842  1.00 8.27  ? 25  TYR A CE2 1 
ATOM   181  C CZ  . TYR A 1 25  ? 3.235   3.195   12.900  1.00 8.38  ? 25  TYR A CZ  1 
ATOM   182  O OH  . TYR A 1 25  ? 2.691   4.472   12.793  1.00 9.63  ? 25  TYR A OH  1 
ATOM   183  N N   . LYS A 1 26  ? 7.697   -2.987  12.944  1.00 6.70  ? 26  LYS A N   1 
ATOM   184  C CA  . LYS A 1 26  ? 8.145   -4.358  13.235  1.00 7.02  ? 26  LYS A CA  1 
ATOM   185  C C   . LYS A 1 26  ? 7.947   -4.675  14.700  1.00 6.49  ? 26  LYS A C   1 
ATOM   186  O O   . LYS A 1 26  ? 7.648   -5.878  15.015  1.00 7.43  ? 26  LYS A O   1 
ATOM   187  C CB  . LYS A 1 26  ? 9.606   -4.475  12.871  1.00 6.74  ? 26  LYS A CB  1 
ATOM   188  C CG  . LYS A 1 26  ? 10.283  -5.801  13.204  1.00 8.06  ? 26  LYS A CG  1 
ATOM   189  C CD  . LYS A 1 26  ? 11.656  -5.868  12.639  1.00 8.32  ? 26  LYS A CD  1 
ATOM   190  C CE  . LYS A 1 26  ? 12.362  -7.217  12.909  1.00 10.39 ? 26  LYS A CE  1 
ATOM   191  N NZ  . LYS A 1 26  ? 13.721  -7.267  12.280  1.00 11.08 ? 26  LYS A NZ  1 
ATOM   192  N N   . ASP A 1 27  ? 8.038   -3.699  15.562  1.00 7.05  ? 27  ASP A N   1 
ATOM   193  C CA  . ASP A 1 27  ? 7.835   -3.800  17.005  1.00 8.44  ? 27  ASP A CA  1 
ATOM   194  C C   . ASP A 1 27  ? 6.455   -4.327  17.336  1.00 10.60 ? 27  ASP A C   1 
ATOM   195  O O   . ASP A 1 27  ? 6.329   -5.123  18.314  1.00 15.53 ? 27  ASP A O   1 
ATOM   196  C CB  . ASP A 1 27  ? 8.257   -2.549  17.739  1.00 8.74  ? 27  ASP A CB  1 
ATOM   197  C CG  . ASP A 1 27  ? 7.665   -1.325  17.198  1.00 8.11  ? 27  ASP A CG  1 
ATOM   198  O OD1 . ASP A 1 27  ? 6.760   -1.318  16.346  1.00 9.31  ? 27  ASP A OD1 1 
ATOM   199  O OD2 . ASP A 1 27  ? 8.131   -0.241  17.646  1.00 9.86  ? 27  ASP A OD2 1 
ATOM   200  N N   . ALA A 1 28  ? 5.432   -4.043  16.553  1.00 8.55  ? 28  ALA A N   1 
ATOM   201  C CA  . ALA A 1 28  ? 4.029   -4.260  16.856  1.00 8.87  ? 28  ALA A CA  1 
ATOM   202  C C   . ALA A 1 28  ? 3.384   -5.355  16.019  1.00 7.97  ? 28  ALA A C   1 
ATOM   203  O O   . ALA A 1 28  ? 2.575   -6.177  16.499  1.00 10.10 ? 28  ALA A O   1 
ATOM   204  C CB  . ALA A 1 28  ? 3.221   -2.985  16.729  1.00 9.53  ? 28  ALA A CB  1 
ATOM   205  N N   . VAL A 1 29  ? 3.722   -5.420  14.719  1.00 7.06  ? 29  VAL A N   1 
ATOM   206  C CA  . VAL A 1 29  ? 3.047   -6.327  13.720  1.00 7.65  ? 29  VAL A CA  1 
ATOM   207  C C   . VAL A 1 29  ? 4.154   -6.843  12.804  1.00 6.83  ? 29  VAL A C   1 
ATOM   208  O O   . VAL A 1 29  ? 4.201   -6.574  11.585  1.00 6.79  ? 29  VAL A O   1 
ATOM   209  C CB  . VAL A 1 29  ? 1.877   -5.662  12.935  1.00 7.75  ? 29  VAL A CB  1 
ATOM   210  C CG1 . VAL A 1 29  ? 0.609   -5.703  13.749  1.00 8.47  ? 29  VAL A CG1 1 
ATOM   211  C CG2 . VAL A 1 29  ? 2.227   -4.213  12.467  1.00 9.03  ? 29  VAL A CG2 1 
ATOM   212  N N   . PRO A 1 30  ? 5.037   -7.686  13.345  1.00 7.08  ? 30  PRO A N   1 
ATOM   213  C CA  . PRO A 1 30  ? 6.200   -8.119  12.569  1.00 6.77  ? 30  PRO A CA  1 
ATOM   214  C C   . PRO A 1 30  ? 5.823   -8.926  11.340  1.00 6.92  ? 30  PRO A C   1 
ATOM   215  O O   . PRO A 1 30  ? 6.529   -8.828  10.345  1.00 7.09  ? 30  PRO A O   1 
ATOM   216  C CB  . PRO A 1 30  ? 7.008   -8.963  13.577  1.00 7.53  ? 30  PRO A CB  1 
ATOM   217  C CG  . PRO A 1 30  ? 6.028   -9.286  14.689  1.00 7.22  ? 30  PRO A CG  1 
ATOM   218  C CD  . PRO A 1 30  ? 5.133   -8.112  14.774  1.00 7.43  ? 30  PRO A CD  1 
ATOM   219  N N   . ARG A 1 31  ? 4.823   -9.798  11.384  1.00 7.04  ? 31  ARG A N   1 
ATOM   220  C CA  . ARG A 1 31  ? 4.558   -10.624 10.187  1.00 7.22  ? 31  ARG A CA  1 
ATOM   221  C C   . ARG A 1 31  ? 4.079   -9.813  9.001   1.00 6.90  ? 31  ARG A C   1 
ATOM   222  O O   . ARG A 1 31  ? 4.414   -10.054 7.867   1.00 7.17  ? 31  ARG A O   1 
ATOM   223  C CB  . ARG A 1 31  ? 3.494   -11.688 10.497  1.00 8.15  ? 31  ARG A CB  1 
ATOM   224  C CG  . ARG A 1 31  ? 3.902   -12.774 11.485  1.00 11.24 ? 31  ARG A CG  1 
ATOM   225  C CD  . ARG A 1 31  ? 2.722   -13.898 11.559  1.00 14.08 ? 31  ARG A CD  1 
ATOM   226  N NE  . ARG A 1 31  ? 2.832   -15.018 10.550  1.00 17.14 ? 31  ARG A NE  1 
ATOM   227  C CZ  . ARG A 1 31  ? 1.822   -15.475 9.669   1.00 12.28 ? 31  ARG A CZ  1 
ATOM   228  N NH1 . ARG A 1 31  ? 0.567   -14.941 9.706   1.00 13.24 ? 31  ARG A NH1 1 
ATOM   229  N NH2 . ARG A 1 31  ? 2.040   -16.510 8.842   1.00 12.57 ? 31  ARG A NH2 1 
ATOM   230  N N   . THR A 1 32  ? 3.268   -8.811  9.323   1.00 6.20  ? 32  THR A N   1 
ATOM   231  C CA  . THR A 1 32  ? 2.739   -7.906  8.282   1.00 6.00  ? 32  THR A CA  1 
ATOM   232  C C   . THR A 1 32  ? 3.869   -7.035  7.764   1.00 5.63  ? 32  THR A C   1 
ATOM   233  O O   . THR A 1 32  ? 3.995   -6.797  6.537   1.00 5.73  ? 32  THR A O   1 
ATOM   234  C CB  . THR A 1 32  ? 1.604   -7.054  8.866   1.00 6.42  ? 32  THR A CB  1 
ATOM   235  O OG1 . THR A 1 32  ? 0.581   -7.922  9.415   1.00 6.88  ? 32  THR A OG1 1 
ATOM   236  C CG2 . THR A 1 32  ? 0.964   -6.178  7.834   1.00 6.54  ? 32  THR A CG2 1 
ATOM   237  N N   . VAL A 1 33  ? 4.708   -6.536  8.663   1.00 5.56  ? 33  VAL A N   1 
ATOM   238  C CA  . VAL A 1 33  ? 5.844   -5.719  8.263   1.00 5.34  ? 33  VAL A CA  1 
ATOM   239  C C   . VAL A 1 33  ? 6.815   -6.524  7.373   1.00 5.82  ? 33  VAL A C   1 
ATOM   240  O O   . VAL A 1 33  ? 7.325   -5.997  6.383   1.00 5.41  ? 33  VAL A O   1 
ATOM   241  C CB  . VAL A 1 33  ? 6.559   -5.183  9.480   1.00 5.58  ? 33  VAL A CB  1 
ATOM   242  C CG1 . VAL A 1 33  ? 7.982   -4.704  9.163   1.00 6.54  ? 33  VAL A CG1 1 
ATOM   243  C CG2 . VAL A 1 33  ? 5.690   -4.071  10.088  1.00 7.05  ? 33  VAL A CG2 1 
ATOM   244  N N   . GLU A 1 34  ? 7.105   -7.790  7.719   1.00 5.79  ? 34  GLU A N   1 
ATOM   245  C CA  . GLU A 1 34  ? 8.008   -8.577  6.977   1.00 6.12  ? 34  GLU A CA  1 
ATOM   246  C C   . GLU A 1 34  ? 7.551   -8.787  5.539   1.00 5.91  ? 34  GLU A C   1 
ATOM   247  O O   . GLU A 1 34  ? 8.340   -8.731  4.610   1.00 5.98  ? 34  GLU A O   1 
ATOM   248  C CB  . GLU A 1 34  ? 8.354   -9.894  7.706   1.00 6.55  ? 34  GLU A CB  1 
ATOM   249  C CG  . GLU A 1 34  ? 9.239   -10.841 6.916   1.00 8.19  ? 34  GLU A CG  1 
ATOM   250  C CD  . GLU A 1 34  ? 10.626  -10.364 6.594   1.00 7.63  ? 34  GLU A CD  1 
ATOM   251  O OE1 . GLU A 1 34  ? 11.058  -9.321  7.099   1.00 8.57  ? 34  GLU A OE1 1 
ATOM   252  O OE2 . GLU A 1 34  ? 11.356  -11.065 5.840   1.00 9.77  ? 34  GLU A OE2 1 
ATOM   253  N N   . ASN A 1 35  ? 6.270   -9.043  5.362   1.00 5.26  ? 35  ASN A N   1 
ATOM   254  C CA  . ASN A 1 35  ? 5.744   -9.095  4.010   1.00 5.64  ? 35  ASN A CA  1 
ATOM   255  C C   . ASN A 1 35  ? 6.033   -7.811  3.246   1.00 5.83  ? 35  ASN A C   1 
ATOM   256  O O   . ASN A 1 35  ? 6.534   -7.869  2.112   1.00 5.64  ? 35  ASN A O   1 
ATOM   257  C CB  . ASN A 1 35  ? 4.264   -9.385  4.106   1.00 6.37  ? 35  ASN A CB  1 
ATOM   258  C CG  . ASN A 1 35  ? 3.596   -9.485  2.758   1.00 6.60  ? 35  ASN A CG  1 
ATOM   259  O OD1 . ASN A 1 35  ? 3.926   -10.337 1.918   1.00 7.52  ? 35  ASN A OD1 1 
ATOM   260  N ND2 . ASN A 1 35  ? 2.623   -8.593  2.491   1.00 6.83  ? 35  ASN A ND2 1 
ATOM   261  N N   . PHE A 1 36  ? 5.614   -6.669  3.800   1.00 5.63  ? 36  PHE A N   1 
ATOM   262  C CA  . PHE A 1 36  ? 5.781   -5.429  3.044   1.00 5.19  ? 36  PHE A CA  1 
ATOM   263  C C   . PHE A 1 36  ? 7.251   -5.161  2.766   1.00 5.53  ? 36  PHE A C   1 
ATOM   264  O O   . PHE A 1 36  ? 7.622   -4.740  1.652   1.00 5.34  ? 36  PHE A O   1 
ATOM   265  C CB  . PHE A 1 36  ? 5.178   -4.255  3.846   1.00 5.46  ? 36  PHE A CB  1 
ATOM   266  C CG  . PHE A 1 36  ? 5.008   -2.983  3.059   1.00 5.40  ? 36  PHE A CG  1 
ATOM   267  C CD1 . PHE A 1 36  ? 3.876   -2.788  2.253   1.00 6.13  ? 36  PHE A CD1 1 
ATOM   268  C CD2 . PHE A 1 36  ? 5.946   -1.997  3.119   1.00 5.84  ? 36  PHE A CD2 1 
ATOM   269  C CE1 . PHE A 1 36  ? 3.681   -1.584  1.563   1.00 5.84  ? 36  PHE A CE1 1 
ATOM   270  C CE2 . PHE A 1 36  ? 5.769   -0.785  2.460   1.00 6.38  ? 36  PHE A CE2 1 
ATOM   271  C CZ  . PHE A 1 36  ? 4.619   -0.588  1.708   1.00 6.40  ? 36  PHE A CZ  1 
ATOM   272  N N   . ARG A 1 37  ? 8.124   -5.319  3.775   1.00 5.62  ? 37  ARG A N   1 
ATOM   273  C CA  . ARG A 1 37  ? 9.551   -5.077  3.607   1.00 6.22  ? 37  ARG A CA  1 
ATOM   274  C C   . ARG A 1 37  ? 10.099  -5.926  2.475   1.00 6.34  ? 37  ARG A C   1 
ATOM   275  O O   . ARG A 1 37  ? 10.826  -5.415  1.618   1.00 6.58  ? 37  ARG A O   1 
ATOM   276  C CB  . ARG A 1 37  ? 10.271  -5.386  4.958   1.00 6.09  ? 37  ARG A CB  1 
ATOM   277  C CG  . ARG A 1 37  ? 11.727  -5.073  4.910   1.00 6.87  ? 37  ARG A CG  1 
ATOM   278  C CD  . ARG A 1 37  ? 12.523  -5.857  5.952   1.00 7.68  ? 37  ARG A CD  1 
ATOM   279  N NE  . ARG A 1 37  ? 12.568  -7.283  5.670   1.00 7.84  ? 37  ARG A NE  1 
ATOM   280  C CZ  . ARG A 1 37  ? 13.195  -7.870  4.659   1.00 8.65  ? 37  ARG A CZ  1 
ATOM   281  N NH1 . ARG A 1 37  ? 14.070  -7.172  3.926   1.00 8.07  ? 37  ARG A NH1 1 
ATOM   282  N NH2 . ARG A 1 37  ? 12.998  -9.189  4.429   1.00 9.32  ? 37  ARG A NH2 1 
ATOM   283  N N   . ALA A 1 38  ? 9.791   -7.229  2.493   1.00 6.37  ? 38  ALA A N   1 
ATOM   284  C CA  . ALA A 1 38  ? 10.278  -8.096  1.434   1.00 6.61  ? 38  ALA A CA  1 
ATOM   285  C C   . ALA A 1 38  ? 9.734   -7.745  0.071   1.00 6.63  ? 38  ALA A C   1 
ATOM   286  O O   . ALA A 1 38  ? 10.434  -7.968  -0.923  1.00 6.45  ? 38  ALA A O   1 
ATOM   287  C CB  . ALA A 1 38  ? 9.954   -9.535  1.842   1.00 6.81  ? 38  ALA A CB  1 
ATOM   288  N N   . LEU A 1 39  ? 8.486   -7.266  0.007   1.00 6.23  ? 39  LEU A N   1 
ATOM   289  C CA  . LEU A 1 39  ? 7.933   -6.870  -1.288  1.00 5.89  ? 39  LEU A CA  1 
ATOM   290  C C   . LEU A 1 39  ? 8.612   -5.568  -1.780  1.00 5.43  ? 39  LEU A C   1 
ATOM   291  O O   . LEU A 1 39  ? 8.645   -5.314  -2.985  1.00 6.16  ? 39  LEU A O   1 
ATOM   292  C CB  . LEU A 1 39  ? 6.453   -6.678  -1.202  1.00 6.25  ? 39  LEU A CB  1 
ATOM   293  C CG  . LEU A 1 39  ? 5.662   -7.983  -0.941  1.00 6.69  ? 39  LEU A CG  1 
ATOM   294  C CD1 . LEU A 1 39  ? 4.188   -7.685  -0.698  1.00 6.98  ? 39  LEU A CD1 1 
ATOM   295  C CD2 . LEU A 1 39  ? 5.828   -8.984  -2.079  1.00 7.96  ? 39  LEU A CD2 1 
ATOM   296  N N   . CYS A 1 40  ? 9.172   -4.766  -0.900  1.00 5.73  ? 40  CYS A N   1 
ATOM   297  C CA  . CYS A 1 40  ? 10.002  -3.627  -1.361  1.00 5.94  ? 40  CYS A CA  1 
ATOM   298  C C   . CYS A 1 40  ? 11.340  -4.028  -1.887  1.00 6.13  ? 40  CYS A C   1 
ATOM   299  O O   . CYS A 1 40  ? 11.825  -3.357  -2.796  1.00 7.63  ? 40  CYS A O   1 
ATOM   300  C CB  . CYS A 1 40  ? 10.201  -2.628  -0.183  1.00 6.58  ? 40  CYS A CB  1 
ATOM   301  S SG  . CYS A 1 40  ? 8.702   -1.762  0.339   1.00 6.64  ? 40  CYS A SG  1 
ATOM   302  N N   . THR A 1 41  ? 11.922  -5.133  -1.422  1.00 6.70  ? 41  THR A N   1 
ATOM   303  C CA  . THR A 1 41  ? 13.249  -5.554  -1.942  1.00 7.92  ? 41  THR A CA  1 
ATOM   304  C C   . THR A 1 41  ? 13.148  -6.544  -3.056  1.00 8.31  ? 41  THR A C   1 
ATOM   305  O O   . THR A 1 41  ? 14.099  -6.660  -3.854  1.00 8.79  ? 41  THR A O   1 
ATOM   306  C CB  . THR A 1 41  ? 14.143  -6.164  -0.855  1.00 8.75  ? 41  THR A CB  1 
ATOM   307  O OG1 . THR A 1 41  ? 13.551  -7.409  -0.526  1.00 7.89  ? 41  THR A OG1 1 
ATOM   308  C CG2 . THR A 1 41  ? 14.291  -5.300  0.387   1.00 9.46  ? 41  THR A CG2 1 
ATOM   309  N N   . GLY A 1 42  ? 12.008  -7.238  -3.215  1.00 7.69  ? 42  GLY A N   1 
ATOM   310  C CA  . GLY A 1 42  ? 11.884  -8.276  -4.225  1.00 9.15  ? 42  GLY A CA  1 
ATOM   311  C C   . GLY A 1 42  ? 12.623  -9.568  -3.828  1.00 7.75  ? 42  GLY A C   1 
ATOM   312  O O   . GLY A 1 42  ? 12.713  -10.515 -4.640  1.00 8.85  ? 42  GLY A O   1 
ATOM   313  N N   . GLU A 1 43  ? 13.146  -9.677  -2.621  1.00 7.24  ? 43  GLU A N   1 
ATOM   314  C CA  . GLU A 1 43  ? 14.077  -10.817 -2.308  1.00 8.77  ? 43  GLU A CA  1 
ATOM   315  C C   . GLU A 1 43  ? 13.426  -12.177 -2.332  1.00 7.67  ? 43  GLU A C   1 
ATOM   316  O O   . GLU A 1 43  ? 14.210  -13.180 -2.381  1.00 8.42  ? 43  GLU A O   1 
ATOM   317  C CB  . GLU A 1 43  ? 14.722  -10.553 -0.936  1.00 8.44  ? 43  GLU A CB  1 
ATOM   318  C CG  . GLU A 1 43  ? 13.775  -10.578 0.254   1.00 9.20  ? 43  GLU A CG  1 
ATOM   319  C CD  . GLU A 1 43  ? 14.370  -9.961  1.504   1.00 8.94  ? 43  GLU A CD  1 
ATOM   320  O OE1 . GLU A 1 43  ? 14.686  -8.718  1.508   1.00 9.30  ? 43  GLU A OE1 1 
ATOM   321  O OE2 . GLU A 1 43  ? 14.501  -10.692 2.529   1.00 10.90 ? 43  GLU A OE2 1 
ATOM   322  N N   . LYS A 1 44  ? 12.149  -12.348 -2.115  1.00 7.59  ? 44  LYS A N   1 
ATOM   323  C CA  . LYS A 1 44  ? 11.596  -13.666 -1.947  1.00 8.96  ? 44  LYS A CA  1 
ATOM   324  C C   . LYS A 1 44  ? 11.289  -14.377 -3.248  1.00 8.21  ? 44  LYS A C   1 
ATOM   325  O O   . LYS A 1 44  ? 10.837  -15.553 -3.218  1.00 10.98 ? 44  LYS A O   1 
ATOM   326  C CB  . LYS A 1 44  ? 10.326  -13.587 -1.071  1.00 9.90  ? 44  LYS A CB  1 
ATOM   327  C CG  . LYS A 1 44  ? 10.572  -13.087 0.336   1.00 11.28 ? 44  LYS A CG  1 
ATOM   328  C CD  . LYS A 1 44  ? 11.602  -13.953 1.045   1.00 12.41 ? 44  LYS A CD  1 
ATOM   329  C CE  . LYS A 1 44  ? 11.584  -13.561 2.524   1.00 18.34 ? 44  LYS A CE  1 
ATOM   330  N NZ  . LYS A 1 44  ? 12.062  -14.670 3.380   1.00 16.74 ? 44  LYS A NZ  1 
ATOM   331  N N   . GLY A 1 45  ? 11.510  -13.774 -4.392  1.00 8.95  ? 45  GLY A N   1 
ATOM   332  C CA  . GLY A 1 45  ? 11.424  -14.514 -5.693  1.00 8.87  ? 45  GLY A CA  1 
ATOM   333  C C   . GLY A 1 45  ? 10.121  -14.229 -6.364  1.00 9.80  ? 45  GLY A C   1 
ATOM   334  O O   . GLY A 1 45  ? 9.748   -13.063 -6.616  1.00 9.69  ? 45  GLY A O   1 
ATOM   335  N N   . VAL A 1 46  ? 9.375   -15.255 -6.726  1.00 9.87  ? 46  VAL A N   1 
ATOM   336  C CA  . VAL A 1 46  ? 8.158   -15.136 -7.573  1.00 11.73 ? 46  VAL A CA  1 
ATOM   337  C C   . VAL A 1 46  ? 7.009   -15.685 -6.819  1.00 11.35 ? 46  VAL A C   1 
ATOM   338  O O   . VAL A 1 46  ? 7.130   -16.605 -5.992  1.00 12.96 ? 46  VAL A O   1 
ATOM   339  C CB  . VAL A 1 46  ? 8.421   -15.872 -8.865  1.00 15.06 ? 46  VAL A CB  1 
ATOM   340  C CG1 . VAL A 1 46  ? 7.216   -16.230 -9.717  1.00 20.19 ? 46  VAL A CG1 1 
ATOM   341  C CG2 . VAL A 1 46  ? 9.363   -15.151 -9.725  1.00 13.35 ? 46  VAL A CG2 1 
ATOM   342  N N   . GLY A 1 47  ? 5.813   -15.084 -7.009  1.00 11.78 ? 47  GLY A N   1 
ATOM   343  C CA  . GLY A 1 47  ? 4.608   -15.545 -6.376  1.00 14.53 ? 47  GLY A CA  1 
ATOM   344  C C   . GLY A 1 47  ? 3.933   -16.663 -7.184  1.00 13.54 ? 47  GLY A C   1 
ATOM   345  O O   . GLY A 1 47  ? 4.364   -17.091 -8.240  1.00 16.11 ? 47  GLY A O   1 
ATOM   346  N N   . LYS A 1 48  ? 2.764   -17.017 -6.675  1.00 17.65 ? 48  LYS A N   1 
ATOM   347  C CA  . LYS A 1 48  ? 1.856   -17.960 -7.417  1.00 17.34 ? 48  LYS A CA  1 
ATOM   348  C C   . LYS A 1 48  ? 1.447   -17.450 -8.763  1.00 17.64 ? 48  LYS A C   1 
ATOM   349  O O   . LYS A 1 48  ? 1.180   -18.236 -9.667  1.00 19.16 ? 48  LYS A O   1 
ATOM   350  C CB  . LYS A 1 48  ? 0.568   -18.268 -6.634  1.00 19.54 ? 48  LYS A CB  1 
ATOM   351  C CG  . LYS A 1 48  ? 0.746   -18.679 -5.235  1.00 20.18 ? 48  LYS A CG  1 
ATOM   352  C CD  . LYS A 1 48  ? 1.575   -19.930 -5.201  1.00 22.78 ? 48  LYS A CD  1 
ATOM   353  C CE  . LYS A 1 48  ? 1.541   -20.471 -3.776  1.00 27.67 ? 48  LYS A CE  1 
ATOM   354  N NZ  . LYS A 1 48  ? 2.288   -21.743 -3.587  1.00 32.73 ? 48  LYS A NZ  1 
ATOM   355  N N   . SER A 1 49  ? 1.373   -16.109 -8.939  1.00 16.06 ? 49  SER A N   1 
ATOM   356  C CA  . SER A 1 49  ? 1.109   -15.489 -10.177 1.00 15.04 ? 49  SER A CA  1 
ATOM   357  C C   . SER A 1 49  ? 2.173   -15.633 -11.243 1.00 14.46 ? 49  SER A C   1 
ATOM   358  O O   . SER A 1 49  ? 1.952   -15.307 -12.365 1.00 16.34 ? 49  SER A O   1 
ATOM   359  C CB  . SER A 1 49  ? 0.928   -13.971 -9.924  1.00 13.73 ? 49  SER A CB  1 
ATOM   360  O OG  . SER A 1 49  ? 2.163   -13.416 -9.452  1.00 14.31 ? 49  SER A OG  1 
ATOM   361  N N   . GLY A 1 50  ? 3.380   -15.969 -10.807 1.00 14.75 ? 50  GLY A N   1 
ATOM   362  C CA  . GLY A 1 50  ? 4.571   -16.050 -11.616 1.00 14.28 ? 50  GLY A CA  1 
ATOM   363  C C   . GLY A 1 50  ? 5.203   -14.693 -11.799 1.00 15.11 ? 50  GLY A C   1 
ATOM   364  O O   . GLY A 1 50  ? 6.191   -14.599 -12.499 1.00 17.25 ? 50  GLY A O   1 
ATOM   365  N N   . LYS A 1 51  ? 4.625   -13.638 -11.185 1.00 14.29 ? 51  LYS A N   1 
ATOM   366  C CA  . LYS A 1 51  ? 5.241   -12.293 -11.183 1.00 13.33 ? 51  LYS A CA  1 
ATOM   367  C C   . LYS A 1 51  ? 6.267   -12.205 -9.994  1.00 10.61 ? 51  LYS A C   1 
ATOM   368  O O   . LYS A 1 51  ? 6.084   -12.773 -8.959  1.00 10.42 ? 51  LYS A O   1 
ATOM   369  C CB  . LYS A 1 51  ? 4.191   -11.201 -11.040 1.00 14.72 ? 51  LYS A CB  1 
ATOM   370  C CG  . LYS A 1 51  ? 3.112   -11.215 -12.107 1.00 20.58 ? 51  LYS A CG  1 
ATOM   371  C CD  . LYS A 1 51  ? 3.859   -10.835 -13.369 1.00 25.81 ? 51  LYS A CD  1 
ATOM   372  C CE  . LYS A 1 51  ? 2.968   -10.314 -14.495 1.00 29.33 ? 51  LYS A CE  1 
ATOM   373  N NZ  . LYS A 1 51  ? 2.044   -11.449 -14.721 1.00 31.36 ? 51  LYS A NZ  1 
ATOM   374  N N   . PRO A 1 52  ? 7.317   -11.400 -10.147 1.00 9.65  ? 52  PRO A N   1 
ATOM   375  C CA  . PRO A 1 52  ? 8.152   -11.125 -8.977  1.00 9.22  ? 52  PRO A CA  1 
ATOM   376  C C   . PRO A 1 52  ? 7.357   -10.567 -7.798  1.00 8.05  ? 52  PRO A C   1 
ATOM   377  O O   . PRO A 1 52  ? 6.446   -9.764  -7.964  1.00 7.89  ? 52  PRO A O   1 
ATOM   378  C CB  . PRO A 1 52  ? 9.156   -10.063 -9.484  1.00 9.28  ? 52  PRO A CB  1 
ATOM   379  C CG  . PRO A 1 52  ? 9.163   -10.329 -11.020 1.00 11.31 ? 52  PRO A CG  1 
ATOM   380  C CD  . PRO A 1 52  ? 7.762   -10.652 -11.318 1.00 10.18 ? 52  PRO A CD  1 
ATOM   381  N N   . LEU A 1 53  ? 7.699   -11.084 -6.633  1.00 8.09  ? 53  LEU A N   1 
ATOM   382  C CA  . LEU A 1 53  ? 7.178   -10.566 -5.344  1.00 7.60  ? 53  LEU A CA  1 
ATOM   383  C C   . LEU A 1 53  ? 7.842   -9.252  -5.045  1.00 6.77  ? 53  LEU A C   1 
ATOM   384  O O   . LEU A 1 53  ? 8.769   -9.184  -4.244  1.00 7.13  ? 53  LEU A O   1 
ATOM   385  C CB  . LEU A 1 53  ? 7.370   -11.594 -4.241  1.00 8.35  ? 53  LEU A CB  1 
ATOM   386  C CG  . LEU A 1 53  ? 6.539   -12.872 -4.364  1.00 7.85  ? 53  LEU A CG  1 
ATOM   387  C CD1 . LEU A 1 53  ? 7.058   -13.969 -3.437  1.00 9.47  ? 53  LEU A CD1 1 
ATOM   388  C CD2 . LEU A 1 53  ? 5.107   -12.519 -4.056  1.00 12.10 ? 53  LEU A CD2 1 
ATOM   389  N N   . HIS A 1 54  ? 7.367   -8.198  -5.746  1.00 6.34  ? 54  HIS A N   1 
ATOM   390  C CA  . HIS A 1 54  ? 8.160   -6.952  -5.777  1.00 6.56  ? 54  HIS A CA  1 
ATOM   391  C C   . HIS A 1 54  ? 7.246   -5.810  -6.168  1.00 5.89  ? 54  HIS A C   1 
ATOM   392  O O   . HIS A 1 54  ? 6.519   -5.918  -7.149  1.00 7.00  ? 54  HIS A O   1 
ATOM   393  C CB  . HIS A 1 54  ? 9.303   -7.059  -6.803  1.00 6.81  ? 54  HIS A CB  1 
ATOM   394  C CG  . HIS A 1 54  ? 10.399  -6.072  -6.598  1.00 7.41  ? 54  HIS A CG  1 
ATOM   395  N ND1 . HIS A 1 54  ? 11.422  -6.002  -7.501  1.00 8.48  ? 54  HIS A ND1 1 
ATOM   396  C CD2 . HIS A 1 54  ? 10.732  -5.220  -5.545  1.00 6.95  ? 54  HIS A CD2 1 
ATOM   397  C CE1 . HIS A 1 54  ? 12.327  -5.210  -7.058  1.00 8.36  ? 54  HIS A CE1 1 
ATOM   398  N NE2 . HIS A 1 54  ? 11.962  -4.687  -5.848  1.00 7.21  ? 54  HIS A NE2 1 
ATOM   399  N N   . TYR A 1 55  ? 7.282   -4.688  -5.425  1.00 6.21  ? 55  TYR A N   1 
ATOM   400  C CA  . TYR A 1 55  ? 6.499   -3.519  -5.781  1.00 5.99  ? 55  TYR A CA  1 
ATOM   401  C C   . TYR A 1 55  ? 7.039   -2.753  -6.934  1.00 5.80  ? 55  TYR A C   1 
ATOM   402  O O   . TYR A 1 55  ? 6.387   -1.883  -7.510  1.00 6.76  ? 55  TYR A O   1 
ATOM   403  C CB  . TYR A 1 55  ? 6.301   -2.583  -4.564  1.00 6.53  ? 55  TYR A CB  1 
ATOM   404  C CG  . TYR A 1 55  ? 5.477   -3.131  -3.452  1.00 5.20  ? 55  TYR A CG  1 
ATOM   405  C CD1 . TYR A 1 55  ? 4.174   -3.612  -3.695  1.00 6.13  ? 55  TYR A CD1 1 
ATOM   406  C CD2 . TYR A 1 55  ? 5.860   -3.076  -2.142  1.00 5.96  ? 55  TYR A CD2 1 
ATOM   407  C CE1 . TYR A 1 55  ? 3.365   -4.051  -2.692  1.00 5.66  ? 55  TYR A CE1 1 
ATOM   408  C CE2 . TYR A 1 55  ? 5.030   -3.484  -1.110  1.00 5.61  ? 55  TYR A CE2 1 
ATOM   409  C CZ  . TYR A 1 55  ? 3.773   -4.000  -1.396  1.00 6.05  ? 55  TYR A CZ  1 
ATOM   410  O OH  . TYR A 1 55  ? 3.017   -4.426  -0.360  1.00 6.11  ? 55  TYR A OH  1 
ATOM   411  N N   . LYS A 1 56  ? 8.295   -3.012  -7.337  1.00 6.97  ? 56  LYS A N   1 
ATOM   412  C CA  . LYS A 1 56  ? 8.923   -2.164  -8.372  1.00 6.43  ? 56  LYS A CA  1 
ATOM   413  C C   . LYS A 1 56  ? 8.191   -2.270  -9.691  1.00 7.75  ? 56  LYS A C   1 
ATOM   414  O O   . LYS A 1 56  ? 7.908   -3.395  -10.160 1.00 8.70  ? 56  LYS A O   1 
ATOM   415  C CB  . LYS A 1 56  ? 10.379  -2.620  -8.504  1.00 8.40  ? 56  LYS A CB  1 
ATOM   416  C CG  . LYS A 1 56  ? 11.134  -1.726  -9.490  1.00 9.15  ? 56  LYS A CG  1 
ATOM   417  C CD  . LYS A 1 56  ? 12.641  -2.092  -9.550  1.00 12.25 ? 56  LYS A CD  1 
ATOM   418  C CE  . LYS A 1 56  ? 13.308  -1.162  -10.592 1.00 14.01 ? 56  LYS A CE  1 
ATOM   419  N NZ  . LYS A 1 56  ? 14.676  -1.635  -10.838 1.00 19.43 ? 56  LYS A NZ  1 
ATOM   420  N N   . GLY A 1 57  ? 7.822   -1.103  -10.208 1.00 7.03  ? 57  GLY A N   1 
ATOM   421  C CA  . GLY A 1 57  ? 7.083   -1.067  -11.473 1.00 7.51  ? 57  GLY A CA  1 
ATOM   422  C C   . GLY A 1 57  ? 5.596   -1.094  -11.320 1.00 7.77  ? 57  GLY A C   1 
ATOM   423  O O   . GLY A 1 57  ? 4.907   -0.900  -12.326 1.00 10.01 ? 57  GLY A O   1 
ATOM   424  N N   . SER A 1 58  ? 5.073   -1.367  -10.133 1.00 7.30  ? 58  SER A N   1 
ATOM   425  C CA  . SER A 1 58  ? 3.636   -1.398  -9.893  1.00 7.36  ? 58  SER A CA  1 
ATOM   426  C C   . SER A 1 58  ? 3.124   0.016   -9.691  1.00 7.22  ? 58  SER A C   1 
ATOM   427  O O   . SER A 1 58  ? 3.930   0.957   -9.527  1.00 7.89  ? 58  SER A O   1 
ATOM   428  C CB  . SER A 1 58  ? 3.281   -2.304  -8.704  1.00 7.82  ? 58  SER A CB  1 
ATOM   429  O OG  . SER A 1 58  ? 3.693   -1.808  -7.466  1.00 8.02  ? 58  SER A OG  1 
ATOM   430  N N   . ALA A 1 59  ? 1.808   0.172   -9.663  1.00 6.81  ? 59  ALA A N   1 
ATOM   431  C CA  . ALA A 1 59  ? 1.177   1.482   -9.692  1.00 7.29  ? 59  ALA A CA  1 
ATOM   432  C C   . ALA A 1 59  ? 0.254   1.692   -8.534  1.00 6.94  ? 59  ALA A C   1 
ATOM   433  O O   . ALA A 1 59  ? -0.186  0.728   -7.851  1.00 7.65  ? 59  ALA A O   1 
ATOM   434  C CB  . ALA A 1 59  ? 0.448   1.696   -11.050 1.00 10.08 ? 59  ALA A CB  1 
ATOM   435  N N   . PHE A 1 60  ? -0.051  2.928   -8.206  1.00 6.90  ? 60  PHE A N   1 
ATOM   436  C CA  . PHE A 1 60  ? -1.188  3.258   -7.351  1.00 6.46  ? 60  PHE A CA  1 
ATOM   437  C C   . PHE A 1 60  ? -2.420  3.272   -8.208  1.00 7.04  ? 60  PHE A C   1 
ATOM   438  O O   . PHE A 1 60  ? -2.625  4.279   -8.942  1.00 9.17  ? 60  PHE A O   1 
ATOM   439  C CB  . PHE A 1 60  ? -0.982  4.552   -6.598  1.00 7.43  ? 60  PHE A CB  1 
ATOM   440  C CG  . PHE A 1 60  ? -0.084  4.496   -5.412  1.00 7.99  ? 60  PHE A CG  1 
ATOM   441  C CD1 . PHE A 1 60  ? 1.252   4.307   -5.544  1.00 10.59 ? 60  PHE A CD1 1 
ATOM   442  C CD2 . PHE A 1 60  ? -0.625  4.458   -4.125  1.00 10.61 ? 60  PHE A CD2 1 
ATOM   443  C CE1 . PHE A 1 60  ? 2.142   4.242   -4.444  1.00 9.24  ? 60  PHE A CE1 1 
ATOM   444  C CE2 . PHE A 1 60  ? 0.233   4.464   -2.974  1.00 11.36 ? 60  PHE A CE2 1 
ATOM   445  C CZ  . PHE A 1 60  ? 1.609   4.403   -3.191  1.00 11.31 ? 60  PHE A CZ  1 
ATOM   446  N N   . HIS A 1 61  ? -3.216  2.231   -8.218  1.00 6.37  ? 61  HIS A N   1 
ATOM   447  C CA  . HIS A 1 61  ? -4.325  2.118   -9.178  1.00 7.35  ? 61  HIS A CA  1 
ATOM   448  C C   . HIS A 1 61  ? -5.606  2.810   -8.698  1.00 7.15  ? 61  HIS A C   1 
ATOM   449  O O   . HIS A 1 61  ? -6.497  3.009   -9.539  1.00 9.15  ? 61  HIS A O   1 
ATOM   450  C CB  . HIS A 1 61  ? -4.614  0.658   -9.475  1.00 8.52  ? 61  HIS A CB  1 
ATOM   451  C CG  . HIS A 1 61  ? -5.166  -0.085  -8.281  1.00 7.96  ? 61  HIS A CG  1 
ATOM   452  N ND1 . HIS A 1 61  ? -4.336  -0.620  -7.329  1.00 7.70  ? 61  HIS A ND1 1 
ATOM   453  C CD2 . HIS A 1 61  ? -6.469  -0.416  -7.933  1.00 8.33  ? 61  HIS A CD2 1 
ATOM   454  C CE1 . HIS A 1 61  ? -5.106  -1.150  -6.398  1.00 8.81  ? 61  HIS A CE1 1 
ATOM   455  N NE2 . HIS A 1 61  ? -6.380  -1.069  -6.727  1.00 9.08  ? 61  HIS A NE2 1 
ATOM   456  N N   . ARG A 1 62  ? -5.720  3.153   -7.445  1.00 6.89  ? 62  ARG A N   1 
ATOM   457  C CA  . ARG A 1 62  ? -6.986  3.731   -6.922  1.00 7.40  ? 62  ARG A CA  1 
ATOM   458  C C   . ARG A 1 62  ? -6.578  4.794   -5.959  1.00 7.39  ? 62  ARG A C   1 
ATOM   459  O O   . ARG A 1 62  ? -6.068  4.522   -4.871  1.00 8.46  ? 62  ARG A O   1 
ATOM   460  C CB  . ARG A 1 62  ? -7.788  2.645   -6.285  1.00 8.13  ? 62  ARG A CB  1 
ATOM   461  C CG  . ARG A 1 62  ? -9.132  3.093   -5.715  1.00 8.37  ? 62  ARG A CG  1 
ATOM   462  C CD  . ARG A 1 62  ? -10.025 1.896   -5.423  1.00 9.92  ? 62  ARG A CD  1 
ATOM   463  N NE  . ARG A 1 62  ? -11.248 2.265   -4.691  1.00 9.32  ? 62  ARG A NE  1 
ATOM   464  C CZ  . ARG A 1 62  ? -11.359 2.320   -3.379  1.00 9.17  ? 62  ARG A CZ  1 
ATOM   465  N NH1 . ARG A 1 62  ? -10.357 2.010   -2.528  1.00 9.83  ? 62  ARG A NH1 1 
ATOM   466  N NH2 . ARG A 1 62  ? -12.533 2.736   -2.775  1.00 10.28 ? 62  ARG A NH2 1 
ATOM   467  N N   . VAL A 1 63  ? -6.877  6.052   -6.330  1.00 7.26  ? 63  VAL A N   1 
ATOM   468  C CA  . VAL A 1 63  ? -6.480  7.239   -5.509  1.00 7.32  ? 63  VAL A CA  1 
ATOM   469  C C   . VAL A 1 63  ? -7.685  8.111   -5.368  1.00 8.77  ? 63  VAL A C   1 
ATOM   470  O O   . VAL A 1 63  ? -8.259  8.564   -6.386  1.00 8.97  ? 63  VAL A O   1 
ATOM   471  C CB  . VAL A 1 63  ? -5.332  7.933   -6.148  1.00 7.95  ? 63  VAL A CB  1 
ATOM   472  C CG1 . VAL A 1 63  ? -5.010  9.282   -5.423  1.00 8.39  ? 63  VAL A CG1 1 
ATOM   473  C CG2 . VAL A 1 63  ? -4.060  7.083   -6.284  1.00 8.41  ? 63  VAL A CG2 1 
ATOM   474  N N   . ILE A 1 64  ? -8.080  8.379   -4.160  1.00 8.46  ? 64  ILE A N   1 
ATOM   475  C CA  . ILE A 1 64  ? -9.365  9.101   -3.892  1.00 10.80 ? 64  ILE A CA  1 
ATOM   476  C C   . ILE A 1 64  ? -9.012  10.277  -2.999  1.00 10.39 ? 64  ILE A C   1 
ATOM   477  O O   . ILE A 1 64  ? -8.602  10.160  -1.837  1.00 9.99  ? 64  ILE A O   1 
ATOM   478  C CB  . ILE A 1 64  ? -10.420 8.188   -3.225  1.00 10.14 ? 64  ILE A CB  1 
ATOM   479  C CG1 . ILE A 1 64  ? -10.743 7.052   -4.204  1.00 11.74 ? 64  ILE A CG1 1 
ATOM   480  C CG2 . ILE A 1 64  ? -11.653 9.036   -2.863  1.00 11.22 ? 64  ILE A CG2 1 
ATOM   481  C CD1 . ILE A 1 64  ? -11.688 6.028   -3.698  1.00 11.39 ? 64  ILE A CD1 1 
ATOM   482  N N   . PRO A 1 65  ? -9.148  11.513  -3.535  1.00 11.60 ? 65  PRO A N   1 
ATOM   483  C CA  . PRO A 1 65  ? -8.881  12.705  -2.734  1.00 11.15 ? 65  PRO A CA  1 
ATOM   484  C C   . PRO A 1 65  ? -9.729  12.752  -1.456  1.00 10.94 ? 65  PRO A C   1 
ATOM   485  O O   . PRO A 1 65  ? -10.831 12.310  -1.366  1.00 11.62 ? 65  PRO A O   1 
ATOM   486  C CB  . PRO A 1 65  ? -9.248  13.899  -3.704  1.00 11.84 ? 65  PRO A CB  1 
ATOM   487  C CG  . PRO A 1 65  ? -9.059  13.255  -5.052  1.00 13.38 ? 65  PRO A CG  1 
ATOM   488  C CD  . PRO A 1 65  ? -9.596  11.847  -4.916  1.00 13.06 ? 65  PRO A CD  1 
ATOM   489  N N   . ASP A 1 66  ? -9.030  13.207  -0.426  1.00 11.91 ? 66  ASP A N   1 
ATOM   490  C CA  . ASP A 1 66  ? -9.669  13.347  0.902   1.00 12.44 ? 66  ASP A CA  1 
ATOM   491  C C   . ASP A 1 66  ? -9.978  11.972  1.478   1.00 12.55 ? 66  ASP A C   1 
ATOM   492  O O   . ASP A 1 66  ? -10.834 11.795  2.333   1.00 13.58 ? 66  ASP A O   1 
ATOM   493  C CB  . ASP A 1 66  ? -10.938 14.264  0.902   1.00 14.25 ? 66  ASP A CB  1 
ATOM   494  C CG  . ASP A 1 66  ? -10.704 15.558  0.226   1.00 18.96 ? 66  ASP A CG  1 
ATOM   495  O OD1 . ASP A 1 66  ? -9.691  16.207  0.475   1.00 19.84 ? 66  ASP A OD1 1 
ATOM   496  O OD2 . ASP A 1 66  ? -11.555 15.882  -0.638  1.00 25.49 ? 66  ASP A OD2 1 
ATOM   497  N N   . PHE A 1 67  ? -9.195  10.938  1.058   1.00 11.12 ? 67  PHE A N   1 
ATOM   498  C CA  . PHE A 1 67  ? -9.311  9.620   1.609   1.00 10.00 ? 67  PHE A CA  1 
ATOM   499  C C   . PHE A 1 67  ? -7.983  8.892   1.720   1.00 8.80  ? 67  PHE A C   1 
ATOM   500  O O   . PHE A 1 67  ? -7.432  8.854   2.817   1.00 9.46  ? 67  PHE A O   1 
ATOM   501  C CB  . PHE A 1 67  ? -10.388 8.829   0.791   1.00 10.78 ? 67  PHE A CB  1 
ATOM   502  C CG  . PHE A 1 67  ? -10.649 7.410   1.205   1.00 10.04 ? 67  PHE A CG  1 
ATOM   503  C CD1 . PHE A 1 67  ? -10.395 6.965   2.522   1.00 10.84 ? 67  PHE A CD1 1 
ATOM   504  C CD2 . PHE A 1 67  ? -11.136 6.470   0.217   1.00 11.75 ? 67  PHE A CD2 1 
ATOM   505  C CE1 . PHE A 1 67  ? -10.606 5.626   2.820   1.00 11.43 ? 67  PHE A CE1 1 
ATOM   506  C CE2 . PHE A 1 67  ? -11.313 5.165   0.585   1.00 12.12 ? 67  PHE A CE2 1 
ATOM   507  C CZ  . PHE A 1 67  ? -11.049 4.752   1.904   1.00 11.55 ? 67  PHE A CZ  1 
ATOM   508  N N   . MET A 1 68  ? -7.522  8.335   0.587   1.00 8.05  ? 68  MET A N   1 
ATOM   509  C CA  . MET A 1 68  ? -6.294  7.502   0.648   1.00 7.65  ? 68  MET A CA  1 
ATOM   510  C C   . MET A 1 68  ? -5.782  7.285   -0.750  1.00 7.65  ? 68  MET A C   1 
ATOM   511  O O   . MET A 1 68  ? -6.476  7.542   -1.766  1.00 7.69  ? 68  MET A O   1 
ATOM   512  C CB  . MET A 1 68  ? -6.545  6.216   1.414   1.00 8.02  ? 68  MET A CB  1 
ATOM   513  C CG  . MET A 1 68  ? -7.634  5.282   0.839   1.00 7.85  ? 68  MET A CG  1 
ATOM   514  S SD  . MET A 1 68  ? -7.059  4.314   -0.625  1.00 8.42  ? 68  MET A SD  1 
ATOM   515  C CE  . MET A 1 68  ? -8.254  4.741   -1.912  1.00 11.30 ? 68  MET A CE  1 
ATOM   516  N N   . CYS A 1 69  ? -4.514  6.858   -0.825  1.00 7.53  ? 69  CYS A N   1 
ATOM   517  C CA  . CYS A 1 69  ? -3.896  6.290   -2.034  1.00 7.15  ? 69  CYS A CA  1 
ATOM   518  C C   . CYS A 1 69  ? -3.690  4.817   -1.900  1.00 6.33  ? 69  CYS A C   1 
ATOM   519  O O   . CYS A 1 69  ? -3.023  4.386   -0.938  1.00 6.62  ? 69  CYS A O   1 
ATOM   520  C CB  . CYS A 1 69  ? -2.576  7.072   -2.248  1.00 7.35  ? 69  CYS A CB  1 
ATOM   521  S SG  . CYS A 1 69  ? -2.613  8.801   -2.308  1.00 9.44  ? 69  CYS A SG  1 
ATOM   522  N N   . GLN A 1 70  ? -4.136  4.007   -2.862  1.00 6.28  ? 70  GLN A N   1 
ATOM   523  C CA  . GLN A 1 70  ? -4.088  2.535   -2.786  1.00 6.00  ? 70  GLN A CA  1 
ATOM   524  C C   . GLN A 1 70  ? -3.199  2.010   -3.898  1.00 6.32  ? 70  GLN A C   1 
ATOM   525  O O   . GLN A 1 70  ? -3.342  2.398   -5.096  1.00 6.89  ? 70  GLN A O   1 
ATOM   526  C CB  . GLN A 1 70  ? -5.479  1.934   -2.908  1.00 6.96  ? 70  GLN A CB  1 
ATOM   527  C CG  . GLN A 1 70  ? -5.504  0.412   -2.925  1.00 6.98  ? 70  GLN A CG  1 
ATOM   528  C CD  . GLN A 1 70  ? -6.912  -0.134  -3.010  1.00 6.65  ? 70  GLN A CD  1 
ATOM   529  O OE1 . GLN A 1 70  ? -7.907  0.622   -3.066  1.00 9.09  ? 70  GLN A OE1 1 
ATOM   530  N NE2 . GLN A 1 70  ? -7.024  -1.471  -3.016  1.00 7.05  ? 70  GLN A NE2 1 
ATOM   531  N N   . GLY A 1 71  ? -2.329  1.079   -3.550  1.00 5.80  ? 71  GLY A N   1 
ATOM   532  C CA  . GLY A 1 71  ? -1.465  0.429   -4.562  1.00 6.45  ? 71  GLY A CA  1 
ATOM   533  C C   . GLY A 1 71  ? -1.104  -0.994  -4.164  1.00 5.95  ? 71  GLY A C   1 
ATOM   534  O O   . GLY A 1 71  ? -1.800  -1.581  -3.321  1.00 6.41  ? 71  GLY A O   1 
ATOM   535  N N   . GLY A 1 72  ? -0.089  -1.519  -4.809  1.00 6.05  ? 72  GLY A N   1 
ATOM   536  C CA  . GLY A 1 72  ? 0.409   -2.830  -4.462  1.00 6.53  ? 72  GLY A CA  1 
ATOM   537  C C   . GLY A 1 72  ? -0.094  -4.015  -5.240  1.00 6.06  ? 72  GLY A C   1 
ATOM   538  O O   . GLY A 1 72  ? 0.317   -5.126  -4.945  1.00 6.98  ? 72  GLY A O   1 
ATOM   539  N N   . ASP A 1 73  ? -0.938  -3.772  -6.274  1.00 6.05  ? 73  ASP A N   1 
ATOM   540  C CA  . ASP A 1 73  ? -1.409  -4.917  -7.081  1.00 6.81  ? 73  ASP A CA  1 
ATOM   541  C C   . ASP A 1 73  ? -0.420  -5.150  -8.200  1.00 7.16  ? 73  ASP A C   1 
ATOM   542  O O   . ASP A 1 73  ? -0.600  -4.669  -9.344  1.00 8.16  ? 73  ASP A O   1 
ATOM   543  C CB  . ASP A 1 73  ? -2.797  -4.684  -7.559  1.00 7.25  ? 73  ASP A CB  1 
ATOM   544  C CG  . ASP A 1 73  ? -3.327  -5.875  -8.371  1.00 7.63  ? 73  ASP A CG  1 
ATOM   545  O OD1 . ASP A 1 73  ? -2.543  -6.802  -8.618  1.00 8.71  ? 73  ASP A OD1 1 
ATOM   546  O OD2 . ASP A 1 73  ? -4.520  -5.835  -8.751  1.00 8.99  ? 73  ASP A OD2 1 
ATOM   547  N N   . PHE A 1 74  ? 0.668   -5.842  -7.883  1.00 7.00  ? 74  PHE A N   1 
ATOM   548  C CA  . PHE A 1 74  ? 1.694   -6.105  -8.879  1.00 8.60  ? 74  PHE A CA  1 
ATOM   549  C C   . PHE A 1 74  ? 1.354   -7.305  -9.756  1.00 10.02 ? 74  PHE A C   1 
ATOM   550  O O   . PHE A 1 74  ? 2.198   -7.619  -10.636 1.00 11.91 ? 74  PHE A O   1 
ATOM   551  C CB  . PHE A 1 74  ? 3.070   -6.230  -8.268  1.00 8.94  ? 74  PHE A CB  1 
ATOM   552  C CG  . PHE A 1 74  ? 3.197   -7.302  -7.223  1.00 7.83  ? 74  PHE A CG  1 
ATOM   553  C CD1 . PHE A 1 74  ? 3.256   -8.642  -7.517  1.00 11.07 ? 74  PHE A CD1 1 
ATOM   554  C CD2 . PHE A 1 74  ? 3.252   -6.929  -5.886  1.00 9.76  ? 74  PHE A CD2 1 
ATOM   555  C CE1 . PHE A 1 74  ? 3.308   -9.616  -6.497  1.00 11.37 ? 74  PHE A CE1 1 
ATOM   556  C CE2 . PHE A 1 74  ? 3.359   -7.862  -4.867  1.00 10.70 ? 74  PHE A CE2 1 
ATOM   557  C CZ  . PHE A 1 74  ? 3.338   -9.208  -5.196  1.00 10.76 ? 74  PHE A CZ  1 
ATOM   558  N N   . THR A 1 75  ? 0.253   -7.996  -9.551  1.00 9.98  ? 75  THR A N   1 
ATOM   559  C CA  . THR A 1 75  ? -0.105  -9.107  -10.418 1.00 11.99 ? 75  THR A CA  1 
ATOM   560  C C   . THR A 1 75  ? -1.162  -8.776  -11.432 1.00 12.87 ? 75  THR A C   1 
ATOM   561  O O   . THR A 1 75  ? -1.120  -9.399  -12.545 1.00 17.51 ? 75  THR A O   1 
ATOM   562  C CB  . THR A 1 75  ? -0.537  -10.325 -9.654  1.00 11.75 ? 75  THR A CB  1 
ATOM   563  O OG1 . THR A 1 75  ? -1.860  -10.146 -9.107  1.00 11.74 ? 75  THR A OG1 1 
ATOM   564  C CG2 . THR A 1 75  ? 0.437   -10.660 -8.532  1.00 12.22 ? 75  THR A CG2 1 
ATOM   565  N N   . ARG A 1 76  ? -2.106  -7.863  -11.182 1.00 13.22 ? 76  ARG A N   1 
ATOM   566  C CA  . ARG A 1 76  ? -3.169  -7.574  -12.184 1.00 13.14 ? 76  ARG A CA  1 
ATOM   567  C C   . ARG A 1 76  ? -3.262  -6.094  -12.369 1.00 12.64 ? 76  ARG A C   1 
ATOM   568  O O   . ARG A 1 76  ? -3.990  -5.718  -13.268 1.00 17.42 ? 76  ARG A O   1 
ATOM   569  C CB  . ARG A 1 76  ? -4.511  -8.062  -11.685 1.00 15.50 ? 76  ARG A CB  1 
ATOM   570  C CG  . ARG A 1 76  ? -4.531  -9.577  -11.539 1.00 21.37 ? 76  ARG A CG  1 
ATOM   571  C CD  . ARG A 1 76  ? -5.317  -10.160 -12.693 1.00 31.97 ? 76  ARG A CD  1 
ATOM   572  N NE  . ARG A 1 76  ? -6.578  -10.546 -12.079 1.00 39.31 ? 76  ARG A NE  1 
ATOM   573  C CZ  . ARG A 1 76  ? -7.721  -10.719 -12.727 1.00 47.31 ? 76  ARG A CZ  1 
ATOM   574  N NH1 . ARG A 1 76  ? -7.780  -10.561 -14.051 1.00 54.61 ? 76  ARG A NH1 1 
ATOM   575  N NH2 . ARG A 1 76  ? -8.809  -11.042 -12.034 1.00 54.72 ? 76  ARG A NH2 1 
ATOM   576  N N   . GLY A 1 77  ? -2.669  -5.231  -11.515 1.00 11.08 ? 77  GLY A N   1 
ATOM   577  C CA  . GLY A 1 77  ? -2.599  -3.822  -11.770 1.00 10.70 ? 77  GLY A CA  1 
ATOM   578  C C   . GLY A 1 77  ? -3.898  -3.077  -11.515 1.00 9.95  ? 77  GLY A C   1 
ATOM   579  O O   . GLY A 1 77  ? -3.986  -1.886  -11.820 1.00 11.27 ? 77  GLY A O   1 
ATOM   580  N N   . ASN A 1 78  ? -4.978  -3.713  -11.051 1.00 9.47  ? 78  ASN A N   1 
ATOM   581  C CA  . ASN A 1 78  ? -6.306  -3.058  -11.023 1.00 11.36 ? 78  ASN A CA  1 
ATOM   582  C C   . ASN A 1 78  ? -7.092  -3.264  -9.777  1.00 10.93 ? 78  ASN A C   1 
ATOM   583  O O   . ASN A 1 78  ? -8.249  -2.855  -9.668  1.00 11.51 ? 78  ASN A O   1 
ATOM   584  C CB  . ASN A 1 78  ? -7.160  -3.497  -12.241 1.00 13.19 ? 78  ASN A CB  1 
ATOM   585  C CG  . ASN A 1 78  ? -7.517  -4.955  -12.224 1.00 14.82 ? 78  ASN A CG  1 
ATOM   586  O OD1 . ASN A 1 78  ? -7.155  -5.685  -11.328 1.00 13.99 ? 78  ASN A OD1 1 
ATOM   587  N ND2 . ASN A 1 78  ? -8.309  -5.427  -13.251 1.00 16.62 ? 78  ASN A ND2 1 
ATOM   588  N N   . GLY A 1 79  ? -6.470  -3.895  -8.773  1.00 10.06 ? 79  GLY A N   1 
ATOM   589  C CA  . GLY A 1 79  ? -7.135  -4.179  -7.537  1.00 9.37  ? 79  GLY A CA  1 
ATOM   590  C C   . GLY A 1 79  ? -7.633  -5.601  -7.380  1.00 9.24  ? 79  GLY A C   1 
ATOM   591  O O   . GLY A 1 79  ? -7.936  -6.033  -6.269  1.00 10.06 ? 79  GLY A O   1 
ATOM   592  N N   . THR A 1 80  ? -7.642  -6.351  -8.490  1.00 9.64  ? 80  THR A N   1 
ATOM   593  C CA  . THR A 1 80  ? -8.086  -7.745  -8.418  1.00 11.48 ? 80  THR A CA  1 
ATOM   594  C C   . THR A 1 80  ? -6.983  -8.717  -8.166  1.00 11.04 ? 80  THR A C   1 
ATOM   595  O O   . THR A 1 80  ? -7.337  -9.918  -7.910  1.00 15.34 ? 80  THR A O   1 
ATOM   596  C CB  . THR A 1 80  ? -8.806  -8.186  -9.710  1.00 12.98 ? 80  THR A CB  1 
ATOM   597  O OG1 . THR A 1 80  ? -7.874  -8.251  -10.735 1.00 14.19 ? 80  THR A OG1 1 
ATOM   598  C CG2 . THR A 1 80  ? -10.029 -7.280  -10.044 1.00 13.14 ? 80  THR A CG2 1 
ATOM   599  N N   . GLY A 1 81  ? -5.737  -8.293  -8.012  1.00 11.28 ? 81  GLY A N   1 
ATOM   600  C CA  . GLY A 1 81  ? -4.659  -9.248  -7.777  1.00 10.94 ? 81  GLY A CA  1 
ATOM   601  C C   . GLY A 1 81  ? -3.963  -8.913  -6.470  1.00 10.72 ? 81  GLY A C   1 
ATOM   602  O O   . GLY A 1 81  ? -4.528  -8.463  -5.534  1.00 12.43 ? 81  GLY A O   1 
ATOM   603  N N   . GLY A 1 82  ? -2.711  -9.216  -6.526  1.00 9.94  ? 82  GLY A N   1 
ATOM   604  C CA  . GLY A 1 82  ? -1.817  -9.113  -5.368  1.00 10.37 ? 82  GLY A CA  1 
ATOM   605  C C   . GLY A 1 82  ? -1.669  -10.446 -4.594  1.00 9.43  ? 82  GLY A C   1 
ATOM   606  O O   . GLY A 1 82  ? -2.546  -11.286 -4.679  1.00 10.76 ? 82  GLY A O   1 
ATOM   607  N N   . GLU A 1 83  ? -0.570  -10.574 -3.895  1.00 8.74  ? 83  GLU A N   1 
ATOM   608  C CA  . GLU A 1 83  ? -0.307  -11.807 -3.109  1.00 8.35  ? 83  GLU A CA  1 
ATOM   609  C C   . GLU A 1 83  ? 0.848   -11.511 -2.155  1.00 7.24  ? 83  GLU A C   1 
ATOM   610  O O   . GLU A 1 83  ? 1.623   -10.561 -2.368  1.00 8.08  ? 83  GLU A O   1 
ATOM   611  C CB  . GLU A 1 83  ? 0.043   -13.014 -4.051  1.00 9.14  ? 83  GLU A CB  1 
ATOM   612  C CG  . GLU A 1 83  ? 1.225   -12.748 -4.953  1.00 11.76 ? 83  GLU A CG  1 
ATOM   613  C CD  . GLU A 1 83  ? 1.403   -14.007 -5.882  1.00 12.18 ? 83  GLU A CD  1 
ATOM   614  O OE1 . GLU A 1 83  ? 1.730   -13.906 -7.072  1.00 17.68 ? 83  GLU A OE1 1 
ATOM   615  O OE2 . GLU A 1 83  ? 1.374   -15.137 -5.308  1.00 17.07 ? 83  GLU A OE2 1 
ATOM   616  N N   . SER A 1 84  ? 0.926   -12.289 -1.126  1.00 7.20  ? 84  SER A N   1 
ATOM   617  C CA  . SER A 1 84  ? 1.927   -12.088 -0.085  1.00 7.15  ? 84  SER A CA  1 
ATOM   618  C C   . SER A 1 84  ? 3.133   -13.012 -0.245  1.00 7.06  ? 84  SER A C   1 
ATOM   619  O O   . SER A 1 84  ? 3.113   -13.997 -1.017  1.00 8.32  ? 84  SER A O   1 
ATOM   620  C CB  . SER A 1 84  ? 1.367   -12.283 1.295   1.00 7.08  ? 84  SER A CB  1 
ATOM   621  O OG  . SER A 1 84  ? 1.306   -13.660 1.700   1.00 7.74  ? 84  SER A OG  1 
ATOM   622  N N   . ILE A 1 85  ? 4.199   -12.793 0.548   1.00 7.03  ? 85  ILE A N   1 
ATOM   623  C CA  . ILE A 1 85  ? 5.328   -13.690 0.538   1.00 8.09  ? 85  ILE A CA  1 
ATOM   624  C C   . ILE A 1 85  ? 4.963   -15.011 1.224   1.00 8.84  ? 85  ILE A C   1 
ATOM   625  O O   . ILE A 1 85  ? 5.818   -15.978 1.145   1.00 9.90  ? 85  ILE A O   1 
ATOM   626  C CB  . ILE A 1 85  ? 6.533   -12.984 1.274   1.00 9.47  ? 85  ILE A CB  1 
ATOM   627  C CG1 . ILE A 1 85  ? 6.293   -12.863 2.783   1.00 8.83  ? 85  ILE A CG1 1 
ATOM   628  C CG2 . ILE A 1 85  ? 6.929   -11.701 0.551   1.00 10.09 ? 85  ILE A CG2 1 
ATOM   629  C CD1 . ILE A 1 85  ? 7.523   -12.472 3.632   1.00 10.19 ? 85  ILE A CD1 1 
ATOM   630  N N   . TYR A 1 86  ? 3.851   -15.126 1.842   1.00 8.73  ? 86  TYR A N   1 
ATOM   631  C CA  . TYR A 1 86  ? 3.448   -16.374 2.548   1.00 9.64  ? 86  TYR A CA  1 
ATOM   632  C C   . TYR A 1 86  ? 2.567   -17.262 1.676   1.00 11.21 ? 86  TYR A C   1 
ATOM   633  O O   . TYR A 1 86  ? 2.243   -18.435 2.069   1.00 12.56 ? 86  TYR A O   1 
ATOM   634  C CB  . TYR A 1 86  ? 2.668   -16.045 3.839   1.00 10.82 ? 86  TYR A CB  1 
ATOM   635  C CG  . TYR A 1 86  ? 3.411   -15.080 4.757   1.00 10.68 ? 86  TYR A CG  1 
ATOM   636  C CD1 . TYR A 1 86  ? 4.675   -15.346 5.234   1.00 11.71 ? 86  TYR A CD1 1 
ATOM   637  C CD2 . TYR A 1 86  ? 2.879   -13.831 5.054   1.00 8.60  ? 86  TYR A CD2 1 
ATOM   638  C CE1 . TYR A 1 86  ? 5.397   -14.475 6.017   1.00 11.57 ? 86  TYR A CE1 1 
ATOM   639  C CE2 . TYR A 1 86  ? 3.532   -12.928 5.882   1.00 8.36  ? 86  TYR A CE2 1 
ATOM   640  C CZ  . TYR A 1 86  ? 4.791   -13.224 6.354   1.00 9.99  ? 86  TYR A CZ  1 
ATOM   641  O OH  . TYR A 1 86  ? 5.525   -12.341 7.126   1.00 10.23 ? 86  TYR A OH  1 
ATOM   642  N N   . GLY A 1 87  ? 2.089   -16.722 0.547   1.00 11.48 ? 87  GLY A N   1 
ATOM   643  C CA  . GLY A 1 87  ? 0.982   -17.309 -0.290  1.00 12.67 ? 87  GLY A CA  1 
ATOM   644  C C   . GLY A 1 87  ? -0.057  -16.258 -0.606  1.00 13.45 ? 87  GLY A C   1 
ATOM   645  O O   . GLY A 1 87  ? 0.178   -15.020 -0.396  1.00 13.28 ? 87  GLY A O   1 
ATOM   646  N N   . GLU A 1 88  ? -1.119  -16.602 -1.311  1.00 12.57 ? 88  GLU A N   1 
ATOM   647  C CA  . GLU A 1 88  ? -2.025  -15.613 -1.859  1.00 13.88 ? 88  GLU A CA  1 
ATOM   648  C C   . GLU A 1 88  ? -2.535  -14.683 -0.779  1.00 12.59 ? 88  GLU A C   1 
ATOM   649  O O   . GLU A 1 88  ? -2.616  -13.396 -1.046  1.00 14.02 ? 88  GLU A O   1 
ATOM   650  C CB  . GLU A 1 88  ? -3.259  -16.299 -2.539  1.00 17.89 ? 88  GLU A CB  1 
ATOM   651  C CG  . GLU A 1 88  ? -2.934  -17.390 -3.552  1.00 30.58 ? 88  GLU A CG  1 
ATOM   652  C CD  . GLU A 1 88  ? -2.445  -16.810 -4.872  1.00 40.81 ? 88  GLU A CD  1 
ATOM   653  O OE1 . GLU A 1 88  ? -2.905  -17.311 -5.941  1.00 46.58 ? 88  GLU A OE1 1 
ATOM   654  O OE2 . GLU A 1 88  ? -1.592  -15.863 -4.862  1.00 41.72 ? 88  GLU A OE2 1 
ATOM   655  N N   . LYS A 1 89  ? -2.941  -15.216 0.396   1.00 10.20 ? 89  LYS A N   1 
ATOM   656  C CA  . LYS A 1 89  ? -3.488  -14.405 1.437   1.00 10.44 ? 89  LYS A CA  1 
ATOM   657  C C   . LYS A 1 89  ? -2.921  -14.765 2.794   1.00 10.02 ? 89  LYS A C   1 
ATOM   658  O O   . LYS A 1 89  ? -2.559  -15.978 2.992   1.00 12.54 ? 89  LYS A O   1 
ATOM   659  C CB  . LYS A 1 89  ? -5.005  -14.538 1.444   1.00 15.37 ? 89  LYS A CB  1 
ATOM   660  C CG  . LYS A 1 89  ? -5.669  -14.049 0.129   1.00 18.35 ? 89  LYS A CG  1 
ATOM   661  C CD  . LYS A 1 89  ? -5.029  -12.708 -0.421  1.00 22.89 ? 89  LYS A CD  1 
ATOM   662  C CE  . LYS A 1 89  ? -5.538  -12.246 -1.829  1.00 27.85 ? 89  LYS A CE  1 
ATOM   663  N NZ  . LYS A 1 89  ? -6.700  -12.947 -2.568  1.00 23.69 ? 89  LYS A NZ  1 
ATOM   664  N N   . PHE A 1 90  ? -2.923  -13.856 3.760   1.00 8.63  ? 90  PHE A N   1 
ATOM   665  C CA  . PHE A 1 90  ? -2.522  -14.129 5.111   1.00 8.38  ? 90  PHE A CA  1 
ATOM   666  C C   . PHE A 1 90  ? -3.410  -13.478 6.081   1.00 8.33  ? 90  PHE A C   1 
ATOM   667  O O   . PHE A 1 90  ? -4.141  -12.468 5.800   1.00 8.27  ? 90  PHE A O   1 
ATOM   668  C CB  . PHE A 1 90  ? -1.036  -13.925 5.375   1.00 8.71  ? 90  PHE A CB  1 
ATOM   669  C CG  . PHE A 1 90  ? -0.572  -12.463 5.385   1.00 7.41  ? 90  PHE A CG  1 
ATOM   670  C CD1 . PHE A 1 90  ? -0.338  -11.774 4.239   1.00 8.04  ? 90  PHE A CD1 1 
ATOM   671  C CD2 . PHE A 1 90  ? -0.294  -11.821 6.576   1.00 9.06  ? 90  PHE A CD2 1 
ATOM   672  C CE1 . PHE A 1 90  ? 0.134   -10.438 4.222   1.00 7.33  ? 90  PHE A CE1 1 
ATOM   673  C CE2 . PHE A 1 90  ? 0.146   -10.481 6.603   1.00 8.59  ? 90  PHE A CE2 1 
ATOM   674  C CZ  . PHE A 1 90  ? 0.396   -9.829  5.401   1.00 8.17  ? 90  PHE A CZ  1 
ATOM   675  N N   . ALA A 1 91  ? -3.406  -13.977 7.320   1.00 8.54  ? 91  ALA A N   1 
ATOM   676  C CA  . ALA A 1 91  ? -4.319  -13.579 8.358   1.00 8.28  ? 91  ALA A CA  1 
ATOM   677  C C   . ALA A 1 91  ? -4.076  -12.168 8.807   1.00 9.31  ? 91  ALA A C   1 
ATOM   678  O O   . ALA A 1 91  ? -2.941  -11.654 8.783   1.00 10.26 ? 91  ALA A O   1 
ATOM   679  C CB  . ALA A 1 91  ? -4.145  -14.510 9.547   1.00 11.74 ? 91  ALA A CB  1 
ATOM   680  N N   . ASP A 1 92  ? -5.100  -11.522 9.330   1.00 8.17  ? 92  ASP A N   1 
ATOM   681  C CA  . ASP A 1 92  ? -4.961  -10.282 10.067  1.00 7.96  ? 92  ASP A CA  1 
ATOM   682  C C   . ASP A 1 92  ? -4.201  -10.480 11.351  1.00 8.81  ? 92  ASP A C   1 
ATOM   683  O O   . ASP A 1 92  ? -4.627  -11.264 12.255  1.00 9.57  ? 92  ASP A O   1 
ATOM   684  C CB  . ASP A 1 92  ? -6.336  -9.690  10.416  1.00 7.97  ? 92  ASP A CB  1 
ATOM   685  C CG  . ASP A 1 92  ? -7.140  -9.287  9.152   1.00 8.33  ? 92  ASP A CG  1 
ATOM   686  O OD1 . ASP A 1 92  ? -6.548  -8.671  8.248   1.00 8.94  ? 92  ASP A OD1 1 
ATOM   687  O OD2 . ASP A 1 92  ? -8.363  -9.582  9.100   1.00 9.10  ? 92  ASP A OD2 1 
ATOM   688  N N   . GLU A 1 93  ? -3.038  -9.860  11.477  1.00 8.62  ? 93  GLU A N   1 
ATOM   689  C CA  . GLU A 1 93  ? -2.142  -10.198 12.566  1.00 8.64  ? 93  GLU A CA  1 
ATOM   690  C C   . GLU A 1 93  ? -2.647  -9.584  13.856  1.00 10.11 ? 93  GLU A C   1 
ATOM   691  O O   . GLU A 1 93  ? -2.862  -10.384 14.860  1.00 12.75 ? 93  GLU A O   1 
ATOM   692  C CB  . GLU A 1 93  ? -0.762  -9.572  12.221  1.00 8.28  ? 93  GLU A CB  1 
ATOM   693  C CG  . GLU A 1 93  ? 0.338   -9.901  13.218  1.00 7.94  ? 93  GLU A CG  1 
ATOM   694  C CD  . GLU A 1 93  ? 1.699   -9.429  12.730  1.00 7.41  ? 93  GLU A CD  1 
ATOM   695  O OE1 . GLU A 1 93  ? 1.802   -8.754  11.666  1.00 7.81  ? 93  GLU A OE1 1 
ATOM   696  O OE2 . GLU A 1 93  ? 2.711   -9.874  13.347  1.00 8.97  ? 93  GLU A OE2 1 
ATOM   697  N N   . LYS A 1 94  ? -2.800  -8.313  13.963  1.00 10.00 ? 94  LYS A N   1 
ATOM   698  C CA  . LYS A 1 94  ? -3.309  -7.612  15.173  1.00 13.54 ? 94  LYS A CA  1 
ATOM   699  C C   . LYS A 1 94  ? -3.804  -6.295  14.716  1.00 11.89 ? 94  LYS A C   1 
ATOM   700  O O   . LYS A 1 94  ? -3.211  -5.660  13.787  1.00 13.91 ? 94  LYS A O   1 
ATOM   701  C CB  . LYS A 1 94  ? -2.093  -7.274  16.110  1.00 17.78 ? 94  LYS A CB  1 
ATOM   702  C CG  . LYS A 1 94  ? -1.320  -8.406  16.662  1.00 25.75 ? 94  LYS A CG  1 
ATOM   703  C CD  . LYS A 1 94  ? -0.597  -7.929  17.908  1.00 27.53 ? 94  LYS A CD  1 
ATOM   704  C CE  . LYS A 1 94  ? -0.424  -9.120  18.825  1.00 29.70 ? 94  LYS A CE  1 
ATOM   705  N NZ  . LYS A 1 94  ? 0.691   -8.797  19.742  1.00 32.31 ? 94  LYS A NZ  1 
ATOM   706  N N   . PHE A 1 95  ? -4.859  -5.814  15.396  1.00 12.41 ? 95  PHE A N   1 
ATOM   707  C CA  . PHE A 1 95  ? -5.313  -4.466  15.194  1.00 12.33 ? 95  PHE A CA  1 
ATOM   708  C C   . PHE A 1 95  ? -4.924  -3.560  16.325  1.00 13.12 ? 95  PHE A C   1 
ATOM   709  O O   . PHE A 1 95  ? -5.756  -3.073  17.076  1.00 17.21 ? 95  PHE A O   1 
ATOM   710  C CB  . PHE A 1 95  ? -6.872  -4.463  15.029  1.00 12.58 ? 95  PHE A CB  1 
ATOM   711  C CG  . PHE A 1 95  ? -7.308  -5.287  13.899  1.00 10.50 ? 95  PHE A CG  1 
ATOM   712  C CD1 . PHE A 1 95  ? -7.352  -4.732  12.600  1.00 10.96 ? 95  PHE A CD1 1 
ATOM   713  C CD2 . PHE A 1 95  ? -7.691  -6.626  14.073  1.00 11.19 ? 95  PHE A CD2 1 
ATOM   714  C CE1 . PHE A 1 95  ? -7.731  -5.478  11.535  1.00 12.23 ? 95  PHE A CE1 1 
ATOM   715  C CE2 . PHE A 1 95  ? -8.107  -7.365  12.991  1.00 11.72 ? 95  PHE A CE2 1 
ATOM   716  C CZ  . PHE A 1 95  ? -8.124  -6.821  11.696  1.00 10.84 ? 95  PHE A CZ  1 
ATOM   717  N N   . VAL A 1 96  ? -3.642  -3.341  16.492  1.00 14.06 ? 96  VAL A N   1 
ATOM   718  C CA  . VAL A 1 96  ? -3.136  -2.588  17.592  1.00 14.37 ? 96  VAL A CA  1 
ATOM   719  C C   . VAL A 1 96  ? -2.976  -1.119  17.320  1.00 13.06 ? 96  VAL A C   1 
ATOM   720  O O   . VAL A 1 96  ? -2.913  -0.327  18.247  1.00 17.83 ? 96  VAL A O   1 
ATOM   721  C CB  . VAL A 1 96  ? -1.836  -3.334  18.057  1.00 19.86 ? 96  VAL A CB  1 
ATOM   722  C CG1 . VAL A 1 96  ? -0.719  -3.156  17.052  1.00 19.46 ? 96  VAL A CG1 1 
ATOM   723  C CG2 . VAL A 1 96  ? -1.355  -2.904  19.421  1.00 23.46 ? 96  VAL A CG2 1 
ATOM   724  N N   . HIS A 1 97  ? -2.948  -0.670  16.063  1.00 11.40 ? 97  HIS A N   1 
ATOM   725  C CA  . HIS A 1 97  ? -2.892  0.688   15.682  1.00 10.82 ? 97  HIS A CA  1 
ATOM   726  C C   . HIS A 1 97  ? -4.112  1.017   14.867  1.00 11.28 ? 97  HIS A C   1 
ATOM   727  O O   . HIS A 1 97  ? -4.637  0.217   14.106  1.00 13.11 ? 97  HIS A O   1 
ATOM   728  C CB  . HIS A 1 97  ? -1.642  1.009   14.826  1.00 11.40 ? 97  HIS A CB  1 
ATOM   729  C CG  . HIS A 1 97  ? -0.343  0.987   15.595  1.00 11.95 ? 97  HIS A CG  1 
ATOM   730  N ND1 . HIS A 1 97  ? -0.014  1.943   16.554  1.00 13.99 ? 97  HIS A ND1 1 
ATOM   731  C CD2 . HIS A 1 97  ? 0.721   0.110   15.527  1.00 11.65 ? 97  HIS A CD2 1 
ATOM   732  C CE1 . HIS A 1 97  ? 1.205   1.611   17.080  1.00 13.49 ? 97  HIS A CE1 1 
ATOM   733  N NE2 . HIS A 1 97  ? 1.663   0.505   16.460  1.00 13.12 ? 97  HIS A NE2 1 
ATOM   734  N N   . LYS A 1 98  ? -4.607  2.214   15.031  1.00 10.39 ? 98  LYS A N   1 
ATOM   735  C CA  . LYS A 1 98  ? -5.774  2.742   14.327  1.00 10.73 ? 98  LYS A CA  1 
ATOM   736  C C   . LYS A 1 98  ? -5.372  3.714   13.209  1.00 9.22  ? 98  LYS A C   1 
ATOM   737  O O   . LYS A 1 98  ? -4.217  4.144   13.074  1.00 9.24  ? 98  LYS A O   1 
ATOM   738  C CB  . LYS A 1 98  ? -6.752  3.335   15.324  1.00 11.89 ? 98  LYS A CB  1 
ATOM   739  C CG  . LYS A 1 98  ? -7.463  2.267   16.196  1.00 11.99 ? 98  LYS A CG  1 
ATOM   740  C CD  . LYS A 1 98  ? -8.392  2.962   17.231  1.00 15.67 ? 98  LYS A CD  1 
ATOM   741  C CE  . LYS A 1 98  ? -9.266  2.019   18.086  1.00 18.59 ? 98  LYS A CE  1 
ATOM   742  N NZ  . LYS A 1 98  ? -8.406  0.950   18.730  1.00 25.16 ? 98  LYS A NZ  1 
ATOM   743  N N   . HIS A 1 99  ? -6.326  4.139   12.398  1.00 9.91  ? 99  HIS A N   1 
ATOM   744  C CA  . HIS A 1 99  ? -6.035  4.991   11.218  1.00 8.84  ? 99  HIS A CA  1 
ATOM   745  C C   . HIS A 1 99  ? -6.161  6.405   11.619  1.00 9.81  ? 99  HIS A C   1 
ATOM   746  O O   . HIS A 1 99  ? -7.119  7.145   11.278  1.00 10.97 ? 99  HIS A O   1 
ATOM   747  C CB  . HIS A 1 99  ? -7.010  4.622   10.083  1.00 8.05  ? 99  HIS A CB  1 
ATOM   748  C CG  . HIS A 1 99  ? -6.958  3.164   9.666   1.00 7.75  ? 99  HIS A CG  1 
ATOM   749  N ND1 . HIS A 1 99  ? -7.509  2.187   10.307  1.00 7.99  ? 99  HIS A ND1 1 
ATOM   750  C CD2 . HIS A 1 99  ? -6.264  2.580   8.558   1.00 8.17  ? 99  HIS A CD2 1 
ATOM   751  C CE1 . HIS A 1 99  ? -7.210  0.991   9.623   1.00 7.55  ? 99  HIS A CE1 1 
ATOM   752  N NE2 . HIS A 1 99  ? -6.441  1.285   8.594   1.00 7.24  ? 99  HIS A NE2 1 
ATOM   753  N N   . THR A 1 100 ? -5.204  6.856   12.384  1.00 10.03 ? 100 THR A N   1 
ATOM   754  C CA  . THR A 1 100 ? -5.354  8.113   13.205  1.00 10.08 ? 100 THR A CA  1 
ATOM   755  C C   . THR A 1 100 ? -4.939  9.333   12.445  1.00 10.84 ? 100 THR A C   1 
ATOM   756  O O   . THR A 1 100 ? -5.414  10.466  12.845  1.00 14.44 ? 100 THR A O   1 
ATOM   757  C CB  . THR A 1 100 ? -4.467  7.998   14.449  1.00 9.60  ? 100 THR A CB  1 
ATOM   758  O OG1 . THR A 1 100 ? -3.111  7.631   14.038  1.00 11.55 ? 100 THR A OG1 1 
ATOM   759  C CG2 . THR A 1 100 ? -4.976  7.005   15.424  1.00 12.93 ? 100 THR A CG2 1 
ATOM   760  N N   . LYS A 1 101 ? -4.152  9.294   11.383  1.00 11.62 ? 101 LYS A N   1 
ATOM   761  C CA  . LYS A 1 101 ? -3.668  10.579  10.781  1.00 12.86 ? 101 LYS A CA  1 
ATOM   762  C C   . LYS A 1 101 ? -3.249  10.336  9.320   1.00 11.88 ? 101 LYS A C   1 
ATOM   763  O O   . LYS A 1 101 ? -3.029  9.159   8.875   1.00 10.39 ? 101 LYS A O   1 
ATOM   764  C CB  . LYS A 1 101 ? -2.442  11.075  11.527  1.00 15.27 ? 101 LYS A CB  1 
ATOM   765  C CG  . LYS A 1 101 ? -1.304  10.127  11.554  1.00 17.60 ? 101 LYS A CG  1 
ATOM   766  C CD  . LYS A 1 101 ? -0.122  10.842  12.166  1.00 19.25 ? 101 LYS A CD  1 
ATOM   767  C CE  . LYS A 1 101 ? 0.896   9.836   12.531  1.00 16.55 ? 101 LYS A CE  1 
ATOM   768  N NZ  . LYS A 1 101 ? 1.979   10.639  13.166  1.00 19.71 ? 101 LYS A NZ  1 
ATOM   769  N N   . PRO A 1 102 ? -3.128  11.428  8.517   1.00 11.60 ? 102 PRO A N   1 
ATOM   770  C CA  . PRO A 1 102 ? -2.518  11.278  7.183   1.00 11.63 ? 102 PRO A CA  1 
ATOM   771  C C   . PRO A 1 102 ? -1.128  10.659  7.342   1.00 11.51 ? 102 PRO A C   1 
ATOM   772  O O   . PRO A 1 102 ? -0.385  10.942  8.301   1.00 12.06 ? 102 PRO A O   1 
ATOM   773  C CB  . PRO A 1 102 ? -2.444  12.748  6.664   1.00 12.37 ? 102 PRO A CB  1 
ATOM   774  C CG  . PRO A 1 102 ? -3.444  13.521  7.595   1.00 14.61 ? 102 PRO A CG  1 
ATOM   775  C CD  . PRO A 1 102 ? -3.398  12.841  8.902   1.00 11.98 ? 102 PRO A CD  1 
ATOM   776  N N   . GLY A 1 103 ? -0.822  9.751   6.386   1.00 9.12  ? 103 GLY A N   1 
ATOM   777  C CA  . GLY A 1 103 ? 0.469   9.075   6.317   1.00 8.92  ? 103 GLY A CA  1 
ATOM   778  C C   . GLY A 1 103 ? 0.425   7.674   6.965   1.00 7.62  ? 103 GLY A C   1 
ATOM   779  O O   . GLY A 1 103 ? 1.390   6.956   6.788   1.00 7.92  ? 103 GLY A O   1 
ATOM   780  N N   . ILE A 1 104 ? -0.621  7.312   7.668   1.00 8.08  ? 104 ILE A N   1 
ATOM   781  C CA  . ILE A 1 104 ? -0.756  5.926   8.170   1.00 7.65  ? 104 ILE A CA  1 
ATOM   782  C C   . ILE A 1 104 ? -0.768  4.974   6.991   1.00 6.80  ? 104 ILE A C   1 
ATOM   783  O O   . ILE A 1 104 ? -1.495  5.179   5.968   1.00 7.04  ? 104 ILE A O   1 
ATOM   784  C CB  . ILE A 1 104 ? -2.007  5.778   9.025   1.00 8.35  ? 104 ILE A CB  1 
ATOM   785  C CG1 . ILE A 1 104 ? -1.776  6.458   10.430  1.00 9.42  ? 104 ILE A CG1 1 
ATOM   786  C CG2 . ILE A 1 104 ? -2.367  4.290   9.249   1.00 10.45 ? 104 ILE A CG2 1 
ATOM   787  C CD1 . ILE A 1 104 ? -0.748  5.779   11.280  1.00 12.51 ? 104 ILE A CD1 1 
ATOM   788  N N   . LEU A 1 105 ? -0.030  3.879   7.122   1.00 6.39  ? 105 LEU A N   1 
ATOM   789  C CA  . LEU A 1 105 ? 0.120   2.828   6.091   1.00 6.01  ? 105 LEU A CA  1 
ATOM   790  C C   . LEU A 1 105 ? -0.570  1.568   6.574   1.00 6.08  ? 105 LEU A C   1 
ATOM   791  O O   . LEU A 1 105 ? -0.309  1.109   7.734   1.00 6.24  ? 105 LEU A O   1 
ATOM   792  C CB  . LEU A 1 105 ? 1.601   2.600   5.892   1.00 7.37  ? 105 LEU A CB  1 
ATOM   793  C CG  . LEU A 1 105 ? 2.061   1.476   4.974   1.00 6.67  ? 105 LEU A CG  1 
ATOM   794  C CD1 . LEU A 1 105 ? 1.635   1.697   3.499   1.00 8.32  ? 105 LEU A CD1 1 
ATOM   795  C CD2 . LEU A 1 105 ? 3.573   1.341   5.070   1.00 8.87  ? 105 LEU A CD2 1 
ATOM   796  N N   . SER A 1 106 ? -1.483  1.013   5.793   1.00 5.99  ? 106 SER A N   1 
ATOM   797  C CA  . SER A 1 106 ? -2.364  -0.027  6.244   1.00 6.18  ? 106 SER A CA  1 
ATOM   798  C C   . SER A 1 106 ? -2.607  -1.011  5.097   1.00 5.52  ? 106 SER A C   1 
ATOM   799  O O   . SER A 1 106 ? -2.436  -0.678  3.912   1.00 6.05  ? 106 SER A O   1 
ATOM   800  C CB  . SER A 1 106 ? -3.663  0.637   6.770   1.00 6.83  ? 106 SER A CB  1 
ATOM   801  O OG  . SER A 1 106 ? -4.518  -0.341  7.296   1.00 7.06  ? 106 SER A OG  1 
ATOM   802  N N   . MET A 1 107 ? -3.044  -2.221  5.441   1.00 5.50  ? 107 MET A N   1 
ATOM   803  C CA  . MET A 1 107 ? -3.301  -3.277  4.417   1.00 5.93  ? 107 MET A CA  1 
ATOM   804  C C   . MET A 1 107 ? -4.696  -3.146  3.833   1.00 5.99  ? 107 MET A C   1 
ATOM   805  O O   . MET A 1 107 ? -5.708  -3.098  4.584   1.00 7.08  ? 107 MET A O   1 
ATOM   806  C CB  . MET A 1 107 ? -3.150  -4.618  5.005   1.00 6.39  ? 107 MET A CB  1 
ATOM   807  C CG  . MET A 1 107 ? -1.736  -5.007  5.404   1.00 6.80  ? 107 MET A CG  1 
ATOM   808  S SD  . MET A 1 107 ? -0.550  -4.906  3.984   1.00 6.81  ? 107 MET A SD  1 
ATOM   809  C CE  . MET A 1 107 ? -0.993  -6.362  3.023   1.00 8.68  ? 107 MET A CE  1 
ATOM   810  N N   . ALA A 1 108 ? -4.767  -3.108  2.509   1.00 5.67  ? 108 ALA A N   1 
ATOM   811  C CA  . ALA A 1 108 ? -6.044  -3.320  1.806   1.00 5.96  ? 108 ALA A CA  1 
ATOM   812  C C   . ALA A 1 108 ? -6.418  -4.824  1.919   1.00 6.34  ? 108 ALA A C   1 
ATOM   813  O O   . ALA A 1 108 ? -5.550  -5.669  2.169   1.00 7.03  ? 108 ALA A O   1 
ATOM   814  C CB  . ALA A 1 108 ? -5.917  -2.910  0.336   1.00 6.31  ? 108 ALA A CB  1 
ATOM   815  N N   . ASN A 1 109 ? -7.681  -5.166  1.786   1.00 7.00  ? 109 ASN A N   1 
ATOM   816  C CA  . ASN A 1 109 ? -8.054  -6.556  1.825   1.00 7.27  ? 109 ASN A CA  1 
ATOM   817  C C   . ASN A 1 109 ? -9.393  -6.770  1.143   1.00 7.68  ? 109 ASN A C   1 
ATOM   818  O O   . ASN A 1 109 ? -9.942  -5.851  0.538   1.00 9.09  ? 109 ASN A O   1 
ATOM   819  C CB  . ASN A 1 109 ? -8.033  -7.085  3.264   1.00 6.84  ? 109 ASN A CB  1 
ATOM   820  C CG  . ASN A 1 109 ? -8.991  -6.320  4.166   1.00 7.75  ? 109 ASN A CG  1 
ATOM   821  O OD1 . ASN A 1 109 ? -10.173 -6.130  3.764   1.00 8.84  ? 109 ASN A OD1 1 
ATOM   822  N ND2 . ASN A 1 109 ? -8.579  -5.894  5.339   1.00 8.05  ? 109 ASN A ND2 1 
ATOM   823  N N   . ALA A 1 110 ? -9.884  -7.979  1.166   1.00 8.45  ? 110 ALA A N   1 
ATOM   824  C CA  . ALA A 1 110 ? -11.234 -8.319  0.667   1.00 9.44  ? 110 ALA A CA  1 
ATOM   825  C C   . ALA A 1 110 ? -12.037 -8.978  1.789   1.00 9.81  ? 110 ALA A C   1 
ATOM   826  O O   . ALA A 1 110 ? -12.792 -9.917  1.566   1.00 11.46 ? 110 ALA A O   1 
ATOM   827  C CB  . ALA A 1 110 ? -11.188 -9.176  -0.629  1.00 11.92 ? 110 ALA A CB  1 
ATOM   828  N N   . GLY A 1 111 ? -11.950 -8.435  2.996   1.00 9.98  ? 111 GLY A N   1 
ATOM   829  C CA  . GLY A 1 111 ? -12.623 -8.996  4.157   1.00 10.24 ? 111 GLY A CA  1 
ATOM   830  C C   . GLY A 1 111 ? -11.612 -9.608  5.118   1.00 9.79  ? 111 GLY A C   1 
ATOM   831  O O   . GLY A 1 111 ? -10.364 -9.454  4.896   1.00 9.37  ? 111 GLY A O   1 
ATOM   832  N N   . PRO A 1 112 ? -12.052 -10.232 6.208   1.00 10.18 ? 112 PRO A N   1 
ATOM   833  C CA  . PRO A 1 112 ? -11.129 -10.702 7.265   1.00 9.92  ? 112 PRO A CA  1 
ATOM   834  C C   . PRO A 1 112 ? -10.175 -11.701 6.691   1.00 9.78  ? 112 PRO A C   1 
ATOM   835  O O   . PRO A 1 112 ? -10.479 -12.571 5.879   1.00 10.92 ? 112 PRO A O   1 
ATOM   836  C CB  . PRO A 1 112 ? -12.121 -11.299 8.252   1.00 11.97 ? 112 PRO A CB  1 
ATOM   837  C CG  . PRO A 1 112 ? -13.398 -10.506 8.081   1.00 14.49 ? 112 PRO A CG  1 
ATOM   838  C CD  . PRO A 1 112 ? -13.509 -10.304 6.590   1.00 11.82 ? 112 PRO A CD  1 
ATOM   839  N N   . ASN A 1 113 ? -8.895  -11.560 7.114   1.00 9.23  ? 113 ASN A N   1 
ATOM   840  C CA  . ASN A 1 113 ? -7.877  -12.538 6.808   1.00 9.63  ? 113 ASN A CA  1 
ATOM   841  C C   . ASN A 1 113 ? -7.648  -12.789 5.348   1.00 8.51  ? 113 ASN A C   1 
ATOM   842  O O   . ASN A 1 113 ? -7.455  -13.894 4.880   1.00 10.66 ? 113 ASN A O   1 
ATOM   843  C CB  . ASN A 1 113 ? -8.120  -13.907 7.577   1.00 11.33 ? 113 ASN A CB  1 
ATOM   844  C CG  . ASN A 1 113 ? -8.305  -13.671 9.058   1.00 12.55 ? 113 ASN A CG  1 
ATOM   845  O OD1 . ASN A 1 113 ? -7.450  -13.126 9.686   1.00 12.11 ? 113 ASN A OD1 1 
ATOM   846  N ND2 . ASN A 1 113 ? -9.491  -14.008 9.600   1.00 14.34 ? 113 ASN A ND2 1 
ATOM   847  N N   . THR A 1 114 ? -7.538  -11.678 4.574   1.00 8.98  ? 114 THR A N   1 
ATOM   848  C CA  . THR A 1 114 ? -7.267  -11.726 3.148   1.00 9.11  ? 114 THR A CA  1 
ATOM   849  C C   . THR A 1 114 ? -6.173  -10.765 2.757   1.00 7.88  ? 114 THR A C   1 
ATOM   850  O O   . THR A 1 114 ? -6.189  -10.238 1.666   1.00 9.66  ? 114 THR A O   1 
ATOM   851  C CB  . THR A 1 114 ? -8.580  -11.478 2.346   1.00 9.53  ? 114 THR A CB  1 
ATOM   852  O OG1 . THR A 1 114 ? -9.116  -10.209 2.626   1.00 8.92  ? 114 THR A OG1 1 
ATOM   853  C CG2 . THR A 1 114 ? -9.616  -12.640 2.571   1.00 10.77 ? 114 THR A CG2 1 
ATOM   854  N N   . ASN A 1 115 ? -5.206  -10.539 3.597   1.00 8.23  ? 115 ASN A N   1 
ATOM   855  C CA  . ASN A 1 115 ? -4.063  -9.631  3.256   1.00 7.23  ? 115 ASN A CA  1 
ATOM   856  C C   . ASN A 1 115 ? -3.247  -10.275 2.142   1.00 6.92  ? 115 ASN A C   1 
ATOM   857  O O   . ASN A 1 115 ? -2.969  -11.481 2.215   1.00 8.16  ? 115 ASN A O   1 
ATOM   858  C CB  . ASN A 1 115 ? -3.187  -9.404  4.483   1.00 7.10  ? 115 ASN A CB  1 
ATOM   859  C CG  . ASN A 1 115 ? -3.977  -8.767  5.566   1.00 6.52  ? 115 ASN A CG  1 
ATOM   860  O OD1 . ASN A 1 115 ? -4.269  -7.581  5.459   1.00 7.45  ? 115 ASN A OD1 1 
ATOM   861  N ND2 . ASN A 1 115 ? -4.313  -9.538  6.637   1.00 7.20  ? 115 ASN A ND2 1 
ATOM   862  N N   . GLY A 1 116 ? -2.795  -9.469  1.171   1.00 6.40  ? 116 GLY A N   1 
ATOM   863  C CA  . GLY A 1 116 ? -1.925  -9.928  0.092   1.00 6.42  ? 116 GLY A CA  1 
ATOM   864  C C   . GLY A 1 116 ? -0.713  -9.041  0.017   1.00 5.79  ? 116 GLY A C   1 
ATOM   865  O O   . GLY A 1 116 ? 0.158   -9.030  0.880   1.00 6.68  ? 116 GLY A O   1 
ATOM   866  N N   . SER A 1 117 ? -0.755  -8.176  -1.024  1.00 5.74  ? 117 SER A N   1 
ATOM   867  C CA  . SER A 1 117 ? 0.251   -7.148  -1.198  1.00 6.36  ? 117 SER A CA  1 
ATOM   868  C C   . SER A 1 117 ? -0.336  -5.759  -1.282  1.00 5.25  ? 117 SER A C   1 
ATOM   869  O O   . SER A 1 117 ? 0.435   -4.781  -1.155  1.00 6.01  ? 117 SER A O   1 
ATOM   870  C CB  . SER A 1 117 ? 1.038   -7.431  -2.469  1.00 6.61  ? 117 SER A CB  1 
ATOM   871  O OG  . SER A 1 117 ? 0.168   -7.552  -3.589  1.00 6.76  ? 117 SER A OG  1 
ATOM   872  N N   . GLN A 1 118 ? -1.618  -5.593  -1.525  1.00 5.67  ? 118 GLN A N   1 
ATOM   873  C CA  . GLN A 1 118 ? -2.160  -4.225  -1.650  1.00 5.40  ? 118 GLN A CA  1 
ATOM   874  C C   . GLN A 1 118 ? -2.207  -3.518  -0.326  1.00 5.37  ? 118 GLN A C   1 
ATOM   875  O O   . GLN A 1 118 ? -2.439  -4.134  0.736   1.00 5.97  ? 118 GLN A O   1 
ATOM   876  C CB  . GLN A 1 118 ? -3.566  -4.327  -2.282  1.00 5.59  ? 118 GLN A CB  1 
ATOM   877  C CG  . GLN A 1 118 ? -3.538  -4.757  -3.717  1.00 6.84  ? 118 GLN A CG  1 
ATOM   878  C CD  . GLN A 1 118 ? -4.901  -4.661  -4.330  1.00 6.79  ? 118 GLN A CD  1 
ATOM   879  O OE1 . GLN A 1 118 ? -5.533  -3.603  -4.306  1.00 7.48  ? 118 GLN A OE1 1 
ATOM   880  N NE2 . GLN A 1 118 ? -5.372  -5.794  -4.832  1.00 7.68  ? 118 GLN A NE2 1 
ATOM   881  N N   . PHE A 1 119 ? -1.972  -2.221  -0.373  1.00 5.34  ? 119 PHE A N   1 
ATOM   882  C CA  . PHE A 1 119 ? -1.844  -1.387  0.801   1.00 5.32  ? 119 PHE A CA  1 
ATOM   883  C C   . PHE A 1 119 ? -2.439  -0.045  0.462   1.00 5.48  ? 119 PHE A C   1 
ATOM   884  O O   . PHE A 1 119 ? -2.730  0.277   -0.733  1.00 5.07  ? 119 PHE A O   1 
ATOM   885  C CB  . PHE A 1 119 ? -0.345  -1.203  1.161   1.00 5.82  ? 119 PHE A CB  1 
ATOM   886  C CG  . PHE A 1 119 ? 0.435   -0.509  0.100   1.00 6.09  ? 119 PHE A CG  1 
ATOM   887  C CD1 . PHE A 1 119 ? 0.543   0.883   0.055   1.00 6.89  ? 119 PHE A CD1 1 
ATOM   888  C CD2 . PHE A 1 119 ? 1.067   -1.223  -0.940  1.00 6.41  ? 119 PHE A CD2 1 
ATOM   889  C CE1 . PHE A 1 119 ? 1.168   1.509   -0.965  1.00 8.30  ? 119 PHE A CE1 1 
ATOM   890  C CE2 . PHE A 1 119 ? 1.716   -0.597  -1.962  1.00 6.50  ? 119 PHE A CE2 1 
ATOM   891  C CZ  . PHE A 1 119 ? 1.754   0.780   -2.018  1.00 8.31  ? 119 PHE A CZ  1 
ATOM   892  N N   . PHE A 1 120 ? -2.602  0.822   1.494   1.00 5.49  ? 120 PHE A N   1 
ATOM   893  C CA  . PHE A 1 120 ? -2.992  2.177   1.259   1.00 5.86  ? 120 PHE A CA  1 
ATOM   894  C C   . PHE A 1 120 ? -2.301  3.057   2.236   1.00 5.44  ? 120 PHE A C   1 
ATOM   895  O O   . PHE A 1 120 ? -1.888  2.668   3.348   1.00 6.11  ? 120 PHE A O   1 
ATOM   896  C CB  . PHE A 1 120 ? -4.560  2.378   1.286   1.00 6.04  ? 120 PHE A CB  1 
ATOM   897  C CG  . PHE A 1 120 ? -5.201  1.986   2.591   1.00 6.94  ? 120 PHE A CG  1 
ATOM   898  C CD1 . PHE A 1 120 ? -5.445  0.635   2.890   1.00 7.96  ? 120 PHE A CD1 1 
ATOM   899  C CD2 . PHE A 1 120 ? -5.635  2.994   3.495   1.00 7.28  ? 120 PHE A CD2 1 
ATOM   900  C CE1 . PHE A 1 120 ? -6.119  0.316   4.080   1.00 7.64  ? 120 PHE A CE1 1 
ATOM   901  C CE2 . PHE A 1 120 ? -6.250  2.673   4.694   1.00 7.64  ? 120 PHE A CE2 1 
ATOM   902  C CZ  . PHE A 1 120 ? -6.522  1.329   4.990   1.00 8.75  ? 120 PHE A CZ  1 
ATOM   903  N N   . ILE A 1 121 ? -2.180  4.304   1.825   1.00 6.40  ? 121 ILE A N   1 
ATOM   904  C CA  . ILE A 1 121 ? -1.647  5.428   2.662   1.00 6.93  ? 121 ILE A CA  1 
ATOM   905  C C   . ILE A 1 121 ? -2.823  6.354   2.849   1.00 6.83  ? 121 ILE A C   1 
ATOM   906  O O   . ILE A 1 121 ? -3.341  6.956   1.904   1.00 7.25  ? 121 ILE A O   1 
ATOM   907  C CB  . ILE A 1 121 ? -0.456  6.132   1.997   1.00 7.11  ? 121 ILE A CB  1 
ATOM   908  C CG1 . ILE A 1 121 ? 0.698   5.162   1.772   1.00 7.73  ? 121 ILE A CG1 1 
ATOM   909  C CG2 . ILE A 1 121 ? -0.006  7.292   2.890   1.00 7.97  ? 121 ILE A CG2 1 
ATOM   910  C CD1 . ILE A 1 121 ? 1.838   5.655   0.947   1.00 9.31  ? 121 ILE A CD1 1 
ATOM   911  N N   . CYS A 1 122 ? -3.225  6.542   4.097   1.00 7.31  ? 122 CYS A N   1 
ATOM   912  C CA  . CYS A 1 122 ? -4.314  7.471   4.413   1.00 8.65  ? 122 CYS A CA  1 
ATOM   913  C C   . CYS A 1 122 ? -3.862  8.882   4.151   1.00 7.96  ? 122 CYS A C   1 
ATOM   914  O O   . CYS A 1 122 ? -2.737  9.300   4.424   1.00 8.99  ? 122 CYS A O   1 
ATOM   915  C CB  . CYS A 1 122 ? -4.620  7.427   5.922   1.00 9.28  ? 122 CYS A CB  1 
ATOM   916  S SG  . CYS A 1 122 ? -5.241  5.809   6.458   1.00 10.53 ? 122 CYS A SG  1 
ATOM   917  N N   . THR A 1 123 ? -4.803  9.716   3.653   1.00 8.62  ? 123 THR A N   1 
ATOM   918  C CA  . THR A 1 123 ? -4.526  11.181  3.498   1.00 10.21 ? 123 THR A CA  1 
ATOM   919  C C   . THR A 1 123 ? -5.454  11.961  4.441   1.00 12.68 ? 123 THR A C   1 
ATOM   920  O O   . THR A 1 123 ? -5.322  13.217  4.457   1.00 14.31 ? 123 THR A O   1 
ATOM   921  C CB  . THR A 1 123 ? -4.748  11.646  2.046   1.00 11.90 ? 123 THR A CB  1 
ATOM   922  O OG1 . THR A 1 123 ? -6.055  11.403  1.628   1.00 12.84 ? 123 THR A OG1 1 
ATOM   923  C CG2 . THR A 1 123 ? -3.735  11.051  1.142   1.00 11.77 ? 123 THR A CG2 1 
ATOM   924  N N   . VAL A 1 124 ? -6.285  11.260  5.222   1.00 11.72 ? 124 VAL A N   1 
ATOM   925  C CA  . VAL A 1 124 ? -7.174  11.835  6.298   1.00 11.26 ? 124 VAL A CA  1 
ATOM   926  C C   . VAL A 1 124 ? -7.233  10.730  7.333   1.00 12.97 ? 124 VAL A C   1 
ATOM   927  O O   . VAL A 1 124 ? -6.976  9.558   7.085   1.00 11.42 ? 124 VAL A O   1 
ATOM   928  C CB  . VAL A 1 124 ? -8.616  12.154  5.749   1.00 13.67 ? 124 VAL A CB  1 
ATOM   929  C CG1 . VAL A 1 124 ? -8.553  13.240  4.647   1.00 15.62 ? 124 VAL A CG1 1 
ATOM   930  C CG2 . VAL A 1 124 ? -9.317  10.946  5.269   1.00 13.26 ? 124 VAL A CG2 1 
ATOM   931  N N   . PRO A 1 125 ? -7.596  11.056  8.576   1.00 11.90 ? 125 PRO A N   1 
ATOM   932  C CA  . PRO A 1 125 ? -7.987  10.008  9.541   1.00 11.38 ? 125 PRO A CA  1 
ATOM   933  C C   . PRO A 1 125 ? -9.142  9.205   9.036   1.00 11.55 ? 125 PRO A C   1 
ATOM   934  O O   . PRO A 1 125 ? -10.121 9.879   8.571   1.00 12.07 ? 125 PRO A O   1 
ATOM   935  C CB  . PRO A 1 125 ? -8.330  10.811  10.867  1.00 12.55 ? 125 PRO A CB  1 
ATOM   936  C CG  . PRO A 1 125 ? -7.581  12.100  10.675  1.00 13.53 ? 125 PRO A CG  1 
ATOM   937  C CD  . PRO A 1 125 ? -7.769  12.433  9.169   1.00 12.30 ? 125 PRO A CD  1 
ATOM   938  N N   . CYS A 1 126 ? -9.142  7.832   9.148   1.00 11.54 ? 126 CYS A N   1 
ATOM   939  C CA  . CYS A 1 126 ? -10.132 6.938   8.589   1.00 12.69 ? 126 CYS A CA  1 
ATOM   940  C C   . CYS A 1 126 ? -10.604 5.995   9.696   1.00 11.86 ? 126 CYS A C   1 
ATOM   941  O O   . CYS A 1 126 ? -10.412 4.805   9.607   1.00 12.00 ? 126 CYS A O   1 
ATOM   942  C CB  . CYS A 1 126 ? -9.507  6.090   7.411   1.00 11.94 ? 126 CYS A CB  1 
ATOM   943  S SG  . CYS A 1 126 ? -9.047  7.078   5.970   1.00 12.70 ? 126 CYS A SG  1 
ATOM   944  N N   . ASN A 1 127 ? -11.367 6.519   10.710  1.00 12.58 ? 127 ASN A N   1 
ATOM   945  C CA  . ASN A 1 127 ? -11.675 5.674   11.813  1.00 12.78 ? 127 ASN A CA  1 
ATOM   946  C C   . ASN A 1 127 ? -12.651 4.594   11.495  1.00 12.31 ? 127 ASN A C   1 
ATOM   947  O O   . ASN A 1 127 ? -12.685 3.596   12.171  1.00 11.83 ? 127 ASN A O   1 
ATOM   948  C CB  . ASN A 1 127 ? -12.168 6.457   13.041  1.00 14.46 ? 127 ASN A CB  1 
ATOM   949  C CG  . ASN A 1 127 ? -13.499 7.187   12.822  1.00 17.05 ? 127 ASN A CG  1 
ATOM   950  O OD1 . ASN A 1 127 ? -14.253 7.014   11.848  1.00 19.89 ? 127 ASN A OD1 1 
ATOM   951  N ND2 . ASN A 1 127 ? -13.809 8.082   13.780  1.00 20.95 ? 127 ASN A ND2 1 
ATOM   952  N N   . TRP A 1 128 ? -13.385 4.689   10.375  1.00 10.88 ? 128 TRP A N   1 
ATOM   953  C CA  . TRP A 1 128 ? -14.300 3.705   10.006  1.00 12.17 ? 128 TRP A CA  1 
ATOM   954  C C   . TRP A 1 128 ? -13.579 2.434   9.504   1.00 9.58  ? 128 TRP A C   1 
ATOM   955  O O   . TRP A 1 128 ? -14.164 1.381   9.318   1.00 11.36 ? 128 TRP A O   1 
ATOM   956  C CB  . TRP A 1 128 ? -15.239 4.170   8.918   1.00 11.84 ? 128 TRP A CB  1 
ATOM   957  C CG  . TRP A 1 128 ? -14.563 4.680   7.639   1.00 10.96 ? 128 TRP A CG  1 
ATOM   958  C CD1 . TRP A 1 128 ? -14.358 3.974   6.457   1.00 10.18 ? 128 TRP A CD1 1 
ATOM   959  C CD2 . TRP A 1 128 ? -13.989 5.966   7.426   1.00 10.94 ? 128 TRP A CD2 1 
ATOM   960  N NE1 . TRP A 1 128 ? -13.684 4.734   5.552   1.00 11.43 ? 128 TRP A NE1 1 
ATOM   961  C CE2 . TRP A 1 128 ? -13.450 5.970   6.072   1.00 10.21 ? 128 TRP A CE2 1 
ATOM   962  C CE3 . TRP A 1 128 ? -13.921 7.138   8.143   1.00 10.69 ? 128 TRP A CE3 1 
ATOM   963  C CZ2 . TRP A 1 128 ? -12.825 7.086   5.521   1.00 11.50 ? 128 TRP A CZ2 1 
ATOM   964  C CZ3 . TRP A 1 128 ? -13.341 8.290   7.586   1.00 12.15 ? 128 TRP A CZ3 1 
ATOM   965  C CH2 . TRP A 1 128 ? -12.796 8.273   6.254   1.00 11.98 ? 128 TRP A CH2 1 
ATOM   966  N N   . LEU A 1 129 ? -12.238 2.575   9.256   1.00 9.63  ? 129 LEU A N   1 
ATOM   967  C CA  . LEU A 1 129 ? -11.407 1.413   8.871   1.00 9.34  ? 129 LEU A CA  1 
ATOM   968  C C   . LEU A 1 129 ? -10.820 0.643   10.045  1.00 9.13  ? 129 LEU A C   1 
ATOM   969  O O   . LEU A 1 129 ? -10.271 -0.451  9.900   1.00 8.73  ? 129 LEU A O   1 
ATOM   970  C CB  . LEU A 1 129 ? -10.356 1.807   7.843   1.00 9.89  ? 129 LEU A CB  1 
ATOM   971  C CG  . LEU A 1 129 ? -10.902 2.509   6.577   1.00 9.85  ? 129 LEU A CG  1 
ATOM   972  C CD1 . LEU A 1 129 ? -9.726  2.830   5.674   1.00 11.62 ? 129 LEU A CD1 1 
ATOM   973  C CD2 . LEU A 1 129 ? -11.831 1.531   5.899   1.00 11.56 ? 129 LEU A CD2 1 
ATOM   974  N N   . ASP A 1 130 ? -10.917 1.225   11.265  1.00 9.16  ? 130 ASP A N   1 
ATOM   975  C CA  . ASP A 1 130 ? -10.330 0.598   12.421  1.00 9.29  ? 130 ASP A CA  1 
ATOM   976  C C   . ASP A 1 130 ? -10.971 -0.732  12.699  1.00 9.82  ? 130 ASP A C   1 
ATOM   977  O O   . ASP A 1 130 ? -12.163 -0.915  12.536  1.00 11.40 ? 130 ASP A O   1 
ATOM   978  C CB  . ASP A 1 130 ? -10.523 1.511   13.629  1.00 9.54  ? 130 ASP A CB  1 
ATOM   979  C CG  . ASP A 1 130 ? -9.814  2.799   13.515  1.00 10.09 ? 130 ASP A CG  1 
ATOM   980  O OD1 . ASP A 1 130 ? -8.809  2.950   12.666  1.00 10.83 ? 130 ASP A OD1 1 
ATOM   981  O OD2 . ASP A 1 130 ? -10.062 3.797   14.303  1.00 13.74 ? 130 ASP A OD2 1 
ATOM   982  N N   . GLY A 1 131 ? -10.113 -1.741  13.002  1.00 10.12 ? 131 GLY A N   1 
ATOM   983  C CA  . GLY A 1 131 ? -10.619 -3.075  13.240  1.00 9.87  ? 131 GLY A CA  1 
ATOM   984  C C   . GLY A 1 131 ? -10.823 -3.903  12.003  1.00 9.47  ? 131 GLY A C   1 
ATOM   985  O O   . GLY A 1 131 ? -11.080 -5.083  12.106  1.00 9.99  ? 131 GLY A O   1 
ATOM   986  N N   . LYS A 1 132 ? -10.698 -3.263  10.814  1.00 9.18  ? 132 LYS A N   1 
ATOM   987  C CA  . LYS A 1 132 ? -10.947 -3.984  9.518   1.00 9.32  ? 132 LYS A CA  1 
ATOM   988  C C   . LYS A 1 132 ? -9.658  -4.082  8.660   1.00 8.55  ? 132 LYS A C   1 
ATOM   989  O O   . LYS A 1 132 ? -9.595  -4.962  7.834   1.00 8.45  ? 132 LYS A O   1 
ATOM   990  C CB  . LYS A 1 132 ? -12.056 -3.342  8.724   1.00 10.71 ? 132 LYS A CB  1 
ATOM   991  C CG  . LYS A 1 132 ? -13.437 -3.456  9.434   1.00 13.72 ? 132 LYS A CG  1 
ATOM   992  C CD  . LYS A 1 132 ? -14.486 -2.534  8.768   1.00 20.33 ? 132 LYS A CD  1 
ATOM   993  C CE  . LYS A 1 132 ? -15.680 -2.082  9.611   1.00 26.59 ? 132 LYS A CE  1 
ATOM   994  N NZ  . LYS A 1 132 ? -15.270 -0.969  10.519  1.00 32.86 ? 132 LYS A NZ  1 
ATOM   995  N N   . HIS A 1 133 ? -8.728  -3.172  8.876   1.00 8.02  ? 133 HIS A N   1 
ATOM   996  C CA  . HIS A 1 133 ? -7.455  -3.153  8.112   1.00 7.17  ? 133 HIS A CA  1 
ATOM   997  C C   . HIS A 1 133 ? -6.310  -3.023  9.071   1.00 7.24  ? 133 HIS A C   1 
ATOM   998  O O   . HIS A 1 133 ? -6.372  -2.219  10.023  1.00 8.20  ? 133 HIS A O   1 
ATOM   999  C CB  . HIS A 1 133 ? -7.439  -1.894  7.167   1.00 7.79  ? 133 HIS A CB  1 
ATOM   1000 C CG  . HIS A 1 133 ? -8.563  -2.020  6.166   1.00 7.95  ? 133 HIS A CG  1 
ATOM   1001 N ND1 . HIS A 1 133 ? -8.418  -2.652  5.003   1.00 7.11  ? 133 HIS A ND1 1 
ATOM   1002 C CD2 . HIS A 1 133 ? -9.908  -1.723  6.278   1.00 7.90  ? 133 HIS A CD2 1 
ATOM   1003 C CE1 . HIS A 1 133 ? -9.641  -2.777  4.370   1.00 8.60  ? 133 HIS A CE1 1 
ATOM   1004 N NE2 . HIS A 1 133 ? -10.552 -2.147  5.170   1.00 7.76  ? 133 HIS A NE2 1 
ATOM   1005 N N   . VAL A 1 134 ? -5.310  -3.860  8.865   1.00 6.75  ? 134 VAL A N   1 
ATOM   1006 C CA  . VAL A 1 134 ? -4.140  -3.892  9.764   1.00 6.31  ? 134 VAL A CA  1 
ATOM   1007 C C   . VAL A 1 134 ? -3.192  -2.744  9.422   1.00 5.89  ? 134 VAL A C   1 
ATOM   1008 O O   . VAL A 1 134 ? -2.545  -2.729  8.323   1.00 6.71  ? 134 VAL A O   1 
ATOM   1009 C CB  . VAL A 1 134 ? -3.437  -5.207  9.706   1.00 6.70  ? 134 VAL A CB  1 
ATOM   1010 C CG1 . VAL A 1 134 ? -2.122  -5.222  10.499  1.00 7.11  ? 134 VAL A CG1 1 
ATOM   1011 C CG2 . VAL A 1 134 ? -4.340  -6.382  10.182  1.00 7.45  ? 134 VAL A CG2 1 
ATOM   1012 N N   . VAL A 1 135 ? -3.024  -1.809  10.345  1.00 6.07  ? 135 VAL A N   1 
ATOM   1013 C CA  . VAL A 1 135 ? -2.056  -0.719  10.249  1.00 6.85  ? 135 VAL A CA  1 
ATOM   1014 C C   . VAL A 1 135 ? -0.684  -1.216  10.600  1.00 6.64  ? 135 VAL A C   1 
ATOM   1015 O O   . VAL A 1 135 ? -0.501  -1.883  11.661  1.00 6.84  ? 135 VAL A O   1 
ATOM   1016 C CB  . VAL A 1 135 ? -2.483  0.409   11.200  1.00 6.65  ? 135 VAL A CB  1 
ATOM   1017 C CG1 . VAL A 1 135 ? -1.403  1.462   11.283  1.00 7.76  ? 135 VAL A CG1 1 
ATOM   1018 C CG2 . VAL A 1 135 ? -3.806  1.062   10.745  1.00 9.05  ? 135 VAL A CG2 1 
ATOM   1019 N N   . PHE A 1 136 ? 0.321   -0.895  9.769   1.00 5.92  ? 136 PHE A N   1 
ATOM   1020 C CA  . PHE A 1 136 ? 1.652   -1.484  9.978   1.00 5.64  ? 136 PHE A CA  1 
ATOM   1021 C C   . PHE A 1 136 ? 2.761   -0.493  9.789   1.00 5.58  ? 136 PHE A C   1 
ATOM   1022 O O   . PHE A 1 136 ? 3.936   -0.948  9.854   1.00 5.57  ? 136 PHE A O   1 
ATOM   1023 C CB  . PHE A 1 136 ? 1.835   -2.730  9.180   1.00 6.56  ? 136 PHE A CB  1 
ATOM   1024 C CG  . PHE A 1 136 ? 1.824   -2.507  7.713   1.00 6.01  ? 136 PHE A CG  1 
ATOM   1025 C CD1 . PHE A 1 136 ? 0.642   -2.460  6.985   1.00 6.37  ? 136 PHE A CD1 1 
ATOM   1026 C CD2 . PHE A 1 136 ? 3.040   -2.327  7.041   1.00 7.56  ? 136 PHE A CD2 1 
ATOM   1027 C CE1 . PHE A 1 136 ? 0.627   -2.182  5.608   1.00 6.27  ? 136 PHE A CE1 1 
ATOM   1028 C CE2 . PHE A 1 136 ? 3.047   -2.092  5.674   1.00 7.12  ? 136 PHE A CE2 1 
ATOM   1029 C CZ  . PHE A 1 136 ? 1.826   -2.035  4.918   1.00 6.85  ? 136 PHE A CZ  1 
ATOM   1030 N N   . GLY A 1 137 ? 2.517   0.787   9.534   1.00 5.23  ? 137 GLY A N   1 
ATOM   1031 C CA  . GLY A 1 137 ? 3.604   1.729   9.425   1.00 6.27  ? 137 GLY A CA  1 
ATOM   1032 C C   . GLY A 1 137 ? 3.076   3.099   9.156   1.00 5.87  ? 137 GLY A C   1 
ATOM   1033 O O   . GLY A 1 137 ? 1.879   3.369   9.280   1.00 6.19  ? 137 GLY A O   1 
ATOM   1034 N N   . GLU A 1 138 ? 3.993   4.020   8.848   1.00 6.02  ? 138 GLU A N   1 
ATOM   1035 C CA  . GLU A 1 138 ? 3.603   5.375   8.542   1.00 6.90  ? 138 GLU A CA  1 
ATOM   1036 C C   . GLU A 1 138 ? 4.660   6.028   7.664   1.00 6.28  ? 138 GLU A C   1 
ATOM   1037 O O   . GLU A 1 138 ? 5.821   5.688   7.673   1.00 6.67  ? 138 GLU A O   1 
ATOM   1038 C CB  . GLU A 1 138 ? 3.470   6.231   9.831   1.00 7.78  ? 138 GLU A CB  1 
ATOM   1039 C CG  . GLU A 1 138 ? 4.793   6.336   10.635  1.00 9.96  ? 138 GLU A CG  1 
ATOM   1040 C CD  . GLU A 1 138 ? 4.584   7.109   11.958  1.00 11.10 ? 138 GLU A CD  1 
ATOM   1041 O OE1 . GLU A 1 138 ? 5.026   8.246   11.927  1.00 13.09 ? 138 GLU A OE1 1 
ATOM   1042 O OE2 . GLU A 1 138 ? 4.120   6.582   12.929  1.00 10.63 ? 138 GLU A OE2 1 
ATOM   1043 N N   . VAL A 1 139 ? 4.212   6.983   6.846   1.00 6.63  ? 139 VAL A N   1 
ATOM   1044 C CA  . VAL A 1 139 ? 5.128   7.793   6.064   1.00 7.31  ? 139 VAL A CA  1 
ATOM   1045 C C   . VAL A 1 139 ? 5.883   8.745   6.962   1.00 7.03  ? 139 VAL A C   1 
ATOM   1046 O O   . VAL A 1 139 ? 5.233   9.537   7.706   1.00 8.78  ? 139 VAL A O   1 
ATOM   1047 C CB  . VAL A 1 139 ? 4.359   8.599   4.996   1.00 7.02  ? 139 VAL A CB  1 
ATOM   1048 C CG1 . VAL A 1 139 ? 5.274   9.597   4.259   1.00 8.22  ? 139 VAL A CG1 1 
ATOM   1049 C CG2 . VAL A 1 139 ? 3.630   7.669   4.038   1.00 7.16  ? 139 VAL A CG2 1 
ATOM   1050 N N   . VAL A 1 140 ? 7.189   8.747   6.895   1.00 7.35  ? 140 VAL A N   1 
ATOM   1051 C CA  . VAL A 1 140 ? 8.063   9.606   7.717   1.00 8.26  ? 140 VAL A CA  1 
ATOM   1052 C C   . VAL A 1 140 ? 8.696   10.653  6.849   1.00 9.54  ? 140 VAL A C   1 
ATOM   1053 O O   . VAL A 1 140 ? 9.205   11.714  7.405   1.00 11.06 ? 140 VAL A O   1 
ATOM   1054 C CB  . VAL A 1 140 ? 9.032   8.779   8.564   1.00 8.35  ? 140 VAL A CB  1 
ATOM   1055 C CG1 . VAL A 1 140 ? 8.284   8.027   9.633   1.00 8.98  ? 140 VAL A CG1 1 
ATOM   1056 C CG2 . VAL A 1 140 ? 9.974   7.932   7.724   1.00 9.26  ? 140 VAL A CG2 1 
ATOM   1057 N N   . GLU A 1 141 ? 8.798   10.507  5.538   1.00 8.78  ? 141 GLU A N   1 
ATOM   1058 C CA  . GLU A 1 141 ? 9.333   11.596  4.649   1.00 9.99  ? 141 GLU A CA  1 
ATOM   1059 C C   . GLU A 1 141 ? 8.644   11.436  3.321   1.00 8.99  ? 141 GLU A C   1 
ATOM   1060 O O   . GLU A 1 141 ? 8.214   10.276  2.929   1.00 8.73  ? 141 GLU A O   1 
ATOM   1061 C CB  . GLU A 1 141 ? 10.817  11.401  4.369   1.00 10.90 ? 141 GLU A CB  1 
ATOM   1062 C CG  . GLU A 1 141 ? 11.776  11.665  5.453   1.00 16.57 ? 141 GLU A CG  1 
ATOM   1063 C CD  . GLU A 1 141 ? 11.707  13.177  5.923   1.00 18.63 ? 141 GLU A CD  1 
ATOM   1064 O OE1 . GLU A 1 141 ? 11.137  14.125  5.290   1.00 21.37 ? 141 GLU A OE1 1 
ATOM   1065 O OE2 . GLU A 1 141 ? 12.156  13.346  7.027   1.00 18.51 ? 141 GLU A OE2 1 
ATOM   1066 N N   . GLY A 1 142 ? 8.435   12.543  2.627   1.00 10.04 ? 142 GLY A N   1 
ATOM   1067 C CA  . GLY A 1 142 ? 7.751   12.484  1.358   1.00 9.54  ? 142 GLY A CA  1 
ATOM   1068 C C   . GLY A 1 142 ? 6.237   12.470  1.490   1.00 9.83  ? 142 GLY A C   1 
ATOM   1069 O O   . GLY A 1 142 ? 5.563   12.085  0.505   1.00 9.46  ? 142 GLY A O   1 
ATOM   1070 N N   . MET A 1 143 ? 5.601   12.924  2.588   1.00 8.72  ? 143 MET A N   1 
ATOM   1071 C CA  . MET A 1 143 ? 4.279   13.054  2.588   1.00 8.88  ? 143 MET A CA  1 
ATOM   1072 C C   . MET A 1 143 ? 3.778   14.041  1.459   1.00 10.41 ? 143 MET A C   1 
ATOM   1073 O O   . MET A 1 143 ? 2.616   13.911  0.970   1.00 10.93 ? 143 MET A O   1 
ATOM   1074 C CB  . MET A 1 143 ? 3.685   13.612  3.869   1.00 10.58 ? 143 MET A CB  1 
ATOM   1075 C CG  . MET A 1 143 ? 2.208   13.533  4.064   1.00 10.85 ? 143 MET A CG  1 
ATOM   1076 S SD  . MET A 1 143 ? 1.541   11.844  4.076   1.00 13.35 ? 143 MET A SD  1 
ATOM   1077 C CE  . MET A 1 143 ? -0.183  12.260  3.616   1.00 14.97 ? 143 MET A CE  1 
ATOM   1078 N N   . ASP A 1 144 ? 4.619   15.040  1.087   1.00 10.76 ? 144 ASP A N   1 
ATOM   1079 C CA  . ASP A 1 144 ? 4.318   15.875  -0.057  1.00 10.64 ? 144 ASP A CA  1 
ATOM   1080 C C   . ASP A 1 144 ? 4.080   15.118  -1.344  1.00 11.40 ? 144 ASP A C   1 
ATOM   1081 O O   . ASP A 1 144 ? 3.232   15.497  -2.190  1.00 11.01 ? 144 ASP A O   1 
ATOM   1082 C CB  . ASP A 1 144 ? 5.347   17.003  -0.224  1.00 12.03 ? 144 ASP A CB  1 
ATOM   1083 C CG  . ASP A 1 144 ? 6.672   16.577  -0.516  1.00 13.79 ? 144 ASP A CG  1 
ATOM   1084 O OD1 . ASP A 1 144 ? 7.160   15.591  0.115   1.00 21.26 ? 144 ASP A OD1 1 
ATOM   1085 O OD2 . ASP A 1 144 ? 7.428   17.237  -1.184  1.00 17.30 ? 144 ASP A OD2 1 
ATOM   1086 N N   . VAL A 1 145 ? 4.870   14.088  -1.548  1.00 10.06 ? 145 VAL A N   1 
ATOM   1087 C CA  . VAL A 1 145 ? 4.702   13.212  -2.725  1.00 9.80  ? 145 VAL A CA  1 
ATOM   1088 C C   . VAL A 1 145 ? 3.353   12.548  -2.639  1.00 8.69  ? 145 VAL A C   1 
ATOM   1089 O O   . VAL A 1 145 ? 2.621   12.468  -3.681  1.00 9.16  ? 145 VAL A O   1 
ATOM   1090 C CB  . VAL A 1 145 ? 5.848   12.191  -2.739  1.00 9.49  ? 145 VAL A CB  1 
ATOM   1091 C CG1 . VAL A 1 145 ? 5.785   11.238  -3.928  1.00 10.46 ? 145 VAL A CG1 1 
ATOM   1092 C CG2 . VAL A 1 145 ? 7.252   12.822  -2.674  1.00 10.19 ? 145 VAL A CG2 1 
ATOM   1093 N N   . VAL A 1 146 ? 2.973   12.045  -1.477  1.00 8.38  ? 146 VAL A N   1 
ATOM   1094 C CA  . VAL A 1 146 ? 1.645   11.489  -1.292  1.00 8.41  ? 146 VAL A CA  1 
ATOM   1095 C C   . VAL A 1 146 ? 0.537   12.488  -1.725  1.00 8.90  ? 146 VAL A C   1 
ATOM   1096 O O   . VAL A 1 146 ? -0.449  12.124  -2.328  1.00 9.64  ? 146 VAL A O   1 
ATOM   1097 C CB  . VAL A 1 146 ? 1.470   10.911  0.149   1.00 8.62  ? 146 VAL A CB  1 
ATOM   1098 C CG1 . VAL A 1 146 ? 0.074   10.344  0.333   1.00 9.62  ? 146 VAL A CG1 1 
ATOM   1099 C CG2 . VAL A 1 146 ? 2.499   9.837   0.396   1.00 8.79  ? 146 VAL A CG2 1 
ATOM   1100 N N   . LYS A 1 147 ? 0.656   13.725  -1.165  1.00 10.54 ? 147 LYS A N   1 
ATOM   1101 C CA  . LYS A 1 147 ? -0.360  14.718  -1.432  1.00 10.89 ? 147 LYS A CA  1 
ATOM   1102 C C   . LYS A 1 147 ? -0.347  15.110  -2.913  1.00 10.71 ? 147 LYS A C   1 
ATOM   1103 O O   . LYS A 1 147 ? -1.457  15.408  -3.465  1.00 12.77 ? 147 LYS A O   1 
ATOM   1104 C CB  . LYS A 1 147 ? -0.171  15.972  -0.544  1.00 13.43 ? 147 LYS A CB  1 
ATOM   1105 C CG  . LYS A 1 147 ? -0.311  15.728  0.941   1.00 14.74 ? 147 LYS A CG  1 
ATOM   1106 C CD  . LYS A 1 147 ? -1.633  15.468  1.428   1.00 13.33 ? 147 LYS A CD  1 
ATOM   1107 C CE  . LYS A 1 147 ? -2.595  16.680  1.325   1.00 15.79 ? 147 LYS A CE  1 
ATOM   1108 N NZ  . LYS A 1 147 ? -3.957  16.290  1.704   1.00 14.66 ? 147 LYS A NZ  1 
ATOM   1109 N N   . ASN A 1 148 ? 0.750   15.079  -3.558  1.00 11.02 ? 148 ASN A N   1 
ATOM   1110 C CA  . ASN A 1 148 ? 0.773   15.339  -5.010  1.00 12.63 ? 148 ASN A CA  1 
ATOM   1111 C C   . ASN A 1 148 ? 0.098   14.181  -5.769  1.00 12.66 ? 148 ASN A C   1 
ATOM   1112 O O   . ASN A 1 148 ? -0.632  14.435  -6.761  1.00 14.50 ? 148 ASN A O   1 
ATOM   1113 C CB  . ASN A 1 148 ? 2.134   15.660  -5.499  1.00 14.53 ? 148 ASN A CB  1 
ATOM   1114 C CG  . ASN A 1 148 ? 2.629   17.017  -4.967  1.00 14.97 ? 148 ASN A CG  1 
ATOM   1115 O OD1 . ASN A 1 148 ? 1.835   17.894  -4.563  1.00 18.86 ? 148 ASN A OD1 1 
ATOM   1116 N ND2 . ASN A 1 148 ? 3.913   17.189  -4.918  1.00 15.07 ? 148 ASN A ND2 1 
ATOM   1117 N N   . ILE A 1 149 ? 0.297   12.935  -5.338  1.00 11.29 ? 149 ILE A N   1 
ATOM   1118 C CA  . ILE A 1 149 ? -0.412  11.787  -5.945  1.00 9.37  ? 149 ILE A CA  1 
ATOM   1119 C C   . ILE A 1 149 ? -1.881  11.970  -5.666  1.00 9.70  ? 149 ILE A C   1 
ATOM   1120 O O   . ILE A 1 149 ? -2.705  11.702  -6.564  1.00 10.04 ? 149 ILE A O   1 
ATOM   1121 C CB  . ILE A 1 149 ? 0.106   10.491  -5.320  1.00 10.79 ? 149 ILE A CB  1 
ATOM   1122 C CG1 . ILE A 1 149 ? 1.506   10.334  -5.860  1.00 11.74 ? 149 ILE A CG1 1 
ATOM   1123 C CG2 . ILE A 1 149 ? -0.772  9.334   -5.623  1.00 10.36 ? 149 ILE A CG2 1 
ATOM   1124 C CD1 . ILE A 1 149 ? 2.357   9.320   -5.118  1.00 12.95 ? 149 ILE A CD1 1 
ATOM   1125 N N   . GLU A 1 150 ? -2.296  12.280  -4.441  1.00 9.94  ? 150 GLU A N   1 
ATOM   1126 C CA  . GLU A 1 150 ? -3.665  12.396  -4.091  1.00 9.66  ? 150 GLU A CA  1 
ATOM   1127 C C   . GLU A 1 150 ? -4.421  13.311  -5.118  1.00 9.89  ? 150 GLU A C   1 
ATOM   1128 O O   . GLU A 1 150 ? -5.538  13.034  -5.460  1.00 11.78 ? 150 GLU A O   1 
ATOM   1129 C CB  . GLU A 1 150 ? -3.774  13.009  -2.679  1.00 11.11 ? 150 GLU A CB  1 
ATOM   1130 C CG  . GLU A 1 150 ? -5.186  13.104  -2.183  1.00 11.97 ? 150 GLU A CG  1 
ATOM   1131 C CD  . GLU A 1 150 ? -5.305  13.824  -0.769  1.00 10.98 ? 150 GLU A CD  1 
ATOM   1132 O OE1 . GLU A 1 150 ? -4.360  14.574  -0.388  1.00 13.63 ? 150 GLU A OE1 1 
ATOM   1133 O OE2 . GLU A 1 150 ? -6.321  13.583  -0.118  1.00 11.85 ? 150 GLU A OE2 1 
ATOM   1134 N N   . LYS A 1 151 ? -3.797  14.421  -5.500  1.00 11.04 ? 151 LYS A N   1 
ATOM   1135 C CA  . LYS A 1 151 ? -4.408  15.373  -6.458  1.00 11.91 ? 151 LYS A CA  1 
ATOM   1136 C C   . LYS A 1 151 ? -4.637  14.747  -7.829  1.00 10.95 ? 151 LYS A C   1 
ATOM   1137 O O   . LYS A 1 151 ? -5.427  15.318  -8.643  1.00 14.43 ? 151 LYS A O   1 
ATOM   1138 C CB  . LYS A 1 151 ? -3.498  16.597  -6.664  1.00 13.72 ? 151 LYS A CB  1 
ATOM   1139 C CG  . LYS A 1 151 ? -3.351  17.393  -5.418  1.00 15.37 ? 151 LYS A CG  1 
ATOM   1140 C CD  . LYS A 1 151 ? -2.470  18.613  -5.705  1.00 18.88 ? 151 LYS A CD  1 
ATOM   1141 C CE  . LYS A 1 151 ? -2.343  19.337  -4.376  1.00 22.27 ? 151 LYS A CE  1 
ATOM   1142 N NZ  . LYS A 1 151 ? -1.364  20.403  -4.552  1.00 25.18 ? 151 LYS A NZ  1 
ATOM   1143 N N   . VAL A 1 152 ? -3.932  13.692  -8.190  1.00 11.01 ? 152 VAL A N   1 
ATOM   1144 C CA  . VAL A 1 152 ? -4.118  13.094  -9.525  1.00 12.62 ? 152 VAL A CA  1 
ATOM   1145 C C   . VAL A 1 152 ? -5.280  12.147  -9.459  1.00 11.86 ? 152 VAL A C   1 
ATOM   1146 O O   . VAL A 1 152 ? -5.709  11.657  -10.510 1.00 11.79 ? 152 VAL A O   1 
ATOM   1147 C CB  . VAL A 1 152 ? -2.750  12.463  -9.914  1.00 18.27 ? 152 VAL A CB  1 
ATOM   1148 C CG1 . VAL A 1 152 ? -2.767  11.299  -10.881 1.00 23.01 ? 152 VAL A CG1 1 
ATOM   1149 C CG2 . VAL A 1 152 ? -1.785  13.629  -10.277 1.00 20.04 ? 152 VAL A CG2 1 
ATOM   1150 N N   . GLY A 1 153 ? -5.820  11.819  -8.301  1.00 9.91  ? 153 GLY A N   1 
ATOM   1151 C CA  . GLY A 1 153 ? -6.911  10.929  -8.149  1.00 9.83  ? 153 GLY A CA  1 
ATOM   1152 C C   . GLY A 1 153 ? -8.264  11.539  -8.455  1.00 11.01 ? 153 GLY A C   1 
ATOM   1153 O O   . GLY A 1 153 ? -8.293  12.714  -8.893  1.00 11.60 ? 153 GLY A O   1 
ATOM   1154 N N   . SER A 1 154 ? -9.315  10.841  -8.136  1.00 9.73  ? 154 SER A N   1 
ATOM   1155 C CA  . SER A 1 154 ? -10.680 11.344  -8.397  1.00 11.27 ? 154 SER A CA  1 
ATOM   1156 C C   . SER A 1 154 ? -11.617 10.575  -7.564  1.00 11.11 ? 154 SER A C   1 
ATOM   1157 O O   . SER A 1 154 ? -11.257 9.590   -6.891  1.00 11.53 ? 154 SER A O   1 
ATOM   1158 C CB  . SER A 1 154 ? -11.027 11.107  -9.908  1.00 11.98 ? 154 SER A CB  1 
ATOM   1159 O OG  . SER A 1 154 ? -11.050 9.722   -10.182 1.00 12.71 ? 154 SER A OG  1 
ATOM   1160 N N   . ARG A 1 155 ? -12.857 10.984  -7.530  1.00 13.82 ? 155 ARG A N   1 
ATOM   1161 C CA  . ARG A 1 155 ? -13.821 10.218  -6.722  1.00 15.24 ? 155 ARG A CA  1 
ATOM   1162 C C   . ARG A 1 155 ? -14.024 8.771   -7.111  1.00 14.70 ? 155 ARG A C   1 
ATOM   1163 O O   . ARG A 1 155 ? -14.298 7.969   -6.184  1.00 16.58 ? 155 ARG A O   1 
ATOM   1164 C CB  . ARG A 1 155 ? -15.214 10.915  -6.734  1.00 17.63 ? 155 ARG A CB  1 
ATOM   1165 C CG  . ARG A 1 155 ? -15.176 12.173  -5.875  1.00 19.75 ? 155 ARG A CG  1 
ATOM   1166 C CD  . ARG A 1 155 ? -16.495 13.033  -5.945  1.00 26.31 ? 155 ARG A CD  1 
ATOM   1167 N NE  . ARG A 1 155 ? -16.316 14.303  -5.247  1.00 26.83 ? 155 ARG A NE  1 
ATOM   1168 C CZ  . ARG A 1 155 ? -16.405 14.442  -3.932  1.00 24.43 ? 155 ARG A CZ  1 
ATOM   1169 N NH1 . ARG A 1 155 ? -16.757 13.402  -3.097  1.00 26.54 ? 155 ARG A NH1 1 
ATOM   1170 N NH2 . ARG A 1 155 ? -16.226 15.661  -3.429  1.00 29.83 ? 155 ARG A NH2 1 
ATOM   1171 N N   . SER A 1 156 ? -13.858 8.449   -8.394  1.00 15.64 ? 156 SER A N   1 
ATOM   1172 C CA  . SER A 1 156 ? -13.994 7.082   -8.923  1.00 16.35 ? 156 SER A CA  1 
ATOM   1173 C C   . SER A 1 156 ? -12.741 6.249   -8.569  1.00 15.41 ? 156 SER A C   1 
ATOM   1174 O O   . SER A 1 156 ? -12.758 5.014   -8.700  1.00 19.18 ? 156 SER A O   1 
ATOM   1175 C CB  . SER A 1 156 ? -14.079 7.128   -10.447 1.00 15.56 ? 156 SER A CB  1 
ATOM   1176 O OG  . SER A 1 156 ? -12.910 7.589   -11.065 1.00 17.95 ? 156 SER A OG  1 
ATOM   1177 N N   . GLY A 1 157 ? -11.674 6.910   -8.104  1.00 11.26 ? 157 GLY A N   1 
ATOM   1178 C CA  . GLY A 1 157 ? -10.395 6.317   -7.857  1.00 10.66 ? 157 GLY A CA  1 
ATOM   1179 C C   . GLY A 1 157 ? -9.506  6.300   -9.035  1.00 10.74 ? 157 GLY A C   1 
ATOM   1180 O O   . GLY A 1 157 ? -8.314  6.016   -8.900  1.00 11.66 ? 157 GLY A O   1 
ATOM   1181 N N   . THR A 1 158 ? -10.027 6.622   -10.249 1.00 9.94  ? 158 THR A N   1 
ATOM   1182 C CA  . THR A 1 158 ? -9.218  6.685   -11.380 1.00 11.33 ? 158 THR A CA  1 
ATOM   1183 C C   . THR A 1 158 ? -8.161  7.789   -11.324 1.00 9.87  ? 158 THR A C   1 
ATOM   1184 O O   . THR A 1 158 ? -8.477  8.962   -10.963 1.00 10.79 ? 158 THR A O   1 
ATOM   1185 C CB  . THR A 1 158 ? -10.102 6.907   -12.681 1.00 13.24 ? 158 THR A CB  1 
ATOM   1186 O OG1 . THR A 1 158 ? -11.001 5.830   -12.794 1.00 18.13 ? 158 THR A OG1 1 
ATOM   1187 C CG2 . THR A 1 158 ? -9.265  6.872   -13.923 1.00 16.32 ? 158 THR A CG2 1 
ATOM   1188 N N   . CYS A 1 159 ? -6.937  7.499   -11.656 1.00 10.83 ? 159 CYS A N   1 
ATOM   1189 C CA  . CYS A 1 159 ? -5.870  8.483   -11.685 1.00 10.57 ? 159 CYS A CA  1 
ATOM   1190 C C   . CYS A 1 159 ? -5.842  9.194   -12.994 1.00 10.28 ? 159 CYS A C   1 
ATOM   1191 O O   . CYS A 1 159 ? -5.986  8.547   -14.079 1.00 13.27 ? 159 CYS A O   1 
ATOM   1192 C CB  . CYS A 1 159 ? -4.501  7.781   -11.447 1.00 10.48 ? 159 CYS A CB  1 
ATOM   1193 S SG  . CYS A 1 159 ? -4.256  7.217   -9.817  1.00 13.95 ? 159 CYS A SG  1 
ATOM   1194 N N   . SER A 1 160 ? -5.525  10.477  -13.058 1.00 11.04 ? 160 SER A N   1 
ATOM   1195 C CA  . SER A 1 160 ? -5.428  11.179  -14.341 1.00 11.17 ? 160 SER A CA  1 
ATOM   1196 C C   . SER A 1 160 ? -4.201  10.823  -15.149 1.00 11.32 ? 160 SER A C   1 
ATOM   1197 O O   . SER A 1 160 ? -4.233  10.896  -16.387 1.00 10.29 ? 160 SER A O   1 
ATOM   1198 C CB  . SER A 1 160 ? -5.529  12.665  -14.211 1.00 14.32 ? 160 SER A CB  1 
ATOM   1199 O OG  . SER A 1 160 ? -4.789  13.226  -13.192 1.00 20.11 ? 160 SER A OG  1 
ATOM   1200 N N   . LYS A 1 161 ? -3.072  10.509  -14.432 1.00 10.14 ? 161 LYS A N   1 
ATOM   1201 C CA  . LYS A 1 161 ? -1.850  10.051  -15.035 1.00 10.87 ? 161 LYS A CA  1 
ATOM   1202 C C   . LYS A 1 161 ? -1.393  8.894   -14.185 1.00 9.15  ? 161 LYS A C   1 
ATOM   1203 O O   . LYS A 1 161 ? -1.733  8.824   -12.979 1.00 10.74 ? 161 LYS A O   1 
ATOM   1204 C CB  . LYS A 1 161 ? -0.833  11.184  -14.961 1.00 12.60 ? 161 LYS A CB  1 
ATOM   1205 C CG  . LYS A 1 161 ? -1.103  12.346  -16.005 1.00 12.95 ? 161 LYS A CG  1 
ATOM   1206 C CD  . LYS A 1 161 ? -0.963  11.922  -17.444 1.00 14.30 ? 161 LYS A CD  1 
ATOM   1207 C CE  . LYS A 1 161 ? -1.676  12.995  -18.349 1.00 14.81 ? 161 LYS A CE  1 
ATOM   1208 N NZ  . LYS A 1 161 ? -3.136  12.987  -18.160 1.00 14.84 ? 161 LYS A NZ  1 
ATOM   1209 N N   . GLN A 1 162 ? -0.646  7.983   -14.761 1.00 8.80  ? 162 GLN A N   1 
ATOM   1210 C CA  . GLN A 1 162 ? -0.219  6.809   -14.064 1.00 7.93  ? 162 GLN A CA  1 
ATOM   1211 C C   . GLN A 1 162 ? 0.773   7.115   -12.971 1.00 6.99  ? 162 GLN A C   1 
ATOM   1212 O O   . GLN A 1 162 ? 1.751   7.891   -13.170 1.00 7.84  ? 162 GLN A O   1 
ATOM   1213 C CB  . GLN A 1 162 ? 0.388   5.860   -15.070 1.00 8.73  ? 162 GLN A CB  1 
ATOM   1214 C CG  . GLN A 1 162 ? 0.599   4.489   -14.425 1.00 10.12 ? 162 GLN A CG  1 
ATOM   1215 C CD  . GLN A 1 162 ? 1.272   3.476   -15.279 1.00 11.29 ? 162 GLN A CD  1 
ATOM   1216 O OE1 . GLN A 1 162 ? 2.064   3.820   -16.084 1.00 12.30 ? 162 GLN A OE1 1 
ATOM   1217 N NE2 . GLN A 1 162 ? 0.983   2.182   -15.017 1.00 13.25 ? 162 GLN A NE2 1 
ATOM   1218 N N   . VAL A 1 163 ? 0.549   6.527   -11.823 1.00 6.67  ? 163 VAL A N   1 
ATOM   1219 C CA  . VAL A 1 163 ? 1.369   6.799   -10.622 1.00 6.94  ? 163 VAL A CA  1 
ATOM   1220 C C   . VAL A 1 163 ? 2.153   5.501   -10.370 1.00 6.34  ? 163 VAL A C   1 
ATOM   1221 O O   . VAL A 1 163 ? 1.527   4.467   -10.008 1.00 7.60  ? 163 VAL A O   1 
ATOM   1222 C CB  . VAL A 1 163 ? 0.459   7.128   -9.449  1.00 6.95  ? 163 VAL A CB  1 
ATOM   1223 C CG1 . VAL A 1 163 ? 1.312   7.273   -8.145  1.00 7.86  ? 163 VAL A CG1 1 
ATOM   1224 C CG2 . VAL A 1 163 ? -0.343  8.412   -9.666  1.00 7.65  ? 163 VAL A CG2 1 
ATOM   1225 N N   . VAL A 1 164 ? 3.457   5.479   -10.569 1.00 6.67  ? 164 VAL A N   1 
ATOM   1226 C CA  . VAL A 1 164 ? 4.264   4.254   -10.581 1.00 6.93  ? 164 VAL A CA  1 
ATOM   1227 C C   . VAL A 1 164 ? 5.319   4.349   -9.539  1.00 5.72  ? 164 VAL A C   1 
ATOM   1228 O O   . VAL A 1 164 ? 5.990   5.382   -9.341  1.00 6.65  ? 164 VAL A O   1 
ATOM   1229 C CB  . VAL A 1 164 ? 4.928   4.070   -11.997 1.00 6.89  ? 164 VAL A CB  1 
ATOM   1230 C CG1 . VAL A 1 164 ? 5.827   2.866   -12.014 1.00 7.90  ? 164 VAL A CG1 1 
ATOM   1231 C CG2 . VAL A 1 164 ? 3.847   3.963   -13.118 1.00 8.35  ? 164 VAL A CG2 1 
ATOM   1232 N N   . ILE A 1 165 ? 5.508   3.216   -8.871  1.00 6.22  ? 165 ILE A N   1 
ATOM   1233 C CA  . ILE A 1 165 ? 6.649   2.977   -7.973  1.00 6.44  ? 165 ILE A CA  1 
ATOM   1234 C C   . ILE A 1 165 ? 7.803   2.609   -8.899  1.00 6.94  ? 165 ILE A C   1 
ATOM   1235 O O   . ILE A 1 165 ? 8.055   1.441   -9.232  1.00 7.91  ? 165 ILE A O   1 
ATOM   1236 C CB  . ILE A 1 165 ? 6.327   1.837   -6.962  1.00 6.73  ? 165 ILE A CB  1 
ATOM   1237 C CG1 . ILE A 1 165 ? 5.123   2.192   -6.154  1.00 6.86  ? 165 ILE A CG1 1 
ATOM   1238 C CG2 . ILE A 1 165 ? 7.564   1.518   -6.111  1.00 6.92  ? 165 ILE A CG2 1 
ATOM   1239 C CD1 . ILE A 1 165 ? 4.635   1.080   -5.187  1.00 7.95  ? 165 ILE A CD1 1 
ATOM   1240 N N   . ALA A 1 166 ? 8.523   3.636   -9.364  1.00 7.27  ? 166 ALA A N   1 
ATOM   1241 C CA  . ALA A 1 166 ? 9.599   3.408   -10.342 1.00 8.84  ? 166 ALA A CA  1 
ATOM   1242 C C   . ALA A 1 166 ? 10.736  2.660   -9.763  1.00 7.93  ? 166 ALA A C   1 
ATOM   1243 O O   . ALA A 1 166 ? 11.413  1.867   -10.431 1.00 9.23  ? 166 ALA A O   1 
ATOM   1244 C CB  . ALA A 1 166 ? 10.090  4.743   -10.968 1.00 9.45  ? 166 ALA A CB  1 
ATOM   1245 N N   . ASP A 1 167 ? 11.022  2.911   -8.475  1.00 7.80  ? 167 ASP A N   1 
ATOM   1246 C CA  . ASP A 1 167 ? 12.023  2.140   -7.780  1.00 7.92  ? 167 ASP A CA  1 
ATOM   1247 C C   . ASP A 1 167 ? 11.606  2.019   -6.316  1.00 7.40  ? 167 ASP A C   1 
ATOM   1248 O O   . ASP A 1 167 ? 10.798  2.803   -5.853  1.00 7.22  ? 167 ASP A O   1 
ATOM   1249 C CB  . ASP A 1 167 ? 13.424  2.789   -7.828  1.00 10.11 ? 167 ASP A CB  1 
ATOM   1250 C CG  . ASP A 1 167 ? 14.525  1.783   -7.592  1.00 12.14 ? 167 ASP A CG  1 
ATOM   1251 O OD1 . ASP A 1 167 ? 14.335  0.594   -7.517  1.00 11.92 ? 167 ASP A OD1 1 
ATOM   1252 O OD2 . ASP A 1 167 ? 15.692  2.296   -7.629  1.00 17.29 ? 167 ASP A OD2 1 
ATOM   1253 N N   . CYS A 1 168 ? 12.149  1.013   -5.634  1.00 7.09  ? 168 CYS A N   1 
ATOM   1254 C CA  . CYS A 1 168 ? 11.770  0.825   -4.206  1.00 6.90  ? 168 CYS A CA  1 
ATOM   1255 C C   . CYS A 1 168 ? 12.871  -0.013  -3.568  1.00 7.04  ? 168 CYS A C   1 
ATOM   1256 O O   . CYS A 1 168 ? 13.732  -0.590  -4.263  1.00 8.24  ? 168 CYS A O   1 
ATOM   1257 C CB  . CYS A 1 168 ? 10.375  0.152   -4.060  1.00 6.62  ? 168 CYS A CB  1 
ATOM   1258 S SG  . CYS A 1 168 ? 10.182  -1.385  -4.924  1.00 8.17  ? 168 CYS A SG  1 
ATOM   1259 N N   . GLY A 1 169 ? 12.886  -0.048  -2.245  1.00 7.19  ? 169 GLY A N   1 
ATOM   1260 C CA  . GLY A 1 169 ? 13.863  -0.875  -1.530  1.00 8.03  ? 169 GLY A CA  1 
ATOM   1261 C C   . GLY A 1 169 ? 13.830  -0.547  -0.057  1.00 6.77  ? 169 GLY A C   1 
ATOM   1262 O O   . GLY A 1 169 ? 12.895  0.105   0.456   1.00 6.97  ? 169 GLY A O   1 
ATOM   1263 N N   . GLN A 1 170 ? 14.811  -1.030  0.648   1.00 7.02  ? 170 GLN A N   1 
ATOM   1264 C CA  . GLN A 1 170 ? 14.970  -0.839  2.072   1.00 7.63  ? 170 GLN A CA  1 
ATOM   1265 C C   . GLN A 1 170 ? 16.173  0.074   2.357   1.00 7.56  ? 170 GLN A C   1 
ATOM   1266 O O   . GLN A 1 170 ? 17.255  -0.091  1.737   1.00 9.82  ? 170 GLN A O   1 
ATOM   1267 C CB  . GLN A 1 170 ? 15.120  -2.165  2.795   1.00 9.17  ? 170 GLN A CB  1 
ATOM   1268 C CG  . GLN A 1 170 ? 15.251  -2.092  4.265   1.00 8.45  ? 170 GLN A CG  1 
ATOM   1269 C CD  . GLN A 1 170 ? 15.212  -3.412  4.993   1.00 8.50  ? 170 GLN A CD  1 
ATOM   1270 O OE1 . GLN A 1 170 ? 15.159  -4.502  4.392   1.00 8.91  ? 170 GLN A OE1 1 
ATOM   1271 N NE2 . GLN A 1 170 ? 15.227  -3.320  6.332   1.00 9.32  ? 170 GLN A NE2 1 
ATOM   1272 N N   . LEU A 1 171 ? 16.032  0.935   3.269   1.00 8.06  ? 171 LEU A N   1 
ATOM   1273 C CA  . LEU A 1 171 ? 17.149  1.843   3.728   1.00 10.00 ? 171 LEU A CA  1 
ATOM   1274 C C   . LEU A 1 171 ? 17.978  1.138   4.762   1.00 10.92 ? 171 LEU A C   1 
ATOM   1275 O O   . LEU A 1 171 ? 17.575  0.202   5.433   1.00 11.64 ? 171 LEU A O   1 
ATOM   1276 C CB  . LEU A 1 171 ? 16.592  3.157   4.275   1.00 10.06 ? 171 LEU A CB  1 
ATOM   1277 C CG  . LEU A 1 171 ? 15.812  3.961   3.265   1.00 11.94 ? 171 LEU A CG  1 
ATOM   1278 C CD1 . LEU A 1 171 ? 15.346  5.197   4.012   1.00 14.82 ? 171 LEU A CD1 1 
ATOM   1279 C CD2 . LEU A 1 171 ? 16.649  4.401   2.072   1.00 12.42 ? 171 LEU A CD2 1 
ATOM   1280 O OXT . LEU A 1 171 ? 19.155  1.690   5.044   1.00 14.58 ? 171 LEU A OXT 1 
HETATM 1281 N N   . DAL B 2 1   ? -19.327 3.667   -0.479  1.00 12.90 ? 1   DAL B N   1 
HETATM 1282 C CA  . DAL B 2 1   ? -18.727 4.498   0.559   1.00 12.98 ? 1   DAL B CA  1 
HETATM 1283 C CB  . DAL B 2 1   ? -19.431 5.830   0.498   1.00 13.82 ? 1   DAL B CB  1 
HETATM 1284 C C   . DAL B 2 1   ? -17.258 4.579   0.311   1.00 12.18 ? 1   DAL B C   1 
HETATM 1285 O O   . DAL B 2 1   ? -16.784 4.927   -0.775  1.00 12.87 ? 1   DAL B O   1 
HETATM 1286 N N   . MLE B 2 2   ? -16.483 4.595   1.444   1.00 11.96 ? 2   MLE B N   1 
HETATM 1287 C CN  . MLE B 2 2   ? -17.006 4.128   2.810   1.00 10.73 ? 2   MLE B CN  1 
HETATM 1288 C CA  . MLE B 2 2   ? -15.016 4.827   1.398   1.00 11.57 ? 2   MLE B CA  1 
HETATM 1289 C CB  . MLE B 2 2   ? -14.574 6.097   2.162   1.00 12.17 ? 2   MLE B CB  1 
HETATM 1290 C CG  . MLE B 2 2   ? -15.069 7.399   1.514   1.00 14.92 ? 2   MLE B CG  1 
HETATM 1291 C CD1 . MLE B 2 2   ? -14.647 8.558   2.431   1.00 16.14 ? 2   MLE B CD1 1 
HETATM 1292 C CD2 . MLE B 2 2   ? -14.615 7.703   0.067   1.00 14.12 ? 2   MLE B CD2 1 
HETATM 1293 C C   . MLE B 2 2   ? -14.253 3.615   1.844   1.00 10.94 ? 2   MLE B C   1 
HETATM 1294 O O   . MLE B 2 2   ? -13.659 3.599   2.976   1.00 11.08 ? 2   MLE B O   1 
HETATM 1295 N N   . MLE B 2 3   ? -14.265 2.429   1.134   1.00 10.06 ? 3   MLE B N   1 
HETATM 1296 C CN  . MLE B 2 3   ? -14.991 2.314   -0.183  1.00 10.58 ? 3   MLE B CN  1 
HETATM 1297 C CA  . MLE B 2 3   ? -13.557 1.272   1.608   1.00 9.28  ? 3   MLE B CA  1 
HETATM 1298 C CB  . MLE B 2 3   ? -14.457 0.071   1.472   1.00 10.76 ? 3   MLE B CB  1 
HETATM 1299 C CG  . MLE B 2 3   ? -15.791 0.085   2.249   1.00 11.87 ? 3   MLE B CG  1 
HETATM 1300 C CD1 . MLE B 2 3   ? -16.438 -1.310  2.156   1.00 13.63 ? 3   MLE B CD1 1 
HETATM 1301 C CD2 . MLE B 2 3   ? -15.496 0.419   3.708   1.00 14.23 ? 3   MLE B CD2 1 
HETATM 1302 C C   . MLE B 2 3   ? -12.251 1.118   0.892   1.00 9.29  ? 3   MLE B C   1 
HETATM 1303 O O   . MLE B 2 3   ? -11.949 1.778   -0.167  1.00 9.31  ? 3   MLE B O   1 
HETATM 1304 N N   . MVA B 2 4   ? -11.348 0.180   1.354   1.00 8.93  ? 4   MVA B N   1 
HETATM 1305 C CN  . MVA B 2 4   ? -11.496 -0.506  2.678   1.00 9.58  ? 4   MVA B CN  1 
HETATM 1306 C CA  . MVA B 2 4   ? -10.106 -0.146  0.626   1.00 9.05  ? 4   MVA B CA  1 
HETATM 1307 C CB  . MVA B 2 4   ? -8.802  0.358   1.227   1.00 8.69  ? 4   MVA B CB  1 
HETATM 1308 C CG1 . MVA B 2 4   ? -7.691  0.286   0.274   1.00 9.56  ? 4   MVA B CG1 1 
HETATM 1309 C CG2 . MVA B 2 4   ? -8.983  1.700   1.842   1.00 10.22 ? 4   MVA B CG2 1 
HETATM 1310 C C   . MVA B 2 4   ? -10.148 -1.596  0.376   1.00 8.57  ? 4   MVA B C   1 
HETATM 1311 O O   . MVA B 2 4   ? -9.391  -2.382  0.973   1.00 8.15  ? 4   MVA B O   1 
HETATM 1312 N N   . BMT B 2 5   ? -10.987 -2.116  -0.689  1.00 9.20  ? 5   BMT B N   1 
HETATM 1313 C CN  . BMT B 2 5   ? -11.699 -1.201  -1.645  1.00 10.10 ? 5   BMT B CN  1 
HETATM 1314 C CA  . BMT B 2 5   ? -10.952 -3.545  -0.968  1.00 8.73  ? 5   BMT B CA  1 
HETATM 1315 C C   . BMT B 2 5   ? -10.127 -3.872  -2.199  1.00 8.99  ? 5   BMT B C   1 
HETATM 1316 O O   . BMT B 2 5   ? -9.672  -2.948  -2.926  1.00 9.03  ? 5   BMT B O   1 
HETATM 1317 C CB  . BMT B 2 5   ? -12.343 -4.178  -0.962  1.00 9.42  ? 5   BMT B CB  1 
HETATM 1318 O OG1 . BMT B 2 5   ? -12.978 -3.787  -2.198  1.00 9.80  ? 5   BMT B OG1 1 
HETATM 1319 C CG2 . BMT B 2 5   ? -13.176 -3.830  0.216   1.00 9.52  ? 5   BMT B CG2 1 
HETATM 1320 C CD1 . BMT B 2 5   ? -12.505 -4.187  1.602   1.00 10.38 ? 5   BMT B CD1 1 
HETATM 1321 C CD2 . BMT B 2 5   ? -14.586 -4.462  0.204   1.00 10.50 ? 5   BMT B CD2 1 
HETATM 1322 C CE  . BMT B 2 5   ? -14.613 -5.950  0.198   1.00 10.63 ? 5   BMT B CE  1 
HETATM 1323 C CZ  . BMT B 2 5   ? -15.115 -6.710  -0.773  1.00 11.90 ? 5   BMT B CZ  1 
HETATM 1324 C CH  . BMT B 2 5   ? -15.139 -8.220  -0.643  1.00 12.14 ? 5   BMT B CH  1 
HETATM 1325 N N   . ABA B 2 6   ? -9.970  -5.166  -2.395  1.00 8.70  ? 6   ABA B N   1 
HETATM 1326 C CA  . ABA B 2 6   ? -9.061  -5.754  -3.391  1.00 8.96  ? 6   ABA B CA  1 
HETATM 1327 C C   . ABA B 2 6   ? -9.838  -6.665  -4.249  1.00 9.14  ? 6   ABA B C   1 
HETATM 1328 O O   . ABA B 2 6   ? -9.702  -7.909  -4.230  1.00 10.34 ? 6   ABA B O   1 
HETATM 1329 C CB  . ABA B 2 6   ? -7.955  -6.511  -2.691  1.00 9.99  ? 6   ABA B CB  1 
HETATM 1330 C CG  . ABA B 2 6   ? -7.134  -5.616  -1.705  1.00 10.17 ? 6   ABA B CG  1 
HETATM 1331 N N   . SAR B 2 7   ? -10.649 -6.110  -5.202  1.00 10.45 ? 7   SAR B N   1 
HETATM 1332 C CA  . SAR B 2 7   ? -11.360 -6.900  -6.230  1.00 11.11 ? 7   SAR B CA  1 
HETATM 1333 C C   . SAR B 2 7   ? -12.829 -6.609  -6.319  1.00 10.55 ? 7   SAR B C   1 
HETATM 1334 O O   . SAR B 2 7   ? -13.142 -6.148  -7.461  1.00 12.24 ? 7   SAR B O   1 
HETATM 1335 C CN  . SAR B 2 7   ? -10.783 -4.678  -5.417  1.00 10.64 ? 7   SAR B CN  1 
HETATM 1336 N N   . MLE B 2 8   ? -13.628 -6.546  -5.269  1.00 10.65 ? 8   MLE B N   1 
HETATM 1337 C CN  . MLE B 2 8   ? -13.241 -7.112  -4.016  1.00 11.08 ? 8   MLE B CN  1 
HETATM 1338 C CA  . MLE B 2 8   ? -14.988 -5.933  -5.440  1.00 10.14 ? 8   MLE B CA  1 
HETATM 1339 C CB  . MLE B 2 8   ? -16.109 -6.946  -5.072  1.00 11.22 ? 8   MLE B CB  1 
HETATM 1340 C CG  . MLE B 2 8   ? -15.908 -8.312  -5.640  1.00 13.03 ? 8   MLE B CG  1 
HETATM 1341 C CD1 . MLE B 2 8   ? -16.989 -9.273  -5.177  1.00 15.43 ? 8   MLE B CD1 1 
HETATM 1342 C CD2 . MLE B 2 8   ? -16.122 -8.261  -7.162  1.00 15.57 ? 8   MLE B CD2 1 
HETATM 1343 C C   . MLE B 2 8   ? -15.098 -4.706  -4.613  1.00 9.84  ? 8   MLE B C   1 
HETATM 1344 O O   . MLE B 2 8   ? -15.250 -4.738  -3.393  1.00 10.77 ? 8   MLE B O   1 
ATOM   1345 N N   . VAL B 2 9   ? -14.919 -3.551  -5.319  1.00 11.33 ? 9   VAL B N   1 
ATOM   1346 C CA  . VAL B 2 9   ? -14.962 -2.251  -4.624  1.00 13.09 ? 9   VAL B CA  1 
ATOM   1347 C C   . VAL B 2 9   ? -16.392 -1.973  -4.239  1.00 11.90 ? 9   VAL B C   1 
ATOM   1348 O O   . VAL B 2 9   ? -17.338 -2.054  -5.101  1.00 12.79 ? 9   VAL B O   1 
ATOM   1349 C CB  . VAL B 2 9   ? -14.404 -1.094  -5.492  1.00 13.50 ? 9   VAL B CB  1 
ATOM   1350 C CG1 . VAL B 2 9   ? -14.497 0.226   -4.727  1.00 13.31 ? 9   VAL B CG1 1 
ATOM   1351 C CG2 . VAL B 2 9   ? -12.954 -1.404  -5.797  1.00 13.00 ? 9   VAL B CG2 1 
HETATM 1352 N N   . MLE B 2 10  ? -16.750 -1.797  -2.967  1.00 11.81 ? 10  MLE B N   1 
HETATM 1353 C CN  . MLE B 2 10  ? -15.799 -1.443  -1.875  1.00 11.38 ? 10  MLE B CN  1 
HETATM 1354 C CA  . MLE B 2 10  ? -18.197 -1.621  -2.621  1.00 12.41 ? 10  MLE B CA  1 
HETATM 1355 C CB  . MLE B 2 10  ? -18.547 -2.481  -1.445  1.00 12.75 ? 10  MLE B CB  1 
HETATM 1356 C CG  . MLE B 2 10  ? -18.180 -3.966  -1.650  1.00 12.80 ? 10  MLE B CG  1 
HETATM 1357 C CD1 . MLE B 2 10  ? -18.440 -4.764  -0.375  1.00 15.50 ? 10  MLE B CD1 1 
HETATM 1358 C CD2 . MLE B 2 10  ? -18.878 -4.577  -2.901  1.00 14.73 ? 10  MLE B CD2 1 
HETATM 1359 C C   . MLE B 2 10  ? -18.480 -0.145  -2.334  1.00 12.70 ? 10  MLE B C   1 
HETATM 1360 O O   . MLE B 2 10  ? -17.661 0.820   -2.657  1.00 14.77 ? 10  MLE B O   1 
ATOM   1361 N N   . ALA B 2 11  ? -19.675 0.238   -1.728  1.00 14.01 ? 11  ALA B N   1 
ATOM   1362 C CA  . ALA B 2 11  ? -20.075 1.666   -1.554  1.00 13.90 ? 11  ALA B CA  1 
ATOM   1363 C C   . ALA B 2 11  ? -19.243 2.294   -0.445  1.00 13.46 ? 11  ALA B C   1 
ATOM   1364 O O   . ALA B 2 11  ? -18.550 1.709   0.399   1.00 13.65 ? 11  ALA B O   1 
ATOM   1365 C CB  . ALA B 2 11  ? -21.548 1.671   -1.165  1.00 15.03 ? 11  ALA B CB  1 
HETATM 1366 O O   . HOH C 3 .   ? -2.049  -8.734  9.023   1.00 7.84  ? 201 HOH A O   1 
HETATM 1367 O O   . HOH C 3 .   ? -7.683  -9.072  5.730   1.00 7.54  ? 202 HOH A O   1 
HETATM 1368 O O   . HOH C 3 .   ? -1.691  -1.551  -7.829  1.00 7.94  ? 203 HOH A O   1 
HETATM 1369 O O   . HOH C 3 .   ? 9.996   -10.472 -2.106  1.00 7.55  ? 204 HOH A O   1 
HETATM 1370 O O   . HOH C 3 .   ? -3.643  -6.780  0.605   1.00 7.23  ? 205 HOH A O   1 
HETATM 1371 O O   . HOH C 3 .   ? -6.001  -6.064  6.970   1.00 8.68  ? 206 HOH A O   1 
HETATM 1372 O O   . HOH C 3 .   ? 10.768  -7.186  8.828   1.00 8.33  ? 207 HOH A O   1 
HETATM 1373 O O   . HOH C 3 .   ? -1.730  4.807   -11.586 1.00 9.34  ? 208 HOH A O   1 
HETATM 1374 O O   . HOH C 3 .   ? 10.090  -10.345 11.903  1.00 11.25 ? 209 HOH A O   1 
HETATM 1375 O O   . HOH C 3 .   ? 0.042   -1.993  -10.331 1.00 11.25 ? 210 HOH A O   1 
HETATM 1376 O O   . HOH C 3 .   ? 9.145   -8.021  10.871  1.00 9.65  ? 211 HOH A O   1 
HETATM 1377 O O   . HOH C 3 .   ? 15.582  -0.542  7.264   1.00 9.72  ? 212 HOH A O   1 
HETATM 1378 O O   . HOH C 3 .   ? -11.591 -7.427  10.807  1.00 12.79 ? 213 HOH A O   1 
HETATM 1379 O O   . HOH C 3 .   ? 1.768   -0.190  -6.231  1.00 10.13 ? 214 HOH A O   1 
HETATM 1380 O O   . HOH C 3 .   ? 13.458  -7.010  9.528   1.00 10.82 ? 215 HOH A O   1 
HETATM 1381 O O   . HOH C 3 .   ? 14.188  -3.204  -5.046  1.00 11.20 ? 216 HOH A O   1 
HETATM 1382 O O   . HOH C 3 .   ? 7.280   -13.313 9.066   1.00 11.74 ? 217 HOH A O   1 
HETATM 1383 O O   . HOH C 3 .   ? -0.193  16.505  -8.634  1.00 16.05 ? 218 HOH A O   1 
HETATM 1384 O O   . HOH C 3 .   ? -3.458  -7.994  -2.201  1.00 10.94 ? 219 HOH A O   1 
HETATM 1385 O O   . HOH C 3 .   ? -10.167 -7.617  8.424   1.00 10.41 ? 220 HOH A O   1 
HETATM 1386 O O   . HOH C 3 .   ? 6.736   -12.749 13.806  1.00 11.72 ? 221 HOH A O   1 
HETATM 1387 O O   . HOH C 3 .   ? 11.890  -17.428 -1.267  1.00 11.59 ? 222 HOH A O   1 
HETATM 1388 O O   . HOH C 3 .   ? 8.009   4.893   15.826  1.00 21.90 ? 223 HOH A O   1 
HETATM 1389 O O   . HOH C 3 .   ? 15.912  8.123   1.510   1.00 16.28 ? 224 HOH A O   1 
HETATM 1390 O O   . HOH C 3 .   ? 3.960   5.889   -16.185 1.00 12.77 ? 225 HOH A O   1 
HETATM 1391 O O   . HOH C 3 .   ? 7.843   -11.968 11.318  1.00 13.10 ? 226 HOH A O   1 
HETATM 1392 O O   . HOH C 3 .   ? 10.885  -13.705 5.780   1.00 14.33 ? 227 HOH A O   1 
HETATM 1393 O O   . HOH C 3 .   ? 9.385   7.826   13.690  1.00 15.98 ? 228 HOH A O   1 
HETATM 1394 O O   . HOH C 3 .   ? -1.149  9.035   15.065  1.00 15.04 ? 229 HOH A O   1 
HETATM 1395 O O   . HOH C 3 .   ? 3.027   8.481   14.566  1.00 13.51 ? 230 HOH A O   1 
HETATM 1396 O O   . HOH C 3 .   ? 0.656   4.903   14.630  1.00 12.32 ? 231 HOH A O   1 
HETATM 1397 O O   . HOH C 3 .   ? -12.432 -5.279  5.047   1.00 18.42 ? 232 HOH A O   1 
HETATM 1398 O O   . HOH C 3 .   ? 6.374   -7.605  -9.615  1.00 15.25 ? 233 HOH A O   1 
HETATM 1399 O O   . HOH C 3 .   ? -2.140  5.005   14.527  1.00 14.15 ? 234 HOH A O   1 
HETATM 1400 O O   . HOH C 3 .   ? 10.270  -10.022 14.769  1.00 15.91 ? 235 HOH A O   1 
HETATM 1401 O O   . HOH C 3 .   ? -14.761 3.972   -4.065  1.00 17.34 ? 236 HOH A O   1 
HETATM 1402 O O   . HOH C 3 .   ? -2.244  -2.685  13.727  1.00 12.37 ? 237 HOH A O   1 
HETATM 1403 O O   . HOH C 3 .   ? 2.465   -15.873 -3.002  1.00 14.03 ? 238 HOH A O   1 
HETATM 1404 O O   . HOH C 3 .   ? -13.450 -11.660 -0.655  1.00 16.96 ? 239 HOH A O   1 
HETATM 1405 O O   . HOH C 3 .   ? 6.030   13.096  -18.033 1.00 16.00 ? 240 HOH A O   1 
HETATM 1406 O O   . HOH C 3 .   ? 9.069   -7.901  16.317  1.00 15.32 ? 241 HOH A O   1 
HETATM 1407 O O   . HOH C 3 .   ? 1.434   -3.698  -11.838 1.00 18.82 ? 242 HOH A O   1 
HETATM 1408 O O   . HOH C 3 .   ? 7.055   9.251   13.508  1.00 14.23 ? 243 HOH A O   1 
HETATM 1409 O O   . HOH C 3 .   ? 9.571   7.572   -16.804 1.00 17.05 ? 244 HOH A O   1 
HETATM 1410 O O   . HOH C 3 .   ? -6.387  4.626   -11.820 1.00 18.02 ? 245 HOH A O   1 
HETATM 1411 O O   . HOH C 3 .   ? 2.675   -10.496 15.931  1.00 12.54 ? 246 HOH A O   1 
HETATM 1412 O O   . HOH C 3 .   ? 16.743  -2.634  -0.888  1.00 15.62 ? 247 HOH A O   1 
HETATM 1413 O O   . HOH C 3 .   ? 12.544  -10.977 10.886  1.00 18.12 ? 248 HOH A O   1 
HETATM 1414 O O   . HOH C 3 .   ? 4.350   -17.914 -2.693  1.00 18.58 ? 249 HOH A O   1 
HETATM 1415 O O   . HOH C 3 .   ? 15.358  -5.555  8.211   1.00 17.31 ? 250 HOH A O   1 
HETATM 1416 O O   . HOH C 3 .   ? 6.641   13.432  5.276   1.00 15.24 ? 251 HOH A O   1 
HETATM 1417 O O   . HOH C 3 .   ? 12.805  9.993   -5.894  1.00 18.01 ? 252 HOH A O   1 
HETATM 1418 O O   . HOH C 3 .   ? 8.455   -17.040 -3.533  1.00 14.67 ? 253 HOH A O   1 
HETATM 1419 O O   . HOH C 3 .   ? 11.719  -10.926 -7.112  1.00 18.46 ? 254 HOH A O   1 
HETATM 1420 O O   . HOH C 3 .   ? -12.836 12.441  -3.372  1.00 21.95 ? 255 HOH A O   1 
HETATM 1421 O O   . HOH C 3 .   ? -6.502  14.904  2.307   1.00 17.94 ? 256 HOH A O   1 
HETATM 1422 O O   . HOH C 3 .   ? 13.505  -9.683  8.428   1.00 17.38 ? 257 HOH A O   1 
HETATM 1423 O O   . HOH C 3 .   ? -12.236 3.663   15.938  1.00 22.13 ? 258 HOH A O   1 
HETATM 1424 O O   . HOH C 3 .   ? 9.644   15.163  3.212   1.00 19.26 ? 259 HOH A O   1 
HETATM 1425 O O   . HOH C 3 .   ? -7.542  -9.448  -0.532  1.00 16.35 ? 260 HOH A O   1 
HETATM 1426 O O   . HOH C 3 .   ? -5.540  -15.980 5.427   1.00 17.34 ? 261 HOH A O   1 
HETATM 1427 O O   . HOH C 3 .   ? 11.622  4.296   14.859  1.00 13.54 ? 262 HOH A O   1 
HETATM 1428 O O   . HOH C 3 .   ? -8.734  11.226  -12.698 1.00 16.57 ? 263 HOH A O   1 
HETATM 1429 O O   . HOH C 3 .   ? 16.108  -3.908  -3.170  1.00 17.27 ? 264 HOH A O   1 
HETATM 1430 O O   . HOH C 3 .   ? 13.972  -2.512  16.752  1.00 15.77 ? 265 HOH A O   1 
HETATM 1431 O O   . HOH C 3 .   ? -8.967  -11.644 -1.725  1.00 21.05 ? 266 HOH A O   1 
HETATM 1432 O O   . HOH C 3 .   ? -7.706  -0.720  13.967  1.00 16.59 ? 267 HOH A O   1 
HETATM 1433 O O   . HOH C 3 .   ? 13.582  2.123   14.904  1.00 15.29 ? 268 HOH A O   1 
HETATM 1434 O O   . HOH C 3 .   ? -10.321 -2.135  -8.070  1.00 16.53 ? 269 HOH A O   1 
HETATM 1435 O O   . HOH C 3 .   ? 11.432  -3.151  15.651  1.00 18.94 ? 270 HOH A O   1 
HETATM 1436 O O   . HOH C 3 .   ? 18.496  4.712   -1.179  1.00 22.53 ? 271 HOH A O   1 
HETATM 1437 O O   . HOH C 3 .   ? -10.625 14.707  6.890   1.00 16.25 ? 272 HOH A O   1 
HETATM 1438 O O   . HOH C 3 .   ? -13.278 -2.690  4.972   1.00 17.98 ? 273 HOH A O   1 
HETATM 1439 O O   . HOH C 3 .   ? -11.117 12.481  8.512   1.00 16.22 ? 274 HOH A O   1 
HETATM 1440 O O   . HOH C 3 .   ? 8.680   -6.212  -10.213 1.00 22.95 ? 275 HOH A O   1 
HETATM 1441 O O   . HOH C 3 .   ? -4.958  -1.983  12.589  1.00 16.98 ? 276 HOH A O   1 
HETATM 1442 O O   . HOH C 3 .   ? -12.321 -0.995  16.611  1.00 22.39 ? 277 HOH A O   1 
HETATM 1443 O O   . HOH C 3 .   ? -16.548 7.770   10.870  1.00 21.67 ? 278 HOH A O   1 
HETATM 1444 O O   . HOH C 3 .   ? 16.363  8.634   4.261   1.00 16.96 ? 279 HOH A O   1 
HETATM 1445 O O   . HOH C 3 .   ? 10.273  0.412   -12.553 1.00 24.36 ? 280 HOH A O   1 
HETATM 1446 O O   . HOH C 3 .   ? -4.808  -17.806 3.643   1.00 18.03 ? 281 HOH A O   1 
HETATM 1447 O O   . HOH C 3 .   ? 2.758   2.557   -18.357 1.00 16.69 ? 282 HOH A O   1 
HETATM 1448 O O   . HOH C 3 .   ? -13.223 3.028   -6.631  1.00 18.66 ? 283 HOH A O   1 
HETATM 1449 O O   . HOH C 3 .   ? 10.963  -5.587  16.927  1.00 21.59 ? 284 HOH A O   1 
HETATM 1450 O O   . HOH C 3 .   ? -13.255 -10.612 -3.252  1.00 17.01 ? 285 HOH A O   1 
HETATM 1451 O O   . HOH C 3 .   ? 11.468  12.435  0.345   1.00 20.15 ? 286 HOH A O   1 
HETATM 1452 O O   . HOH C 3 .   ? -12.037 9.413   10.649  1.00 18.09 ? 287 HOH A O   1 
HETATM 1453 O O   . HOH C 3 .   ? -14.096 1.146   12.721  1.00 19.30 ? 288 HOH A O   1 
HETATM 1454 O O   . HOH C 3 .   ? -5.821  5.342   18.500  1.00 21.10 ? 289 HOH A O   1 
HETATM 1455 O O   . HOH C 3 .   ? 5.701   -4.685  -9.497  1.00 20.62 ? 290 HOH A O   1 
HETATM 1456 O O   . HOH C 3 .   ? 11.899  13.285  -2.605  1.00 21.60 ? 291 HOH A O   1 
HETATM 1457 O O   . HOH C 3 .   ? -9.836  -10.537 -6.819  1.00 25.76 ? 292 HOH A O   1 
HETATM 1458 O O   . HOH C 3 .   ? -14.746 9.857   10.179  1.00 19.86 ? 293 HOH A O   1 
HETATM 1459 O O   . HOH C 3 .   ? 6.752   -17.399 -1.451  1.00 18.62 ? 294 HOH A O   1 
HETATM 1460 O O   . HOH C 3 .   ? 2.994   12.200  11.091  1.00 24.09 ? 295 HOH A O   1 
HETATM 1461 O O   . HOH C 3 .   ? -3.639  16.644  -2.123  1.00 17.68 ? 296 HOH A O   1 
HETATM 1462 O O   . HOH C 3 .   ? 15.259  -14.128 -4.961  1.00 18.14 ? 297 HOH A O   1 
HETATM 1463 O O   . HOH C 3 .   ? 11.205  8.792   -9.426  1.00 21.53 ? 298 HOH A O   1 
HETATM 1464 O O   . HOH C 3 .   ? -2.276  2.331   19.127  1.00 20.14 ? 299 HOH A O   1 
HETATM 1465 O O   . HOH C 3 .   ? -1.680  -0.581  -12.142 1.00 21.35 ? 300 HOH A O   1 
HETATM 1466 O O   . HOH C 3 .   ? 20.034  4.185   4.002   1.00 19.09 ? 301 HOH A O   1 
HETATM 1467 O O   . HOH C 3 .   ? -10.086 -9.790  11.357  1.00 18.42 ? 302 HOH A O   1 
HETATM 1468 O O   . HOH C 3 .   ? 5.151   -7.378  18.985  1.00 24.00 ? 303 HOH A O   1 
HETATM 1469 O O   . HOH C 3 .   ? -7.889  15.478  7.373   1.00 29.34 ? 304 HOH A O   1 
HETATM 1470 O O   . HOH C 3 .   ? -13.716 1.273   16.060  1.00 22.90 ? 305 HOH A O   1 
HETATM 1471 O O   . HOH C 3 .   ? -12.662 -7.119  7.116   1.00 18.09 ? 306 HOH A O   1 
HETATM 1472 O O   . HOH C 3 .   ? -1.088  -18.386 -10.469 1.00 21.00 ? 307 HOH A O   1 
HETATM 1473 O O   . HOH C 3 .   ? -13.097 16.215  2.865   1.00 29.96 ? 308 HOH A O   1 
HETATM 1474 O O   . HOH C 3 .   ? -11.298 15.912  4.589   1.00 25.29 ? 309 HOH A O   1 
HETATM 1475 O O   . HOH C 3 .   ? 16.394  -10.236 4.319   1.00 25.23 ? 310 HOH A O   1 
HETATM 1476 O O   . HOH C 3 .   ? 2.981   14.034  -15.348 1.00 27.06 ? 311 HOH A O   1 
HETATM 1477 O O   . HOH C 3 .   ? -8.691  16.364  3.158   1.00 24.07 ? 312 HOH A O   1 
HETATM 1478 O O   . HOH C 3 .   ? -7.997  -1.019  16.637  1.00 21.60 ? 313 HOH A O   1 
HETATM 1479 O O   . HOH C 3 .   ? 8.767   2.305   -14.176 1.00 24.72 ? 314 HOH A O   1 
HETATM 1480 O O   . HOH C 3 .   ? 4.365   7.330   -13.914 1.00 8.74  ? 315 HOH A O   1 
HETATM 1481 O O   . HOH C 3 .   ? 6.271   4.555   -16.444 1.00 16.47 ? 316 HOH A O   1 
HETATM 1482 O O   . HOH C 3 .   ? 9.994   11.772  10.957  1.00 55.66 ? 317 HOH A O   1 
HETATM 1483 O O   . HOH C 3 .   ? -18.141 9.829   11.611  1.00 16.15 ? 318 HOH A O   1 
HETATM 1484 O O   . HOH C 3 .   ? 7.955   5.165   -14.280 1.00 14.94 ? 319 HOH A O   1 
HETATM 1485 O O   . HOH C 3 .   ? 8.465   15.571  5.924   1.00 21.21 ? 320 HOH A O   1 
HETATM 1486 O O   . HOH C 3 .   ? 15.368  -5.980  19.434  1.00 18.20 ? 321 HOH A O   1 
HETATM 1487 O O   . HOH C 3 .   ? -12.419 14.039  -11.332 1.00 25.19 ? 322 HOH A O   1 
HETATM 1488 O O   . HOH C 3 .   ? 5.147   12.318  7.305   1.00 18.40 ? 323 HOH A O   1 
HETATM 1489 O O   . HOH C 3 .   ? 5.085   15.564  -17.464 1.00 23.49 ? 324 HOH A O   1 
HETATM 1490 O O   . HOH C 3 .   ? -12.015 18.504  5.715   1.00 21.85 ? 325 HOH A O   1 
HETATM 1491 O O   . HOH C 3 .   ? -11.114 -11.910 12.181  1.00 25.06 ? 326 HOH A O   1 
HETATM 1492 O O   . HOH C 3 .   ? -14.520 -7.314  10.600  1.00 23.18 ? 327 HOH A O   1 
HETATM 1493 O O   . HOH C 3 .   ? 3.824   -4.554  -11.518 1.00 22.49 ? 328 HOH A O   1 
HETATM 1494 O O   . HOH C 3 .   ? 12.405  11.124  8.795   1.00 27.98 ? 329 HOH A O   1 
HETATM 1495 O O   . HOH C 3 .   ? 17.320  -5.459  2.996   1.00 21.88 ? 330 HOH A O   1 
HETATM 1496 O O   . HOH C 3 .   ? 14.059  -10.120 13.059  1.00 28.12 ? 331 HOH A O   1 
HETATM 1497 O O   . HOH C 3 .   ? -7.095  -11.893 -5.264  1.00 26.79 ? 332 HOH A O   1 
HETATM 1498 O O   . HOH C 3 .   ? 10.517  -17.947 0.973   1.00 20.72 ? 333 HOH A O   1 
HETATM 1499 O O   . HOH C 3 .   ? -13.953 -12.061 -5.588  1.00 24.43 ? 334 HOH A O   1 
HETATM 1500 O O   . HOH C 3 .   ? 11.325  9.250   12.370  1.00 22.26 ? 335 HOH A O   1 
HETATM 1501 O O   . HOH C 3 .   ? 15.973  -1.232  -8.381  1.00 21.21 ? 336 HOH A O   1 
HETATM 1502 O O   . HOH C 3 .   ? 15.465  -2.929  10.550  1.00 29.23 ? 337 HOH A O   1 
HETATM 1503 O O   . HOH C 3 .   ? -18.100 5.208   10.886  1.00 37.27 ? 338 HOH A O   1 
HETATM 1504 O O   . HOH C 3 .   ? -8.751  -11.312 13.883  1.00 22.53 ? 339 HOH A O   1 
HETATM 1505 O O   . HOH C 3 .   ? 13.238  -14.629 7.284   1.00 24.16 ? 340 HOH A O   1 
HETATM 1506 O O   . HOH C 3 .   ? -0.596  -17.562 2.397   1.00 27.02 ? 341 HOH A O   1 
HETATM 1507 O O   . HOH C 3 .   ? 16.046  -3.562  -7.128  1.00 21.59 ? 342 HOH A O   1 
HETATM 1508 O O   . HOH C 3 .   ? 4.704   -7.249  -11.631 1.00 22.56 ? 343 HOH A O   1 
HETATM 1509 O O   . HOH C 3 .   ? 6.978   16.030  2.644   1.00 19.88 ? 344 HOH A O   1 
HETATM 1510 O O   . HOH C 3 .   ? 5.342   1.957   -16.603 1.00 25.43 ? 345 HOH A O   1 
HETATM 1511 O O   . HOH C 3 .   ? 7.472   -9.233  17.997  1.00 29.57 ? 346 HOH A O   1 
HETATM 1512 O O   . HOH C 3 .   ? -8.378  -0.031  -11.091 1.00 30.93 ? 347 HOH A O   1 
HETATM 1513 O O   . HOH C 3 .   ? 10.203  -2.116  -13.250 1.00 32.99 ? 348 HOH A O   1 
HETATM 1514 O O   . HOH C 3 .   ? 5.592   10.454  10.491  1.00 27.99 ? 349 HOH A O   1 
HETATM 1515 O O   . HOH C 3 .   ? -14.680 -10.673 11.513  1.00 27.43 ? 350 HOH A O   1 
HETATM 1516 O O   . HOH C 3 .   ? -11.994 -9.926  11.768  1.00 22.94 ? 351 HOH A O   1 
HETATM 1517 O O   . HOH C 3 .   ? -15.181 1.642   -8.137  1.00 27.82 ? 352 HOH A O   1 
HETATM 1518 O O   . HOH C 3 .   ? -16.154 -11.809 0.590   1.00 23.57 ? 353 HOH A O   1 
HETATM 1519 O O   . HOH D 3 .   ? -17.122 3.343   -2.991  1.00 16.22 ? 101 HOH B O   1 
HETATM 1520 O O   . HOH D 3 .   ? -10.497 -10.481 -3.868  1.00 17.30 ? 102 HOH B O   1 
HETATM 1521 O O   . HOH D 3 .   ? -7.248  -9.255  -4.888  1.00 15.92 ? 103 HOH B O   1 
HETATM 1522 O O   . HOH D 3 .   ? -12.271 -3.919  -8.867  1.00 21.59 ? 104 HOH B O   1 
HETATM 1523 O O   . HOH D 3 .   ? -17.342 7.152   -2.533  1.00 20.40 ? 105 HOH B O   1 
# 
loop_
_pdbx_poly_seq_scheme.asym_id 
_pdbx_poly_seq_scheme.entity_id 
_pdbx_poly_seq_scheme.seq_id 
_pdbx_poly_seq_scheme.mon_id 
_pdbx_poly_seq_scheme.ndb_seq_num 
_pdbx_poly_seq_scheme.pdb_seq_num 
_pdbx_poly_seq_scheme.auth_seq_num 
_pdbx_poly_seq_scheme.pdb_mon_id 
_pdbx_poly_seq_scheme.auth_mon_id 
_pdbx_poly_seq_scheme.pdb_strand_id 
_pdbx_poly_seq_scheme.pdb_ins_code 
_pdbx_poly_seq_scheme.hetero 
A 1 1   MET 1   1   ?   ?   ?   A . n 
A 1 2   ALA 2   2   2   ALA ALA A . n 
A 1 3   ASN 3   3   3   ASN ASN A . n 
A 1 4   PRO 4   4   4   PRO PRO A . n 
A 1 5   ARG 5   5   5   ARG ARG A . n 
A 1 6   VAL 6   6   6   VAL VAL A . n 
A 1 7   PHE 7   7   7   PHE PHE A . n 
A 1 8   PHE 8   8   8   PHE PHE A . n 
A 1 9   ASP 9   9   9   ASP ASP A . n 
A 1 10  MET 10  10  10  MET MET A . n 
A 1 11  THR 11  11  11  THR THR A . n 
A 1 12  VAL 12  12  12  VAL VAL A . n 
A 1 13  GLY 13  13  13  GLY GLY A . n 
A 1 14  GLY 14  14  14  GLY GLY A . n 
A 1 15  ALA 15  15  15  ALA ALA A . n 
A 1 16  PRO 16  16  16  PRO PRO A . n 
A 1 17  ALA 17  17  17  ALA ALA A . n 
A 1 18  GLY 18  18  18  GLY GLY A . n 
A 1 19  ARG 19  19  19  ARG ARG A . n 
A 1 20  ILE 20  20  20  ILE ILE A . n 
A 1 21  VAL 21  21  21  VAL VAL A . n 
A 1 22  MET 22  22  22  MET MET A . n 
A 1 23  GLU 23  23  23  GLU GLU A . n 
A 1 24  LEU 24  24  24  LEU LEU A . n 
A 1 25  TYR 25  25  25  TYR TYR A . n 
A 1 26  LYS 26  26  26  LYS LYS A . n 
A 1 27  ASP 27  27  27  ASP ASP A . n 
A 1 28  ALA 28  28  28  ALA ALA A . n 
A 1 29  VAL 29  29  29  VAL VAL A . n 
A 1 30  PRO 30  30  30  PRO PRO A . n 
A 1 31  ARG 31  31  31  ARG ARG A . n 
A 1 32  THR 32  32  32  THR THR A . n 
A 1 33  VAL 33  33  33  VAL VAL A . n 
A 1 34  GLU 34  34  34  GLU GLU A . n 
A 1 35  ASN 35  35  35  ASN ASN A . n 
A 1 36  PHE 36  36  36  PHE PHE A . n 
A 1 37  ARG 37  37  37  ARG ARG A . n 
A 1 38  ALA 38  38  38  ALA ALA A . n 
A 1 39  LEU 39  39  39  LEU LEU A . n 
A 1 40  CYS 40  40  40  CYS CYS A . n 
A 1 41  THR 41  41  41  THR THR A . n 
A 1 42  GLY 42  42  42  GLY GLY A . n 
A 1 43  GLU 43  43  43  GLU GLU A . n 
A 1 44  LYS 44  44  44  LYS LYS A . n 
A 1 45  GLY 45  45  45  GLY GLY A . n 
A 1 46  VAL 46  46  46  VAL VAL A . n 
A 1 47  GLY 47  47  47  GLY GLY A . n 
A 1 48  LYS 48  48  48  LYS LYS A . n 
A 1 49  SER 49  49  49  SER SER A . n 
A 1 50  GLY 50  50  50  GLY GLY A . n 
A 1 51  LYS 51  51  51  LYS LYS A . n 
A 1 52  PRO 52  52  52  PRO PRO A . n 
A 1 53  LEU 53  53  53  LEU LEU A . n 
A 1 54  HIS 54  54  54  HIS HIS A . n 
A 1 55  TYR 55  55  55  TYR TYR A . n 
A 1 56  LYS 56  56  56  LYS LYS A . n 
A 1 57  GLY 57  57  57  GLY GLY A . n 
A 1 58  SER 58  58  58  SER SER A . n 
A 1 59  ALA 59  59  59  ALA ALA A . n 
A 1 60  PHE 60  60  60  PHE PHE A . n 
A 1 61  HIS 61  61  61  HIS HIS A . n 
A 1 62  ARG 62  62  62  ARG ARG A . n 
A 1 63  VAL 63  63  63  VAL VAL A . n 
A 1 64  ILE 64  64  64  ILE ILE A . n 
A 1 65  PRO 65  65  65  PRO PRO A . n 
A 1 66  ASP 66  66  66  ASP ASP A . n 
A 1 67  PHE 67  67  67  PHE PHE A . n 
A 1 68  MET 68  68  68  MET MET A . n 
A 1 69  CYS 69  69  69  CYS CYS A . n 
A 1 70  GLN 70  70  70  GLN GLN A . n 
A 1 71  GLY 71  71  71  GLY GLY A . n 
A 1 72  GLY 72  72  72  GLY GLY A . n 
A 1 73  ASP 73  73  73  ASP ASP A . n 
A 1 74  PHE 74  74  74  PHE PHE A . n 
A 1 75  THR 75  75  75  THR THR A . n 
A 1 76  ARG 76  76  76  ARG ARG A . n 
A 1 77  GLY 77  77  77  GLY GLY A . n 
A 1 78  ASN 78  78  78  ASN ASN A . n 
A 1 79  GLY 79  79  79  GLY GLY A . n 
A 1 80  THR 80  80  80  THR THR A . n 
A 1 81  GLY 81  81  81  GLY GLY A . n 
A 1 82  GLY 82  82  82  GLY GLY A . n 
A 1 83  GLU 83  83  83  GLU GLU A . n 
A 1 84  SER 84  84  84  SER SER A . n 
A 1 85  ILE 85  85  85  ILE ILE A . n 
A 1 86  TYR 86  86  86  TYR TYR A . n 
A 1 87  GLY 87  87  87  GLY GLY A . n 
A 1 88  GLU 88  88  88  GLU GLU A . n 
A 1 89  LYS 89  89  89  LYS LYS A . n 
A 1 90  PHE 90  90  90  PHE PHE A . n 
A 1 91  ALA 91  91  91  ALA ALA A . n 
A 1 92  ASP 92  92  92  ASP ASP A . n 
A 1 93  GLU 93  93  93  GLU GLU A . n 
A 1 94  LYS 94  94  94  LYS LYS A . n 
A 1 95  PHE 95  95  95  PHE PHE A . n 
A 1 96  VAL 96  96  96  VAL VAL A . n 
A 1 97  HIS 97  97  97  HIS HIS A . n 
A 1 98  LYS 98  98  98  LYS LYS A . n 
A 1 99  HIS 99  99  99  HIS HIS A . n 
A 1 100 THR 100 100 100 THR THR A . n 
A 1 101 LYS 101 101 101 LYS LYS A . n 
A 1 102 PRO 102 102 102 PRO PRO A . n 
A 1 103 GLY 103 103 103 GLY GLY A . n 
A 1 104 ILE 104 104 104 ILE ILE A . n 
A 1 105 LEU 105 105 105 LEU LEU A . n 
A 1 106 SER 106 106 106 SER SER A . n 
A 1 107 MET 107 107 107 MET MET A . n 
A 1 108 ALA 108 108 108 ALA ALA A . n 
A 1 109 ASN 109 109 109 ASN ASN A . n 
A 1 110 ALA 110 110 110 ALA ALA A . n 
A 1 111 GLY 111 111 111 GLY GLY A . n 
A 1 112 PRO 112 112 112 PRO PRO A . n 
A 1 113 ASN 113 113 113 ASN ASN A . n 
A 1 114 THR 114 114 114 THR THR A . n 
A 1 115 ASN 115 115 115 ASN ASN A . n 
A 1 116 GLY 116 116 116 GLY GLY A . n 
A 1 117 SER 117 117 117 SER SER A . n 
A 1 118 GLN 118 118 118 GLN GLN A . n 
A 1 119 PHE 119 119 119 PHE PHE A . n 
A 1 120 PHE 120 120 120 PHE PHE A . n 
A 1 121 ILE 121 121 121 ILE ILE A . n 
A 1 122 CYS 122 122 122 CYS CYS A . n 
A 1 123 THR 123 123 123 THR THR A . n 
A 1 124 VAL 124 124 124 VAL VAL A . n 
A 1 125 PRO 125 125 125 PRO PRO A . n 
A 1 126 CYS 126 126 126 CYS CYS A . n 
A 1 127 ASN 127 127 127 ASN ASN A . n 
A 1 128 TRP 128 128 128 TRP TRP A . n 
A 1 129 LEU 129 129 129 LEU LEU A . n 
A 1 130 ASP 130 130 130 ASP ASP A . n 
A 1 131 GLY 131 131 131 GLY GLY A . n 
A 1 132 LYS 132 132 132 LYS LYS A . n 
A 1 133 HIS 133 133 133 HIS HIS A . n 
A 1 134 VAL 134 134 134 VAL VAL A . n 
A 1 135 VAL 135 135 135 VAL VAL A . n 
A 1 136 PHE 136 136 136 PHE PHE A . n 
A 1 137 GLY 137 137 137 GLY GLY A . n 
A 1 138 GLU 138 138 138 GLU GLU A . n 
A 1 139 VAL 139 139 139 VAL VAL A . n 
A 1 140 VAL 140 140 140 VAL VAL A . n 
A 1 141 GLU 141 141 141 GLU GLU A . n 
A 1 142 GLY 142 142 142 GLY GLY A . n 
A 1 143 MET 143 143 143 MET MET A . n 
A 1 144 ASP 144 144 144 ASP ASP A . n 
A 1 145 VAL 145 145 145 VAL VAL A . n 
A 1 146 VAL 146 146 146 VAL VAL A . n 
A 1 147 LYS 147 147 147 LYS LYS A . n 
A 1 148 ASN 148 148 148 ASN ASN A . n 
A 1 149 ILE 149 149 149 ILE ILE A . n 
A 1 150 GLU 150 150 150 GLU GLU A . n 
A 1 151 LYS 151 151 151 LYS LYS A . n 
A 1 152 VAL 152 152 152 VAL VAL A . n 
A 1 153 GLY 153 153 153 GLY GLY A . n 
A 1 154 SER 154 154 154 SER SER A . n 
A 1 155 ARG 155 155 155 ARG ARG A . n 
A 1 156 SER 156 156 156 SER SER A . n 
A 1 157 GLY 157 157 157 GLY GLY A . n 
A 1 158 THR 158 158 158 THR THR A . n 
A 1 159 CYS 159 159 159 CYS CYS A . n 
A 1 160 SER 160 160 160 SER SER A . n 
A 1 161 LYS 161 161 161 LYS LYS A . n 
A 1 162 GLN 162 162 162 GLN GLN A . n 
A 1 163 VAL 163 163 163 VAL VAL A . n 
A 1 164 VAL 164 164 164 VAL VAL A . n 
A 1 165 ILE 165 165 165 ILE ILE A . n 
A 1 166 ALA 166 166 166 ALA ALA A . n 
A 1 167 ASP 167 167 167 ASP ASP A . n 
A 1 168 CYS 168 168 168 CYS CYS A . n 
A 1 169 GLY 169 169 169 GLY GLY A . n 
A 1 170 GLN 170 170 170 GLN GLN A . n 
A 1 171 LEU 171 171 171 LEU LEU A . n 
B 2 1   DAL 1   1   1   DAL DAL B . n 
B 2 2   MLE 2   2   2   MLE MLE B . n 
B 2 3   MLE 3   3   3   MLE MLE B . n 
B 2 4   MVA 4   4   4   MVA MVA B . n 
B 2 5   BMT 5   5   5   BMT BMT B . n 
B 2 6   ABA 6   6   6   ABA ABA B . n 
B 2 7   SAR 7   7   7   SAR SAR B . n 
B 2 8   MLE 8   8   8   MLE MLE B . n 
B 2 9   VAL 9   9   9   VAL VAL B . n 
B 2 10  MLE 10  10  10  MLE MLE B . n 
B 2 11  ALA 11  11  11  ALA ALA B . n 
# 
loop_
_pdbx_nonpoly_scheme.asym_id 
_pdbx_nonpoly_scheme.entity_id 
_pdbx_nonpoly_scheme.mon_id 
_pdbx_nonpoly_scheme.ndb_seq_num 
_pdbx_nonpoly_scheme.pdb_seq_num 
_pdbx_nonpoly_scheme.auth_seq_num 
_pdbx_nonpoly_scheme.pdb_mon_id 
_pdbx_nonpoly_scheme.auth_mon_id 
_pdbx_nonpoly_scheme.pdb_strand_id 
_pdbx_nonpoly_scheme.pdb_ins_code 
C 3 HOH 1   201 1   HOH HOH A . 
C 3 HOH 2   202 2   HOH HOH A . 
C 3 HOH 3   203 3   HOH HOH A . 
C 3 HOH 4   204 4   HOH HOH A . 
C 3 HOH 5   205 5   HOH HOH A . 
C 3 HOH 6   206 6   HOH HOH A . 
C 3 HOH 7   207 7   HOH HOH A . 
C 3 HOH 8   208 8   HOH HOH A . 
C 3 HOH 9   209 9   HOH HOH A . 
C 3 HOH 10  210 10  HOH HOH A . 
C 3 HOH 11  211 11  HOH HOH A . 
C 3 HOH 12  212 12  HOH HOH A . 
C 3 HOH 13  213 13  HOH HOH A . 
C 3 HOH 14  214 14  HOH HOH A . 
C 3 HOH 15  215 16  HOH HOH A . 
C 3 HOH 16  216 18  HOH HOH A . 
C 3 HOH 17  217 19  HOH HOH A . 
C 3 HOH 18  218 20  HOH HOH A . 
C 3 HOH 19  219 21  HOH HOH A . 
C 3 HOH 20  220 22  HOH HOH A . 
C 3 HOH 21  221 23  HOH HOH A . 
C 3 HOH 22  222 24  HOH HOH A . 
C 3 HOH 23  223 25  HOH HOH A . 
C 3 HOH 24  224 26  HOH HOH A . 
C 3 HOH 25  225 27  HOH HOH A . 
C 3 HOH 26  226 28  HOH HOH A . 
C 3 HOH 27  227 29  HOH HOH A . 
C 3 HOH 28  228 30  HOH HOH A . 
C 3 HOH 29  229 33  HOH HOH A . 
C 3 HOH 30  230 35  HOH HOH A . 
C 3 HOH 31  231 37  HOH HOH A . 
C 3 HOH 32  232 38  HOH HOH A . 
C 3 HOH 33  233 39  HOH HOH A . 
C 3 HOH 34  234 40  HOH HOH A . 
C 3 HOH 35  235 41  HOH HOH A . 
C 3 HOH 36  236 42  HOH HOH A . 
C 3 HOH 37  237 43  HOH HOH A . 
C 3 HOH 38  238 44  HOH HOH A . 
C 3 HOH 39  239 45  HOH HOH A . 
C 3 HOH 40  240 46  HOH HOH A . 
C 3 HOH 41  241 48  HOH HOH A . 
C 3 HOH 42  242 49  HOH HOH A . 
C 3 HOH 43  243 50  HOH HOH A . 
C 3 HOH 44  244 51  HOH HOH A . 
C 3 HOH 45  245 52  HOH HOH A . 
C 3 HOH 46  246 53  HOH HOH A . 
C 3 HOH 47  247 54  HOH HOH A . 
C 3 HOH 48  248 55  HOH HOH A . 
C 3 HOH 49  249 57  HOH HOH A . 
C 3 HOH 50  250 58  HOH HOH A . 
C 3 HOH 51  251 59  HOH HOH A . 
C 3 HOH 52  252 60  HOH HOH A . 
C 3 HOH 53  253 61  HOH HOH A . 
C 3 HOH 54  254 62  HOH HOH A . 
C 3 HOH 55  255 63  HOH HOH A . 
C 3 HOH 56  256 64  HOH HOH A . 
C 3 HOH 57  257 65  HOH HOH A . 
C 3 HOH 58  258 66  HOH HOH A . 
C 3 HOH 59  259 67  HOH HOH A . 
C 3 HOH 60  260 68  HOH HOH A . 
C 3 HOH 61  261 69  HOH HOH A . 
C 3 HOH 62  262 70  HOH HOH A . 
C 3 HOH 63  263 71  HOH HOH A . 
C 3 HOH 64  264 72  HOH HOH A . 
C 3 HOH 65  265 73  HOH HOH A . 
C 3 HOH 66  266 74  HOH HOH A . 
C 3 HOH 67  267 75  HOH HOH A . 
C 3 HOH 68  268 76  HOH HOH A . 
C 3 HOH 69  269 77  HOH HOH A . 
C 3 HOH 70  270 78  HOH HOH A . 
C 3 HOH 71  271 79  HOH HOH A . 
C 3 HOH 72  272 80  HOH HOH A . 
C 3 HOH 73  273 81  HOH HOH A . 
C 3 HOH 74  274 82  HOH HOH A . 
C 3 HOH 75  275 83  HOH HOH A . 
C 3 HOH 76  276 84  HOH HOH A . 
C 3 HOH 77  277 85  HOH HOH A . 
C 3 HOH 78  278 86  HOH HOH A . 
C 3 HOH 79  279 88  HOH HOH A . 
C 3 HOH 80  280 89  HOH HOH A . 
C 3 HOH 81  281 90  HOH HOH A . 
C 3 HOH 82  282 92  HOH HOH A . 
C 3 HOH 83  283 93  HOH HOH A . 
C 3 HOH 84  284 94  HOH HOH A . 
C 3 HOH 85  285 95  HOH HOH A . 
C 3 HOH 86  286 96  HOH HOH A . 
C 3 HOH 87  287 97  HOH HOH A . 
C 3 HOH 88  288 98  HOH HOH A . 
C 3 HOH 89  289 99  HOH HOH A . 
C 3 HOH 90  290 100 HOH HOH A . 
C 3 HOH 91  291 101 HOH HOH A . 
C 3 HOH 92  292 102 HOH HOH A . 
C 3 HOH 93  293 103 HOH HOH A . 
C 3 HOH 94  294 104 HOH HOH A . 
C 3 HOH 95  295 105 HOH HOH A . 
C 3 HOH 96  296 106 HOH HOH A . 
C 3 HOH 97  297 107 HOH HOH A . 
C 3 HOH 98  298 108 HOH HOH A . 
C 3 HOH 99  299 109 HOH HOH A . 
C 3 HOH 100 300 110 HOH HOH A . 
C 3 HOH 101 301 111 HOH HOH A . 
C 3 HOH 102 302 112 HOH HOH A . 
C 3 HOH 103 303 113 HOH HOH A . 
C 3 HOH 104 304 114 HOH HOH A . 
C 3 HOH 105 305 115 HOH HOH A . 
C 3 HOH 106 306 116 HOH HOH A . 
C 3 HOH 107 307 117 HOH HOH A . 
C 3 HOH 108 308 118 HOH HOH A . 
C 3 HOH 109 309 119 HOH HOH A . 
C 3 HOH 110 310 120 HOH HOH A . 
C 3 HOH 111 311 121 HOH HOH A . 
C 3 HOH 112 312 122 HOH HOH A . 
C 3 HOH 113 313 123 HOH HOH A . 
C 3 HOH 114 314 124 HOH HOH A . 
C 3 HOH 115 315 126 HOH HOH A . 
C 3 HOH 116 316 128 HOH HOH A . 
C 3 HOH 117 317 129 HOH HOH A . 
C 3 HOH 118 318 130 HOH HOH A . 
C 3 HOH 119 319 131 HOH HOH A . 
C 3 HOH 120 320 133 HOH HOH A . 
C 3 HOH 121 321 134 HOH HOH A . 
C 3 HOH 122 322 136 HOH HOH A . 
C 3 HOH 123 323 137 HOH HOH A . 
C 3 HOH 124 324 138 HOH HOH A . 
C 3 HOH 125 325 139 HOH HOH A . 
C 3 HOH 126 326 141 HOH HOH A . 
C 3 HOH 127 327 142 HOH HOH A . 
C 3 HOH 128 328 143 HOH HOH A . 
C 3 HOH 129 329 144 HOH HOH A . 
C 3 HOH 130 330 145 HOH HOH A . 
C 3 HOH 131 331 146 HOH HOH A . 
C 3 HOH 132 332 147 HOH HOH A . 
C 3 HOH 133 333 148 HOH HOH A . 
C 3 HOH 134 334 149 HOH HOH A . 
C 3 HOH 135 335 150 HOH HOH A . 
C 3 HOH 136 336 151 HOH HOH A . 
C 3 HOH 137 337 152 HOH HOH A . 
C 3 HOH 138 338 153 HOH HOH A . 
C 3 HOH 139 339 154 HOH HOH A . 
C 3 HOH 140 340 155 HOH HOH A . 
C 3 HOH 141 341 156 HOH HOH A . 
C 3 HOH 142 342 157 HOH HOH A . 
C 3 HOH 143 343 158 HOH HOH A . 
C 3 HOH 144 344 159 HOH HOH A . 
C 3 HOH 145 345 160 HOH HOH A . 
C 3 HOH 146 346 161 HOH HOH A . 
C 3 HOH 147 347 162 HOH HOH A . 
C 3 HOH 148 348 163 HOH HOH A . 
C 3 HOH 149 349 164 HOH HOH A . 
C 3 HOH 150 350 165 HOH HOH A . 
C 3 HOH 151 351 167 HOH HOH A . 
C 3 HOH 152 352 170 HOH HOH A . 
C 3 HOH 153 353 171 HOH HOH A . 
D 3 HOH 1   101 47  HOH HOH B . 
D 3 HOH 2   102 56  HOH HOH B . 
D 3 HOH 3   103 87  HOH HOH B . 
D 3 HOH 4   104 91  HOH HOH B . 
D 3 HOH 5   105 140 HOH HOH B . 
# 
_pdbx_molecule_features.prd_id    PRD_000142 
_pdbx_molecule_features.name      'Cyclosporin A' 
_pdbx_molecule_features.type      'Cyclic peptide' 
_pdbx_molecule_features.class     Immunosuppressant 
_pdbx_molecule_features.details   
;CYCLOSPORIN IS A CYCLIC UNDECAPEPTIDE.
  CYCLIZATION IS ACHIEVED BY LINKING THE N- AND
  THE C- TERMINI.
;
# 
_pdbx_molecule.instance_id   1 
_pdbx_molecule.prd_id        PRD_000142 
_pdbx_molecule.asym_id       B 
# 
loop_
_pdbx_struct_mod_residue.id 
_pdbx_struct_mod_residue.label_asym_id 
_pdbx_struct_mod_residue.label_comp_id 
_pdbx_struct_mod_residue.label_seq_id 
_pdbx_struct_mod_residue.auth_asym_id 
_pdbx_struct_mod_residue.auth_comp_id 
_pdbx_struct_mod_residue.auth_seq_id 
_pdbx_struct_mod_residue.PDB_ins_code 
_pdbx_struct_mod_residue.parent_comp_id 
_pdbx_struct_mod_residue.details 
1 B MLE 2  B MLE 2  ? LEU N-METHYLLEUCINE           
2 B MLE 3  B MLE 3  ? LEU N-METHYLLEUCINE           
3 B MVA 4  B MVA 4  ? VAL N-METHYLVALINE            
4 B BMT 5  B BMT 5  ? THR ?                         
5 B ABA 6  B ABA 6  ? ALA 'ALPHA-AMINOBUTYRIC ACID' 
6 B SAR 7  B SAR 7  ? GLY SARCOSINE                 
7 B MLE 8  B MLE 8  ? LEU N-METHYLLEUCINE           
8 B MLE 10 B MLE 10 ? LEU N-METHYLLEUCINE           
# 
_pdbx_struct_assembly.id                   1 
_pdbx_struct_assembly.details              author_and_software_defined_assembly 
_pdbx_struct_assembly.method_details       PISA 
_pdbx_struct_assembly.oligomeric_details   dimeric 
_pdbx_struct_assembly.oligomeric_count     2 
# 
_pdbx_struct_assembly_gen.assembly_id       1 
_pdbx_struct_assembly_gen.oper_expression   1 
_pdbx_struct_assembly_gen.asym_id_list      A,B,C,D 
# 
loop_
_pdbx_struct_assembly_prop.biol_id 
_pdbx_struct_assembly_prop.type 
_pdbx_struct_assembly_prop.value 
_pdbx_struct_assembly_prop.details 
1 'ABSA (A^2)' 1020 ? 
1 MORE         -8   ? 
1 'SSA (A^2)'  7770 ? 
# 
_pdbx_struct_oper_list.id                   1 
_pdbx_struct_oper_list.type                 'identity operation' 
_pdbx_struct_oper_list.name                 1_555 
_pdbx_struct_oper_list.symmetry_operation   x,y,z 
_pdbx_struct_oper_list.matrix[1][1]         1.0000000000 
_pdbx_struct_oper_list.matrix[1][2]         0.0000000000 
_pdbx_struct_oper_list.matrix[1][3]         0.0000000000 
_pdbx_struct_oper_list.vector[1]            0.0000000000 
_pdbx_struct_oper_list.matrix[2][1]         0.0000000000 
_pdbx_struct_oper_list.matrix[2][2]         1.0000000000 
_pdbx_struct_oper_list.matrix[2][3]         0.0000000000 
_pdbx_struct_oper_list.vector[2]            0.0000000000 
_pdbx_struct_oper_list.matrix[3][1]         0.0000000000 
_pdbx_struct_oper_list.matrix[3][2]         0.0000000000 
_pdbx_struct_oper_list.matrix[3][3]         1.0000000000 
_pdbx_struct_oper_list.vector[3]            0.0000000000 
# 
loop_
_pdbx_audit_revision_history.ordinal 
_pdbx_audit_revision_history.data_content_type 
_pdbx_audit_revision_history.major_revision 
_pdbx_audit_revision_history.minor_revision 
_pdbx_audit_revision_history.revision_date 
1 'Structure model' 1 0 2013-03-27 
2 'Structure model' 1 1 2014-09-17 
3 'Structure model' 1 2 2023-11-08 
4 'Structure model' 1 3 2023-12-06 
# 
_pdbx_audit_revision_details.ordinal             1 
_pdbx_audit_revision_details.revision_ordinal    1 
_pdbx_audit_revision_details.data_content_type   'Structure model' 
_pdbx_audit_revision_details.provider            repository 
_pdbx_audit_revision_details.type                'Initial release' 
_pdbx_audit_revision_details.description         ? 
_pdbx_audit_revision_details.details             ? 
# 
loop_
_pdbx_audit_revision_group.ordinal 
_pdbx_audit_revision_group.revision_ordinal 
_pdbx_audit_revision_group.data_content_type 
_pdbx_audit_revision_group.group 
1 2 'Structure model' 'Database references'    
2 3 'Structure model' 'Data collection'        
3 3 'Structure model' 'Database references'    
4 3 'Structure model' 'Derived calculations'   
5 3 'Structure model' 'Refinement description' 
6 4 'Structure model' 'Data collection'        
7 4 'Structure model' 'Derived calculations'   
# 
loop_
_pdbx_audit_revision_category.ordinal 
_pdbx_audit_revision_category.revision_ordinal 
_pdbx_audit_revision_category.data_content_type 
_pdbx_audit_revision_category.category 
1 3 'Structure model' chem_comp_atom                
2 3 'Structure model' chem_comp_bond                
3 3 'Structure model' database_2                    
4 3 'Structure model' pdbx_initial_refinement_model 
5 3 'Structure model' struct_conn                   
6 4 'Structure model' chem_comp_atom                
7 4 'Structure model' chem_comp_bond                
8 4 'Structure model' struct_conn                   
# 
loop_
_pdbx_audit_revision_item.ordinal 
_pdbx_audit_revision_item.revision_ordinal 
_pdbx_audit_revision_item.data_content_type 
_pdbx_audit_revision_item.item 
1  3 'Structure model' '_database_2.pdbx_DOI'                
2  3 'Structure model' '_database_2.pdbx_database_accession' 
3  3 'Structure model' '_struct_conn.pdbx_dist_value'        
4  3 'Structure model' '_struct_conn.pdbx_leaving_atom_flag' 
5  3 'Structure model' '_struct_conn.ptnr1_label_atom_id'    
6  3 'Structure model' '_struct_conn.ptnr2_auth_comp_id'     
7  3 'Structure model' '_struct_conn.ptnr2_auth_seq_id'      
8  3 'Structure model' '_struct_conn.ptnr2_label_atom_id'    
9  3 'Structure model' '_struct_conn.ptnr2_label_comp_id'    
10 3 'Structure model' '_struct_conn.ptnr2_label_seq_id'     
11 4 'Structure model' '_chem_comp_atom.atom_id'             
12 4 'Structure model' '_chem_comp_bond.atom_id_2'           
13 4 'Structure model' '_struct_conn.pdbx_leaving_atom_flag' 
# 
loop_
_software.name 
_software.classification 
_software.version 
_software.citation_id 
_software.pdbx_ordinal 
HKL-2000 'data collection' .        ? 1 
PHENIX   'model building'  .        ? 2 
REFMAC   refinement        5.6.0117 ? 3 
HKL-2000 'data reduction'  .        ? 4 
HKL-2000 'data scaling'    .        ? 5 
PHENIX   phasing           .        ? 6 
# 
_pdbx_entry_details.entry_id                 4HY7 
_pdbx_entry_details.compound_details         
;CYCLOSPORIN IS A CYCLIC UNDECAPEPTIDE.
  HERE, CYCLOSPORIN A IS REPRESENTED BY THE SEQUENCE (SEQRES)
;
_pdbx_entry_details.source_details           ? 
_pdbx_entry_details.nonpolymer_details       ? 
_pdbx_entry_details.sequence_details         ? 
_pdbx_entry_details.has_ligand_of_interest   ? 
# 
_pdbx_validate_close_contact.id               1 
_pdbx_validate_close_contact.PDB_model_num    1 
_pdbx_validate_close_contact.auth_atom_id_1   O 
_pdbx_validate_close_contact.auth_asym_id_1   A 
_pdbx_validate_close_contact.auth_comp_id_1   HOH 
_pdbx_validate_close_contact.auth_seq_id_1    302 
_pdbx_validate_close_contact.PDB_ins_code_1   ? 
_pdbx_validate_close_contact.label_alt_id_1   ? 
_pdbx_validate_close_contact.auth_atom_id_2   O 
_pdbx_validate_close_contact.auth_asym_id_2   A 
_pdbx_validate_close_contact.auth_comp_id_2   HOH 
_pdbx_validate_close_contact.auth_seq_id_2    351 
_pdbx_validate_close_contact.PDB_ins_code_2   ? 
_pdbx_validate_close_contact.label_alt_id_2   ? 
_pdbx_validate_close_contact.dist             1.96 
# 
loop_
_pdbx_validate_rmsd_bond.id 
_pdbx_validate_rmsd_bond.PDB_model_num 
_pdbx_validate_rmsd_bond.auth_atom_id_1 
_pdbx_validate_rmsd_bond.auth_asym_id_1 
_pdbx_validate_rmsd_bond.auth_comp_id_1 
_pdbx_validate_rmsd_bond.auth_seq_id_1 
_pdbx_validate_rmsd_bond.PDB_ins_code_1 
_pdbx_validate_rmsd_bond.label_alt_id_1 
_pdbx_validate_rmsd_bond.auth_atom_id_2 
_pdbx_validate_rmsd_bond.auth_asym_id_2 
_pdbx_validate_rmsd_bond.auth_comp_id_2 
_pdbx_validate_rmsd_bond.auth_seq_id_2 
_pdbx_validate_rmsd_bond.PDB_ins_code_2 
_pdbx_validate_rmsd_bond.label_alt_id_2 
_pdbx_validate_rmsd_bond.bond_value 
_pdbx_validate_rmsd_bond.bond_target_value 
_pdbx_validate_rmsd_bond.bond_deviation 
_pdbx_validate_rmsd_bond.bond_standard_deviation 
_pdbx_validate_rmsd_bond.linker_flag 
1 1 CG A ARG 5   ? ? CD  A ARG 5   ? ? 1.354 1.515 -0.161 0.025 N 
2 1 NE A ARG 31  ? ? CZ  A ARG 31  ? ? 1.415 1.326 0.089  0.013 N 
3 1 CG A HIS 99  ? ? CD2 A HIS 99  ? ? 1.432 1.354 0.078  0.009 N 
4 1 N  A MET 143 ? ? CA  A MET 143 ? ? 1.329 1.459 -0.130 0.020 N 
# 
loop_
_pdbx_validate_rmsd_angle.id 
_pdbx_validate_rmsd_angle.PDB_model_num 
_pdbx_validate_rmsd_angle.auth_atom_id_1 
_pdbx_validate_rmsd_angle.auth_asym_id_1 
_pdbx_validate_rmsd_angle.auth_comp_id_1 
_pdbx_validate_rmsd_angle.auth_seq_id_1 
_pdbx_validate_rmsd_angle.PDB_ins_code_1 
_pdbx_validate_rmsd_angle.label_alt_id_1 
_pdbx_validate_rmsd_angle.auth_atom_id_2 
_pdbx_validate_rmsd_angle.auth_asym_id_2 
_pdbx_validate_rmsd_angle.auth_comp_id_2 
_pdbx_validate_rmsd_angle.auth_seq_id_2 
_pdbx_validate_rmsd_angle.PDB_ins_code_2 
_pdbx_validate_rmsd_angle.label_alt_id_2 
_pdbx_validate_rmsd_angle.auth_atom_id_3 
_pdbx_validate_rmsd_angle.auth_asym_id_3 
_pdbx_validate_rmsd_angle.auth_comp_id_3 
_pdbx_validate_rmsd_angle.auth_seq_id_3 
_pdbx_validate_rmsd_angle.PDB_ins_code_3 
_pdbx_validate_rmsd_angle.label_alt_id_3 
_pdbx_validate_rmsd_angle.angle_value 
_pdbx_validate_rmsd_angle.angle_target_value 
_pdbx_validate_rmsd_angle.angle_deviation 
_pdbx_validate_rmsd_angle.angle_standard_deviation 
_pdbx_validate_rmsd_angle.linker_flag 
1 1 NE A ARG 5  ? ? CZ A ARG 5  ? ? NH1 A ARG 5  ? ? 116.15 120.30 -4.15 0.50 N 
2 1 NE A ARG 5  ? ? CZ A ARG 5  ? ? NH2 A ARG 5  ? ? 123.52 120.30 3.22  0.50 N 
3 1 NE A ARG 62 ? ? CZ A ARG 62 ? ? NH1 A ARG 62 ? ? 123.74 120.30 3.44  0.50 N 
# 
loop_
_pdbx_validate_torsion.id 
_pdbx_validate_torsion.PDB_model_num 
_pdbx_validate_torsion.auth_comp_id 
_pdbx_validate_torsion.auth_asym_id 
_pdbx_validate_torsion.auth_seq_id 
_pdbx_validate_torsion.PDB_ins_code 
_pdbx_validate_torsion.label_alt_id 
_pdbx_validate_torsion.phi 
_pdbx_validate_torsion.psi 
1 1 PHE A 67 ? ? -144.36 -79.84  
2 1 PHE A 95 ? ? -104.63 65.70   
3 1 MLE B 2  ? ? -114.59 65.68   
4 1 MLE B 10 ? ? -103.37 -166.80 
# 
_pdbx_unobs_or_zero_occ_residues.id               1 
_pdbx_unobs_or_zero_occ_residues.PDB_model_num    1 
_pdbx_unobs_or_zero_occ_residues.polymer_flag     Y 
_pdbx_unobs_or_zero_occ_residues.occupancy_flag   1 
_pdbx_unobs_or_zero_occ_residues.auth_asym_id     A 
_pdbx_unobs_or_zero_occ_residues.auth_comp_id     MET 
_pdbx_unobs_or_zero_occ_residues.auth_seq_id      1 
_pdbx_unobs_or_zero_occ_residues.PDB_ins_code     ? 
_pdbx_unobs_or_zero_occ_residues.label_asym_id    A 
_pdbx_unobs_or_zero_occ_residues.label_comp_id    MET 
_pdbx_unobs_or_zero_occ_residues.label_seq_id     1 
# 
loop_
_chem_comp_atom.comp_id 
_chem_comp_atom.atom_id 
_chem_comp_atom.type_symbol 
_chem_comp_atom.pdbx_aromatic_flag 
_chem_comp_atom.pdbx_stereo_config 
_chem_comp_atom.pdbx_ordinal 
ABA N    N N N 1   
ABA CA   C N S 2   
ABA C    C N N 3   
ABA O    O N N 4   
ABA CB   C N N 5   
ABA CG   C N N 6   
ABA OXT  O N N 7   
ABA H    H N N 8   
ABA H2   H N N 9   
ABA HA   H N N 10  
ABA HB3  H N N 11  
ABA HB2  H N N 12  
ABA HG1  H N N 13  
ABA HG3  H N N 14  
ABA HG2  H N N 15  
ABA HXT  H N N 16  
ALA N    N N N 17  
ALA CA   C N S 18  
ALA C    C N N 19  
ALA O    O N N 20  
ALA CB   C N N 21  
ALA OXT  O N N 22  
ALA H    H N N 23  
ALA H2   H N N 24  
ALA HA   H N N 25  
ALA HB1  H N N 26  
ALA HB2  H N N 27  
ALA HB3  H N N 28  
ALA HXT  H N N 29  
ARG N    N N N 30  
ARG CA   C N S 31  
ARG C    C N N 32  
ARG O    O N N 33  
ARG CB   C N N 34  
ARG CG   C N N 35  
ARG CD   C N N 36  
ARG NE   N N N 37  
ARG CZ   C N N 38  
ARG NH1  N N N 39  
ARG NH2  N N N 40  
ARG OXT  O N N 41  
ARG H    H N N 42  
ARG H2   H N N 43  
ARG HA   H N N 44  
ARG HB2  H N N 45  
ARG HB3  H N N 46  
ARG HG2  H N N 47  
ARG HG3  H N N 48  
ARG HD2  H N N 49  
ARG HD3  H N N 50  
ARG HE   H N N 51  
ARG HH11 H N N 52  
ARG HH12 H N N 53  
ARG HH21 H N N 54  
ARG HH22 H N N 55  
ARG HXT  H N N 56  
ASN N    N N N 57  
ASN CA   C N S 58  
ASN C    C N N 59  
ASN O    O N N 60  
ASN CB   C N N 61  
ASN CG   C N N 62  
ASN OD1  O N N 63  
ASN ND2  N N N 64  
ASN OXT  O N N 65  
ASN H    H N N 66  
ASN H2   H N N 67  
ASN HA   H N N 68  
ASN HB2  H N N 69  
ASN HB3  H N N 70  
ASN HD21 H N N 71  
ASN HD22 H N N 72  
ASN HXT  H N N 73  
ASP N    N N N 74  
ASP CA   C N S 75  
ASP C    C N N 76  
ASP O    O N N 77  
ASP CB   C N N 78  
ASP CG   C N N 79  
ASP OD1  O N N 80  
ASP OD2  O N N 81  
ASP OXT  O N N 82  
ASP H    H N N 83  
ASP H2   H N N 84  
ASP HA   H N N 85  
ASP HB2  H N N 86  
ASP HB3  H N N 87  
ASP HD2  H N N 88  
ASP HXT  H N N 89  
BMT N    N N N 90  
BMT CN   C N N 91  
BMT CA   C N S 92  
BMT C    C N N 93  
BMT O    O N N 94  
BMT OXT  O N N 95  
BMT CB   C N R 96  
BMT OG1  O N N 97  
BMT CG2  C N R 98  
BMT CD1  C N N 99  
BMT CD2  C N N 100 
BMT CE   C N N 101 
BMT CZ   C N N 102 
BMT CH   C N N 103 
BMT H    H N N 104 
BMT HN1  H N N 105 
BMT HN2  H N N 106 
BMT HN3  H N N 107 
BMT HA   H N N 108 
BMT HXT  H N N 109 
BMT HB   H N N 110 
BMT HG1  H N N 111 
BMT HG2  H N N 112 
BMT HD11 H N N 113 
BMT HD12 H N N 114 
BMT HD13 H N N 115 
BMT HD22 H N N 116 
BMT HD23 H N N 117 
BMT HE   H N N 118 
BMT HZ   H N N 119 
BMT HH1  H N N 120 
BMT HH2  H N N 121 
BMT HH3  H N N 122 
CYS N    N N N 123 
CYS CA   C N R 124 
CYS C    C N N 125 
CYS O    O N N 126 
CYS CB   C N N 127 
CYS SG   S N N 128 
CYS OXT  O N N 129 
CYS H    H N N 130 
CYS H2   H N N 131 
CYS HA   H N N 132 
CYS HB2  H N N 133 
CYS HB3  H N N 134 
CYS HG   H N N 135 
CYS HXT  H N N 136 
DAL N    N N N 137 
DAL CA   C N R 138 
DAL CB   C N N 139 
DAL C    C N N 140 
DAL O    O N N 141 
DAL OXT  O N N 142 
DAL H    H N N 143 
DAL H2   H N N 144 
DAL HA   H N N 145 
DAL HB1  H N N 146 
DAL HB2  H N N 147 
DAL HB3  H N N 148 
DAL HXT  H N N 149 
GLN N    N N N 150 
GLN CA   C N S 151 
GLN C    C N N 152 
GLN O    O N N 153 
GLN CB   C N N 154 
GLN CG   C N N 155 
GLN CD   C N N 156 
GLN OE1  O N N 157 
GLN NE2  N N N 158 
GLN OXT  O N N 159 
GLN H    H N N 160 
GLN H2   H N N 161 
GLN HA   H N N 162 
GLN HB2  H N N 163 
GLN HB3  H N N 164 
GLN HG2  H N N 165 
GLN HG3  H N N 166 
GLN HE21 H N N 167 
GLN HE22 H N N 168 
GLN HXT  H N N 169 
GLU N    N N N 170 
GLU CA   C N S 171 
GLU C    C N N 172 
GLU O    O N N 173 
GLU CB   C N N 174 
GLU CG   C N N 175 
GLU CD   C N N 176 
GLU OE1  O N N 177 
GLU OE2  O N N 178 
GLU OXT  O N N 179 
GLU H    H N N 180 
GLU H2   H N N 181 
GLU HA   H N N 182 
GLU HB2  H N N 183 
GLU HB3  H N N 184 
GLU HG2  H N N 185 
GLU HG3  H N N 186 
GLU HE2  H N N 187 
GLU HXT  H N N 188 
GLY N    N N N 189 
GLY CA   C N N 190 
GLY C    C N N 191 
GLY O    O N N 192 
GLY OXT  O N N 193 
GLY H    H N N 194 
GLY H2   H N N 195 
GLY HA2  H N N 196 
GLY HA3  H N N 197 
GLY HXT  H N N 198 
HIS N    N N N 199 
HIS CA   C N S 200 
HIS C    C N N 201 
HIS O    O N N 202 
HIS CB   C N N 203 
HIS CG   C Y N 204 
HIS ND1  N Y N 205 
HIS CD2  C Y N 206 
HIS CE1  C Y N 207 
HIS NE2  N Y N 208 
HIS OXT  O N N 209 
HIS H    H N N 210 
HIS H2   H N N 211 
HIS HA   H N N 212 
HIS HB2  H N N 213 
HIS HB3  H N N 214 
HIS HD1  H N N 215 
HIS HD2  H N N 216 
HIS HE1  H N N 217 
HIS HE2  H N N 218 
HIS HXT  H N N 219 
HOH O    O N N 220 
HOH H1   H N N 221 
HOH H2   H N N 222 
ILE N    N N N 223 
ILE CA   C N S 224 
ILE C    C N N 225 
ILE O    O N N 226 
ILE CB   C N S 227 
ILE CG1  C N N 228 
ILE CG2  C N N 229 
ILE CD1  C N N 230 
ILE OXT  O N N 231 
ILE H    H N N 232 
ILE H2   H N N 233 
ILE HA   H N N 234 
ILE HB   H N N 235 
ILE HG12 H N N 236 
ILE HG13 H N N 237 
ILE HG21 H N N 238 
ILE HG22 H N N 239 
ILE HG23 H N N 240 
ILE HD11 H N N 241 
ILE HD12 H N N 242 
ILE HD13 H N N 243 
ILE HXT  H N N 244 
LEU N    N N N 245 
LEU CA   C N S 246 
LEU C    C N N 247 
LEU O    O N N 248 
LEU CB   C N N 249 
LEU CG   C N N 250 
LEU CD1  C N N 251 
LEU CD2  C N N 252 
LEU OXT  O N N 253 
LEU H    H N N 254 
LEU H2   H N N 255 
LEU HA   H N N 256 
LEU HB2  H N N 257 
LEU HB3  H N N 258 
LEU HG   H N N 259 
LEU HD11 H N N 260 
LEU HD12 H N N 261 
LEU HD13 H N N 262 
LEU HD21 H N N 263 
LEU HD22 H N N 264 
LEU HD23 H N N 265 
LEU HXT  H N N 266 
LYS N    N N N 267 
LYS CA   C N S 268 
LYS C    C N N 269 
LYS O    O N N 270 
LYS CB   C N N 271 
LYS CG   C N N 272 
LYS CD   C N N 273 
LYS CE   C N N 274 
LYS NZ   N N N 275 
LYS OXT  O N N 276 
LYS H    H N N 277 
LYS H2   H N N 278 
LYS HA   H N N 279 
LYS HB2  H N N 280 
LYS HB3  H N N 281 
LYS HG2  H N N 282 
LYS HG3  H N N 283 
LYS HD2  H N N 284 
LYS HD3  H N N 285 
LYS HE2  H N N 286 
LYS HE3  H N N 287 
LYS HZ1  H N N 288 
LYS HZ2  H N N 289 
LYS HZ3  H N N 290 
LYS HXT  H N N 291 
MET N    N N N 292 
MET CA   C N S 293 
MET C    C N N 294 
MET O    O N N 295 
MET CB   C N N 296 
MET CG   C N N 297 
MET SD   S N N 298 
MET CE   C N N 299 
MET OXT  O N N 300 
MET H    H N N 301 
MET H2   H N N 302 
MET HA   H N N 303 
MET HB2  H N N 304 
MET HB3  H N N 305 
MET HG2  H N N 306 
MET HG3  H N N 307 
MET HE1  H N N 308 
MET HE2  H N N 309 
MET HE3  H N N 310 
MET HXT  H N N 311 
MLE N    N N N 312 
MLE CN   C N N 313 
MLE CA   C N S 314 
MLE CB   C N N 315 
MLE CG   C N N 316 
MLE CD1  C N N 317 
MLE CD2  C N N 318 
MLE C    C N N 319 
MLE O    O N N 320 
MLE OXT  O N N 321 
MLE H    H N N 322 
MLE HN1  H N N 323 
MLE HN2  H N N 324 
MLE HN3  H N N 325 
MLE HA   H N N 326 
MLE HB2  H N N 327 
MLE HB3  H N N 328 
MLE HG   H N N 329 
MLE HD11 H N N 330 
MLE HD12 H N N 331 
MLE HD13 H N N 332 
MLE HD21 H N N 333 
MLE HD22 H N N 334 
MLE HD23 H N N 335 
MLE HXT  H N N 336 
MVA N    N N N 337 
MVA CN   C N N 338 
MVA CA   C N S 339 
MVA CB   C N N 340 
MVA CG1  C N N 341 
MVA CG2  C N N 342 
MVA C    C N N 343 
MVA O    O N N 344 
MVA OXT  O N N 345 
MVA H    H N N 346 
MVA HN1  H N N 347 
MVA HN2  H N N 348 
MVA HN3  H N N 349 
MVA HA   H N N 350 
MVA HB   H N N 351 
MVA HG11 H N N 352 
MVA HG12 H N N 353 
MVA HG13 H N N 354 
MVA HG21 H N N 355 
MVA HG22 H N N 356 
MVA HG23 H N N 357 
MVA HXT  H N N 358 
PHE N    N N N 359 
PHE CA   C N S 360 
PHE C    C N N 361 
PHE O    O N N 362 
PHE CB   C N N 363 
PHE CG   C Y N 364 
PHE CD1  C Y N 365 
PHE CD2  C Y N 366 
PHE CE1  C Y N 367 
PHE CE2  C Y N 368 
PHE CZ   C Y N 369 
PHE OXT  O N N 370 
PHE H    H N N 371 
PHE H2   H N N 372 
PHE HA   H N N 373 
PHE HB2  H N N 374 
PHE HB3  H N N 375 
PHE HD1  H N N 376 
PHE HD2  H N N 377 
PHE HE1  H N N 378 
PHE HE2  H N N 379 
PHE HZ   H N N 380 
PHE HXT  H N N 381 
PRO N    N N N 382 
PRO CA   C N S 383 
PRO C    C N N 384 
PRO O    O N N 385 
PRO CB   C N N 386 
PRO CG   C N N 387 
PRO CD   C N N 388 
PRO OXT  O N N 389 
PRO H    H N N 390 
PRO HA   H N N 391 
PRO HB2  H N N 392 
PRO HB3  H N N 393 
PRO HG2  H N N 394 
PRO HG3  H N N 395 
PRO HD2  H N N 396 
PRO HD3  H N N 397 
PRO HXT  H N N 398 
SAR N    N N N 399 
SAR CA   C N N 400 
SAR C    C N N 401 
SAR O    O N N 402 
SAR CN   C N N 403 
SAR OXT  O N N 404 
SAR H    H N N 405 
SAR HA2  H N N 406 
SAR HA3  H N N 407 
SAR HN1  H N N 408 
SAR HN2  H N N 409 
SAR HN3  H N N 410 
SAR HXT  H N N 411 
SER N    N N N 412 
SER CA   C N S 413 
SER C    C N N 414 
SER O    O N N 415 
SER CB   C N N 416 
SER OG   O N N 417 
SER OXT  O N N 418 
SER H    H N N 419 
SER H2   H N N 420 
SER HA   H N N 421 
SER HB2  H N N 422 
SER HB3  H N N 423 
SER HG   H N N 424 
SER HXT  H N N 425 
THR N    N N N 426 
THR CA   C N S 427 
THR C    C N N 428 
THR O    O N N 429 
THR CB   C N R 430 
THR OG1  O N N 431 
THR CG2  C N N 432 
THR OXT  O N N 433 
THR H    H N N 434 
THR H2   H N N 435 
THR HA   H N N 436 
THR HB   H N N 437 
THR HG1  H N N 438 
THR HG21 H N N 439 
THR HG22 H N N 440 
THR HG23 H N N 441 
THR HXT  H N N 442 
TRP N    N N N 443 
TRP CA   C N S 444 
TRP C    C N N 445 
TRP O    O N N 446 
TRP CB   C N N 447 
TRP CG   C Y N 448 
TRP CD1  C Y N 449 
TRP CD2  C Y N 450 
TRP NE1  N Y N 451 
TRP CE2  C Y N 452 
TRP CE3  C Y N 453 
TRP CZ2  C Y N 454 
TRP CZ3  C Y N 455 
TRP CH2  C Y N 456 
TRP OXT  O N N 457 
TRP H    H N N 458 
TRP H2   H N N 459 
TRP HA   H N N 460 
TRP HB2  H N N 461 
TRP HB3  H N N 462 
TRP HD1  H N N 463 
TRP HE1  H N N 464 
TRP HE3  H N N 465 
TRP HZ2  H N N 466 
TRP HZ3  H N N 467 
TRP HH2  H N N 468 
TRP HXT  H N N 469 
TYR N    N N N 470 
TYR CA   C N S 471 
TYR C    C N N 472 
TYR O    O N N 473 
TYR CB   C N N 474 
TYR CG   C Y N 475 
TYR CD1  C Y N 476 
TYR CD2  C Y N 477 
TYR CE1  C Y N 478 
TYR CE2  C Y N 479 
TYR CZ   C Y N 480 
TYR OH   O N N 481 
TYR OXT  O N N 482 
TYR H    H N N 483 
TYR H2   H N N 484 
TYR HA   H N N 485 
TYR HB2  H N N 486 
TYR HB3  H N N 487 
TYR HD1  H N N 488 
TYR HD2  H N N 489 
TYR HE1  H N N 490 
TYR HE2  H N N 491 
TYR HH   H N N 492 
TYR HXT  H N N 493 
VAL N    N N N 494 
VAL CA   C N S 495 
VAL C    C N N 496 
VAL O    O N N 497 
VAL CB   C N N 498 
VAL CG1  C N N 499 
VAL CG2  C N N 500 
VAL OXT  O N N 501 
VAL H    H N N 502 
VAL H2   H N N 503 
VAL HA   H N N 504 
VAL HB   H N N 505 
VAL HG11 H N N 506 
VAL HG12 H N N 507 
VAL HG13 H N N 508 
VAL HG21 H N N 509 
VAL HG22 H N N 510 
VAL HG23 H N N 511 
VAL HXT  H N N 512 
# 
loop_
_chem_comp_bond.comp_id 
_chem_comp_bond.atom_id_1 
_chem_comp_bond.atom_id_2 
_chem_comp_bond.value_order 
_chem_comp_bond.pdbx_aromatic_flag 
_chem_comp_bond.pdbx_stereo_config 
_chem_comp_bond.pdbx_ordinal 
ABA N   CA   sing N N 1   
ABA N   H    sing N N 2   
ABA N   H2   sing N N 3   
ABA CA  C    sing N N 4   
ABA CA  CB   sing N N 5   
ABA CA  HA   sing N N 6   
ABA C   O    doub N N 7   
ABA C   OXT  sing N N 8   
ABA CB  CG   sing N N 9   
ABA CB  HB3  sing N N 10  
ABA CB  HB2  sing N N 11  
ABA CG  HG1  sing N N 12  
ABA CG  HG3  sing N N 13  
ABA CG  HG2  sing N N 14  
ABA OXT HXT  sing N N 15  
ALA N   CA   sing N N 16  
ALA N   H    sing N N 17  
ALA N   H2   sing N N 18  
ALA CA  C    sing N N 19  
ALA CA  CB   sing N N 20  
ALA CA  HA   sing N N 21  
ALA C   O    doub N N 22  
ALA C   OXT  sing N N 23  
ALA CB  HB1  sing N N 24  
ALA CB  HB2  sing N N 25  
ALA CB  HB3  sing N N 26  
ALA OXT HXT  sing N N 27  
ARG N   CA   sing N N 28  
ARG N   H    sing N N 29  
ARG N   H2   sing N N 30  
ARG CA  C    sing N N 31  
ARG CA  CB   sing N N 32  
ARG CA  HA   sing N N 33  
ARG C   O    doub N N 34  
ARG C   OXT  sing N N 35  
ARG CB  CG   sing N N 36  
ARG CB  HB2  sing N N 37  
ARG CB  HB3  sing N N 38  
ARG CG  CD   sing N N 39  
ARG CG  HG2  sing N N 40  
ARG CG  HG3  sing N N 41  
ARG CD  NE   sing N N 42  
ARG CD  HD2  sing N N 43  
ARG CD  HD3  sing N N 44  
ARG NE  CZ   sing N N 45  
ARG NE  HE   sing N N 46  
ARG CZ  NH1  sing N N 47  
ARG CZ  NH2  doub N N 48  
ARG NH1 HH11 sing N N 49  
ARG NH1 HH12 sing N N 50  
ARG NH2 HH21 sing N N 51  
ARG NH2 HH22 sing N N 52  
ARG OXT HXT  sing N N 53  
ASN N   CA   sing N N 54  
ASN N   H    sing N N 55  
ASN N   H2   sing N N 56  
ASN CA  C    sing N N 57  
ASN CA  CB   sing N N 58  
ASN CA  HA   sing N N 59  
ASN C   O    doub N N 60  
ASN C   OXT  sing N N 61  
ASN CB  CG   sing N N 62  
ASN CB  HB2  sing N N 63  
ASN CB  HB3  sing N N 64  
ASN CG  OD1  doub N N 65  
ASN CG  ND2  sing N N 66  
ASN ND2 HD21 sing N N 67  
ASN ND2 HD22 sing N N 68  
ASN OXT HXT  sing N N 69  
ASP N   CA   sing N N 70  
ASP N   H    sing N N 71  
ASP N   H2   sing N N 72  
ASP CA  C    sing N N 73  
ASP CA  CB   sing N N 74  
ASP CA  HA   sing N N 75  
ASP C   O    doub N N 76  
ASP C   OXT  sing N N 77  
ASP CB  CG   sing N N 78  
ASP CB  HB2  sing N N 79  
ASP CB  HB3  sing N N 80  
ASP CG  OD1  doub N N 81  
ASP CG  OD2  sing N N 82  
ASP OD2 HD2  sing N N 83  
ASP OXT HXT  sing N N 84  
BMT N   CN   sing N N 85  
BMT N   CA   sing N N 86  
BMT N   H    sing N N 87  
BMT CN  HN1  sing N N 88  
BMT CN  HN2  sing N N 89  
BMT CN  HN3  sing N N 90  
BMT CA  C    sing N N 91  
BMT CA  CB   sing N N 92  
BMT CA  HA   sing N N 93  
BMT C   O    doub N N 94  
BMT C   OXT  sing N N 95  
BMT OXT HXT  sing N N 96  
BMT CB  OG1  sing N N 97  
BMT CB  CG2  sing N N 98  
BMT CB  HB   sing N N 99  
BMT OG1 HG1  sing N N 100 
BMT CG2 CD1  sing N N 101 
BMT CG2 CD2  sing N N 102 
BMT CG2 HG2  sing N N 103 
BMT CD1 HD11 sing N N 104 
BMT CD1 HD12 sing N N 105 
BMT CD1 HD13 sing N N 106 
BMT CD2 CE   sing N N 107 
BMT CD2 HD22 sing N N 108 
BMT CD2 HD23 sing N N 109 
BMT CE  CZ   doub N E 110 
BMT CE  HE   sing N N 111 
BMT CZ  CH   sing N N 112 
BMT CZ  HZ   sing N N 113 
BMT CH  HH1  sing N N 114 
BMT CH  HH2  sing N N 115 
BMT CH  HH3  sing N N 116 
CYS N   CA   sing N N 117 
CYS N   H    sing N N 118 
CYS N   H2   sing N N 119 
CYS CA  C    sing N N 120 
CYS CA  CB   sing N N 121 
CYS CA  HA   sing N N 122 
CYS C   O    doub N N 123 
CYS C   OXT  sing N N 124 
CYS CB  SG   sing N N 125 
CYS CB  HB2  sing N N 126 
CYS CB  HB3  sing N N 127 
CYS SG  HG   sing N N 128 
CYS OXT HXT  sing N N 129 
DAL N   CA   sing N N 130 
DAL N   H    sing N N 131 
DAL N   H2   sing N N 132 
DAL CA  CB   sing N N 133 
DAL CA  C    sing N N 134 
DAL CA  HA   sing N N 135 
DAL CB  HB1  sing N N 136 
DAL CB  HB2  sing N N 137 
DAL CB  HB3  sing N N 138 
DAL C   O    doub N N 139 
DAL C   OXT  sing N N 140 
DAL OXT HXT  sing N N 141 
GLN N   CA   sing N N 142 
GLN N   H    sing N N 143 
GLN N   H2   sing N N 144 
GLN CA  C    sing N N 145 
GLN CA  CB   sing N N 146 
GLN CA  HA   sing N N 147 
GLN C   O    doub N N 148 
GLN C   OXT  sing N N 149 
GLN CB  CG   sing N N 150 
GLN CB  HB2  sing N N 151 
GLN CB  HB3  sing N N 152 
GLN CG  CD   sing N N 153 
GLN CG  HG2  sing N N 154 
GLN CG  HG3  sing N N 155 
GLN CD  OE1  doub N N 156 
GLN CD  NE2  sing N N 157 
GLN NE2 HE21 sing N N 158 
GLN NE2 HE22 sing N N 159 
GLN OXT HXT  sing N N 160 
GLU N   CA   sing N N 161 
GLU N   H    sing N N 162 
GLU N   H2   sing N N 163 
GLU CA  C    sing N N 164 
GLU CA  CB   sing N N 165 
GLU CA  HA   sing N N 166 
GLU C   O    doub N N 167 
GLU C   OXT  sing N N 168 
GLU CB  CG   sing N N 169 
GLU CB  HB2  sing N N 170 
GLU CB  HB3  sing N N 171 
GLU CG  CD   sing N N 172 
GLU CG  HG2  sing N N 173 
GLU CG  HG3  sing N N 174 
GLU CD  OE1  doub N N 175 
GLU CD  OE2  sing N N 176 
GLU OE2 HE2  sing N N 177 
GLU OXT HXT  sing N N 178 
GLY N   CA   sing N N 179 
GLY N   H    sing N N 180 
GLY N   H2   sing N N 181 
GLY CA  C    sing N N 182 
GLY CA  HA2  sing N N 183 
GLY CA  HA3  sing N N 184 
GLY C   O    doub N N 185 
GLY C   OXT  sing N N 186 
GLY OXT HXT  sing N N 187 
HIS N   CA   sing N N 188 
HIS N   H    sing N N 189 
HIS N   H2   sing N N 190 
HIS CA  C    sing N N 191 
HIS CA  CB   sing N N 192 
HIS CA  HA   sing N N 193 
HIS C   O    doub N N 194 
HIS C   OXT  sing N N 195 
HIS CB  CG   sing N N 196 
HIS CB  HB2  sing N N 197 
HIS CB  HB3  sing N N 198 
HIS CG  ND1  sing Y N 199 
HIS CG  CD2  doub Y N 200 
HIS ND1 CE1  doub Y N 201 
HIS ND1 HD1  sing N N 202 
HIS CD2 NE2  sing Y N 203 
HIS CD2 HD2  sing N N 204 
HIS CE1 NE2  sing Y N 205 
HIS CE1 HE1  sing N N 206 
HIS NE2 HE2  sing N N 207 
HIS OXT HXT  sing N N 208 
HOH O   H1   sing N N 209 
HOH O   H2   sing N N 210 
ILE N   CA   sing N N 211 
ILE N   H    sing N N 212 
ILE N   H2   sing N N 213 
ILE CA  C    sing N N 214 
ILE CA  CB   sing N N 215 
ILE CA  HA   sing N N 216 
ILE C   O    doub N N 217 
ILE C   OXT  sing N N 218 
ILE CB  CG1  sing N N 219 
ILE CB  CG2  sing N N 220 
ILE CB  HB   sing N N 221 
ILE CG1 CD1  sing N N 222 
ILE CG1 HG12 sing N N 223 
ILE CG1 HG13 sing N N 224 
ILE CG2 HG21 sing N N 225 
ILE CG2 HG22 sing N N 226 
ILE CG2 HG23 sing N N 227 
ILE CD1 HD11 sing N N 228 
ILE CD1 HD12 sing N N 229 
ILE CD1 HD13 sing N N 230 
ILE OXT HXT  sing N N 231 
LEU N   CA   sing N N 232 
LEU N   H    sing N N 233 
LEU N   H2   sing N N 234 
LEU CA  C    sing N N 235 
LEU CA  CB   sing N N 236 
LEU CA  HA   sing N N 237 
LEU C   O    doub N N 238 
LEU C   OXT  sing N N 239 
LEU CB  CG   sing N N 240 
LEU CB  HB2  sing N N 241 
LEU CB  HB3  sing N N 242 
LEU CG  CD1  sing N N 243 
LEU CG  CD2  sing N N 244 
LEU CG  HG   sing N N 245 
LEU CD1 HD11 sing N N 246 
LEU CD1 HD12 sing N N 247 
LEU CD1 HD13 sing N N 248 
LEU CD2 HD21 sing N N 249 
LEU CD2 HD22 sing N N 250 
LEU CD2 HD23 sing N N 251 
LEU OXT HXT  sing N N 252 
LYS N   CA   sing N N 253 
LYS N   H    sing N N 254 
LYS N   H2   sing N N 255 
LYS CA  C    sing N N 256 
LYS CA  CB   sing N N 257 
LYS CA  HA   sing N N 258 
LYS C   O    doub N N 259 
LYS C   OXT  sing N N 260 
LYS CB  CG   sing N N 261 
LYS CB  HB2  sing N N 262 
LYS CB  HB3  sing N N 263 
LYS CG  CD   sing N N 264 
LYS CG  HG2  sing N N 265 
LYS CG  HG3  sing N N 266 
LYS CD  CE   sing N N 267 
LYS CD  HD2  sing N N 268 
LYS CD  HD3  sing N N 269 
LYS CE  NZ   sing N N 270 
LYS CE  HE2  sing N N 271 
LYS CE  HE3  sing N N 272 
LYS NZ  HZ1  sing N N 273 
LYS NZ  HZ2  sing N N 274 
LYS NZ  HZ3  sing N N 275 
LYS OXT HXT  sing N N 276 
MET N   CA   sing N N 277 
MET N   H    sing N N 278 
MET N   H2   sing N N 279 
MET CA  C    sing N N 280 
MET CA  CB   sing N N 281 
MET CA  HA   sing N N 282 
MET C   O    doub N N 283 
MET C   OXT  sing N N 284 
MET CB  CG   sing N N 285 
MET CB  HB2  sing N N 286 
MET CB  HB3  sing N N 287 
MET CG  SD   sing N N 288 
MET CG  HG2  sing N N 289 
MET CG  HG3  sing N N 290 
MET SD  CE   sing N N 291 
MET CE  HE1  sing N N 292 
MET CE  HE2  sing N N 293 
MET CE  HE3  sing N N 294 
MET OXT HXT  sing N N 295 
MLE N   CN   sing N N 296 
MLE N   CA   sing N N 297 
MLE N   H    sing N N 298 
MLE CN  HN1  sing N N 299 
MLE CN  HN2  sing N N 300 
MLE CN  HN3  sing N N 301 
MLE CA  CB   sing N N 302 
MLE CA  C    sing N N 303 
MLE CA  HA   sing N N 304 
MLE CB  CG   sing N N 305 
MLE CB  HB2  sing N N 306 
MLE CB  HB3  sing N N 307 
MLE CG  CD1  sing N N 308 
MLE CG  CD2  sing N N 309 
MLE CG  HG   sing N N 310 
MLE CD1 HD11 sing N N 311 
MLE CD1 HD12 sing N N 312 
MLE CD1 HD13 sing N N 313 
MLE CD2 HD21 sing N N 314 
MLE CD2 HD22 sing N N 315 
MLE CD2 HD23 sing N N 316 
MLE C   O    doub N N 317 
MLE C   OXT  sing N N 318 
MLE OXT HXT  sing N N 319 
MVA N   CN   sing N N 320 
MVA N   CA   sing N N 321 
MVA N   H    sing N N 322 
MVA CN  HN1  sing N N 323 
MVA CN  HN2  sing N N 324 
MVA CN  HN3  sing N N 325 
MVA CA  CB   sing N N 326 
MVA CA  C    sing N N 327 
MVA CA  HA   sing N N 328 
MVA CB  CG1  sing N N 329 
MVA CB  CG2  sing N N 330 
MVA CB  HB   sing N N 331 
MVA CG1 HG11 sing N N 332 
MVA CG1 HG12 sing N N 333 
MVA CG1 HG13 sing N N 334 
MVA CG2 HG21 sing N N 335 
MVA CG2 HG22 sing N N 336 
MVA CG2 HG23 sing N N 337 
MVA C   O    doub N N 338 
MVA C   OXT  sing N N 339 
MVA OXT HXT  sing N N 340 
PHE N   CA   sing N N 341 
PHE N   H    sing N N 342 
PHE N   H2   sing N N 343 
PHE CA  C    sing N N 344 
PHE CA  CB   sing N N 345 
PHE CA  HA   sing N N 346 
PHE C   O    doub N N 347 
PHE C   OXT  sing N N 348 
PHE CB  CG   sing N N 349 
PHE CB  HB2  sing N N 350 
PHE CB  HB3  sing N N 351 
PHE CG  CD1  doub Y N 352 
PHE CG  CD2  sing Y N 353 
PHE CD1 CE1  sing Y N 354 
PHE CD1 HD1  sing N N 355 
PHE CD2 CE2  doub Y N 356 
PHE CD2 HD2  sing N N 357 
PHE CE1 CZ   doub Y N 358 
PHE CE1 HE1  sing N N 359 
PHE CE2 CZ   sing Y N 360 
PHE CE2 HE2  sing N N 361 
PHE CZ  HZ   sing N N 362 
PHE OXT HXT  sing N N 363 
PRO N   CA   sing N N 364 
PRO N   CD   sing N N 365 
PRO N   H    sing N N 366 
PRO CA  C    sing N N 367 
PRO CA  CB   sing N N 368 
PRO CA  HA   sing N N 369 
PRO C   O    doub N N 370 
PRO C   OXT  sing N N 371 
PRO CB  CG   sing N N 372 
PRO CB  HB2  sing N N 373 
PRO CB  HB3  sing N N 374 
PRO CG  CD   sing N N 375 
PRO CG  HG2  sing N N 376 
PRO CG  HG3  sing N N 377 
PRO CD  HD2  sing N N 378 
PRO CD  HD3  sing N N 379 
PRO OXT HXT  sing N N 380 
SAR N   CA   sing N N 381 
SAR N   CN   sing N N 382 
SAR N   H    sing N N 383 
SAR CA  C    sing N N 384 
SAR CA  HA2  sing N N 385 
SAR CA  HA3  sing N N 386 
SAR C   O    doub N N 387 
SAR C   OXT  sing N N 388 
SAR CN  HN1  sing N N 389 
SAR CN  HN2  sing N N 390 
SAR CN  HN3  sing N N 391 
SAR OXT HXT  sing N N 392 
SER N   CA   sing N N 393 
SER N   H    sing N N 394 
SER N   H2   sing N N 395 
SER CA  C    sing N N 396 
SER CA  CB   sing N N 397 
SER CA  HA   sing N N 398 
SER C   O    doub N N 399 
SER C   OXT  sing N N 400 
SER CB  OG   sing N N 401 
SER CB  HB2  sing N N 402 
SER CB  HB3  sing N N 403 
SER OG  HG   sing N N 404 
SER OXT HXT  sing N N 405 
THR N   CA   sing N N 406 
THR N   H    sing N N 407 
THR N   H2   sing N N 408 
THR CA  C    sing N N 409 
THR CA  CB   sing N N 410 
THR CA  HA   sing N N 411 
THR C   O    doub N N 412 
THR C   OXT  sing N N 413 
THR CB  OG1  sing N N 414 
THR CB  CG2  sing N N 415 
THR CB  HB   sing N N 416 
THR OG1 HG1  sing N N 417 
THR CG2 HG21 sing N N 418 
THR CG2 HG22 sing N N 419 
THR CG2 HG23 sing N N 420 
THR OXT HXT  sing N N 421 
TRP N   CA   sing N N 422 
TRP N   H    sing N N 423 
TRP N   H2   sing N N 424 
TRP CA  C    sing N N 425 
TRP CA  CB   sing N N 426 
TRP CA  HA   sing N N 427 
TRP C   O    doub N N 428 
TRP C   OXT  sing N N 429 
TRP CB  CG   sing N N 430 
TRP CB  HB2  sing N N 431 
TRP CB  HB3  sing N N 432 
TRP CG  CD1  doub Y N 433 
TRP CG  CD2  sing Y N 434 
TRP CD1 NE1  sing Y N 435 
TRP CD1 HD1  sing N N 436 
TRP CD2 CE2  doub Y N 437 
TRP CD2 CE3  sing Y N 438 
TRP NE1 CE2  sing Y N 439 
TRP NE1 HE1  sing N N 440 
TRP CE2 CZ2  sing Y N 441 
TRP CE3 CZ3  doub Y N 442 
TRP CE3 HE3  sing N N 443 
TRP CZ2 CH2  doub Y N 444 
TRP CZ2 HZ2  sing N N 445 
TRP CZ3 CH2  sing Y N 446 
TRP CZ3 HZ3  sing N N 447 
TRP CH2 HH2  sing N N 448 
TRP OXT HXT  sing N N 449 
TYR N   CA   sing N N 450 
TYR N   H    sing N N 451 
TYR N   H2   sing N N 452 
TYR CA  C    sing N N 453 
TYR CA  CB   sing N N 454 
TYR CA  HA   sing N N 455 
TYR C   O    doub N N 456 
TYR C   OXT  sing N N 457 
TYR CB  CG   sing N N 458 
TYR CB  HB2  sing N N 459 
TYR CB  HB3  sing N N 460 
TYR CG  CD1  doub Y N 461 
TYR CG  CD2  sing Y N 462 
TYR CD1 CE1  sing Y N 463 
TYR CD1 HD1  sing N N 464 
TYR CD2 CE2  doub Y N 465 
TYR CD2 HD2  sing N N 466 
TYR CE1 CZ   doub Y N 467 
TYR CE1 HE1  sing N N 468 
TYR CE2 CZ   sing Y N 469 
TYR CE2 HE2  sing N N 470 
TYR CZ  OH   sing N N 471 
TYR OH  HH   sing N N 472 
TYR OXT HXT  sing N N 473 
VAL N   CA   sing N N 474 
VAL N   H    sing N N 475 
VAL N   H2   sing N N 476 
VAL CA  C    sing N N 477 
VAL CA  CB   sing N N 478 
VAL CA  HA   sing N N 479 
VAL C   O    doub N N 480 
VAL C   OXT  sing N N 481 
VAL CB  CG1  sing N N 482 
VAL CB  CG2  sing N N 483 
VAL CB  HB   sing N N 484 
VAL CG1 HG11 sing N N 485 
VAL CG1 HG12 sing N N 486 
VAL CG1 HG13 sing N N 487 
VAL CG2 HG21 sing N N 488 
VAL CG2 HG22 sing N N 489 
VAL CG2 HG23 sing N N 490 
VAL OXT HXT  sing N N 491 
# 
_pdbx_entity_nonpoly.entity_id   3 
_pdbx_entity_nonpoly.name        water 
_pdbx_entity_nonpoly.comp_id     HOH 
# 
_pdbx_initial_refinement_model.id               1 
_pdbx_initial_refinement_model.entity_id_list   ? 
_pdbx_initial_refinement_model.type             'experimental model' 
_pdbx_initial_refinement_model.source_name      PDB 
_pdbx_initial_refinement_model.accession_code   4E1Q 
_pdbx_initial_refinement_model.details          ? 
# 
